data_1YJJ
#
_entry.id   1YJJ
#
loop_
_entity.id
_entity.type
_entity.pdbx_description
1 polymer Putidaredoxin
2 non-polymer 'FE2/S2 (INORGANIC) CLUSTER'
#
_entity_poly.entity_id   1
_entity_poly.type   'polypeptide(L)'
_entity_poly.pdbx_seq_one_letter_code
;SKVVYVSHDGTRRELDVADGVSLMQAAVSNGIYDIVGDCGGSASCATCHVYVNEAFTDKVPAANEREIGMLECVTAELKP
NSRLCCQIIMTPELDGIVVDVPDRQW
;
_entity_poly.pdbx_strand_id   A
#
loop_
_chem_comp.id
_chem_comp.type
_chem_comp.name
_chem_comp.formula
FES non-polymer 'FE2/S2 (INORGANIC) CLUSTER' 'Fe2 S2'
#
# COMPACT_ATOMS: atom_id res chain seq x y z
N SER A 1 5.01 -14.05 -0.26
CA SER A 1 4.98 -13.29 -1.53
C SER A 1 6.13 -12.30 -1.57
N LYS A 2 6.69 -12.07 -2.73
CA LYS A 2 7.81 -11.09 -2.81
C LYS A 2 7.18 -9.71 -2.90
N VAL A 3 7.45 -8.86 -1.97
CA VAL A 3 6.84 -7.50 -2.00
C VAL A 3 7.94 -6.45 -2.07
N VAL A 4 7.88 -5.59 -3.04
CA VAL A 4 8.93 -4.52 -3.15
C VAL A 4 8.32 -3.16 -2.85
N TYR A 5 8.94 -2.43 -1.99
CA TYR A 5 8.49 -1.07 -1.63
C TYR A 5 9.46 -0.07 -2.25
N VAL A 6 8.99 0.79 -3.10
CA VAL A 6 9.91 1.82 -3.72
C VAL A 6 9.68 3.13 -2.98
N SER A 7 10.63 3.52 -2.20
CA SER A 7 10.47 4.77 -1.41
C SER A 7 10.57 5.99 -2.31
N HIS A 8 10.52 7.14 -1.72
CA HIS A 8 10.59 8.40 -2.50
C HIS A 8 12.07 8.69 -2.84
N ASP A 9 12.94 8.54 -1.90
CA ASP A 9 14.38 8.82 -2.18
C ASP A 9 14.91 7.79 -3.19
N GLY A 10 14.11 6.82 -3.56
CA GLY A 10 14.57 5.79 -4.55
C GLY A 10 15.02 4.51 -3.83
N THR A 11 15.19 4.56 -2.54
CA THR A 11 15.65 3.34 -1.81
C THR A 11 14.54 2.27 -1.89
N ARG A 12 14.91 1.09 -2.32
CA ARG A 12 13.91 -0.01 -2.45
C ARG A 12 14.06 -1.01 -1.29
N ARG A 13 12.96 -1.44 -0.72
CA ARG A 13 12.99 -2.41 0.41
C ARG A 13 12.06 -3.56 0.05
N GLU A 14 12.56 -4.75 0.00
CA GLU A 14 11.71 -5.92 -0.36
C GLU A 14 11.42 -6.78 0.87
N LEU A 15 10.17 -7.13 1.12
CA LEU A 15 9.82 -8.00 2.29
C LEU A 15 9.04 -9.23 1.82
N ASP A 16 8.84 -10.13 2.71
CA ASP A 16 8.03 -11.33 2.43
C ASP A 16 6.73 -11.13 3.20
N VAL A 17 5.61 -11.06 2.52
CA VAL A 17 4.28 -10.89 3.22
C VAL A 17 3.49 -12.19 3.00
N ALA A 18 3.12 -12.84 4.07
CA ALA A 18 2.39 -14.13 3.95
C ALA A 18 0.95 -13.93 3.45
N ASP A 19 0.33 -14.99 3.09
CA ASP A 19 -1.07 -14.93 2.59
C ASP A 19 -1.99 -14.42 3.68
N GLY A 20 -2.89 -13.58 3.29
CA GLY A 20 -3.86 -13.03 4.26
C GLY A 20 -3.27 -11.83 5.02
N VAL A 21 -2.02 -11.49 4.79
CA VAL A 21 -1.43 -10.34 5.54
C VAL A 21 -1.56 -9.07 4.71
N SER A 22 -1.73 -7.94 5.34
CA SER A 22 -1.85 -6.67 4.57
C SER A 22 -0.47 -6.05 4.41
N LEU A 23 -0.20 -5.44 3.28
CA LEU A 23 1.13 -4.80 3.07
C LEU A 23 1.42 -3.89 4.27
N MET A 24 0.39 -3.48 4.94
CA MET A 24 0.57 -2.60 6.12
C MET A 24 1.13 -3.44 7.27
N GLN A 25 0.63 -4.62 7.45
CA GLN A 25 1.13 -5.49 8.56
C GLN A 25 2.64 -5.74 8.37
N ALA A 26 3.04 -6.24 7.23
CA ALA A 26 4.50 -6.51 7.03
C ALA A 26 5.32 -5.22 7.07
N ALA A 27 4.73 -4.11 6.71
CA ALA A 27 5.52 -2.83 6.75
C ALA A 27 5.90 -2.49 8.19
N VAL A 28 4.95 -2.50 9.10
CA VAL A 28 5.26 -2.16 10.51
C VAL A 28 6.36 -3.09 11.05
N SER A 29 6.56 -4.20 10.40
CA SER A 29 7.59 -5.18 10.86
C SER A 29 8.95 -4.90 10.22
N ASN A 30 8.96 -4.27 9.09
CA ASN A 30 10.25 -3.96 8.42
C ASN A 30 10.54 -2.47 8.54
N GLY A 31 9.85 -1.78 9.41
CA GLY A 31 10.18 -0.33 9.60
C GLY A 31 9.75 0.50 8.39
N ILE A 32 8.68 0.14 7.73
CA ILE A 32 8.25 0.91 6.51
C ILE A 32 6.97 1.70 6.81
N TYR A 33 6.15 1.21 7.68
CA TYR A 33 4.87 1.91 7.93
C TYR A 33 5.04 3.26 8.67
N ASP A 34 6.24 3.74 8.92
CA ASP A 34 6.41 5.04 9.67
C ASP A 34 5.61 6.19 9.00
N ILE A 35 4.43 5.89 8.56
CA ILE A 35 3.54 6.90 7.91
C ILE A 35 2.52 7.40 8.94
N VAL A 36 2.70 7.06 10.18
CA VAL A 36 1.76 7.51 11.24
C VAL A 36 0.33 7.10 10.84
N GLY A 37 0.09 5.82 10.74
CA GLY A 37 -1.28 5.36 10.36
C GLY A 37 -2.31 6.06 11.25
N ASP A 38 -3.11 6.93 10.69
CA ASP A 38 -4.13 7.64 11.50
C ASP A 38 -5.19 6.65 11.97
N CYS A 39 -5.94 6.08 11.07
CA CYS A 39 -6.99 5.11 11.49
C CYS A 39 -6.34 3.89 12.14
N GLY A 40 -5.04 3.85 12.18
CA GLY A 40 -4.33 2.70 12.82
C GLY A 40 -4.47 1.45 11.94
N GLY A 41 -4.88 1.60 10.72
CA GLY A 41 -5.05 0.42 9.82
C GLY A 41 -6.49 -0.06 9.84
N SER A 42 -7.41 0.78 10.24
CA SER A 42 -8.84 0.38 10.27
C SER A 42 -9.52 0.90 9.01
N ALA A 43 -8.72 1.26 8.04
CA ALA A 43 -9.29 1.79 6.76
C ALA A 43 -10.26 2.94 7.07
N SER A 44 -9.77 4.03 7.60
CA SER A 44 -10.64 5.18 7.92
C SER A 44 -9.86 6.49 7.71
N CYS A 45 -8.78 6.43 6.98
CA CYS A 45 -7.95 7.65 6.73
C CYS A 45 -7.32 7.55 5.34
N ALA A 46 -6.40 8.44 5.04
CA ALA A 46 -5.73 8.41 3.69
C ALA A 46 -4.22 8.55 3.90
N THR A 47 -3.75 8.21 5.07
CA THR A 47 -2.29 8.32 5.37
C THR A 47 -1.54 7.18 4.66
N CYS A 48 -2.21 6.12 4.34
CA CYS A 48 -1.55 4.97 3.65
C CYS A 48 -1.58 5.18 2.14
N HIS A 49 -1.43 6.41 1.70
CA HIS A 49 -1.44 6.72 0.23
C HIS A 49 -0.19 6.13 -0.44
N VAL A 50 -0.33 5.10 -1.25
CA VAL A 50 0.85 4.51 -1.96
C VAL A 50 0.44 4.20 -3.39
N TYR A 51 1.39 3.82 -4.22
CA TYR A 51 1.06 3.51 -5.64
C TYR A 51 1.44 2.05 -5.93
N VAL A 52 0.43 1.26 -6.18
CA VAL A 52 0.66 -0.18 -6.50
C VAL A 52 0.83 -0.34 -8.01
N ASN A 53 1.87 -1.01 -8.44
CA ASN A 53 2.05 -1.20 -9.90
C ASN A 53 0.74 -1.70 -10.51
N GLU A 54 0.21 -0.98 -11.45
CA GLU A 54 -1.10 -1.36 -12.08
C GLU A 54 -1.13 -2.85 -12.46
N ALA A 55 -0.08 -3.58 -12.26
CA ALA A 55 -0.08 -5.03 -12.64
C ALA A 55 -0.63 -5.90 -11.50
N PHE A 56 -0.75 -5.39 -10.29
CA PHE A 56 -1.27 -6.23 -9.16
C PHE A 56 -2.57 -5.58 -8.65
N THR A 57 -2.89 -4.43 -9.16
CA THR A 57 -4.15 -3.73 -8.74
C THR A 57 -5.38 -4.48 -9.25
N ASP A 58 -5.32 -4.97 -10.46
CA ASP A 58 -6.50 -5.69 -11.02
C ASP A 58 -6.40 -7.17 -10.68
N LYS A 59 -5.54 -7.50 -9.76
CA LYS A 59 -5.34 -8.92 -9.36
C LYS A 59 -5.61 -9.03 -7.87
N VAL A 60 -5.08 -8.13 -7.10
CA VAL A 60 -5.33 -8.16 -5.63
C VAL A 60 -6.80 -7.69 -5.42
N PRO A 61 -7.45 -8.16 -4.39
CA PRO A 61 -8.89 -7.84 -4.13
C PRO A 61 -9.25 -6.36 -4.37
N ALA A 62 -10.03 -6.12 -5.42
CA ALA A 62 -10.45 -4.75 -5.78
C ALA A 62 -10.70 -3.91 -4.53
N ALA A 63 -10.09 -2.78 -4.51
CA ALA A 63 -10.23 -1.85 -3.36
C ALA A 63 -11.71 -1.65 -3.02
N ASN A 64 -12.02 -1.50 -1.76
CA ASN A 64 -13.45 -1.33 -1.35
C ASN A 64 -13.86 0.14 -1.46
N GLU A 65 -15.12 0.37 -1.58
CA GLU A 65 -15.63 1.76 -1.73
C GLU A 65 -15.15 2.65 -0.57
N ARG A 66 -14.64 2.09 0.50
CA ARG A 66 -14.16 2.94 1.60
C ARG A 66 -12.82 3.57 1.18
N GLU A 67 -12.05 2.84 0.42
CA GLU A 67 -10.74 3.35 -0.05
C GLU A 67 -10.95 4.44 -1.11
N ILE A 68 -11.86 4.24 -2.01
CA ILE A 68 -12.10 5.25 -3.08
C ILE A 68 -12.39 6.62 -2.43
N GLY A 69 -13.18 6.63 -1.38
CA GLY A 69 -13.48 7.94 -0.73
C GLY A 69 -12.27 8.44 0.06
N MET A 70 -11.46 7.56 0.57
CA MET A 70 -10.25 8.00 1.32
C MET A 70 -9.18 8.36 0.30
N LEU A 71 -9.27 7.78 -0.87
CA LEU A 71 -8.28 8.08 -1.93
C LEU A 71 -8.51 9.52 -2.40
N GLU A 72 -9.69 10.02 -2.30
CA GLU A 72 -9.94 11.43 -2.73
C GLU A 72 -9.50 12.36 -1.61
N CYS A 73 -9.16 11.80 -0.48
CA CYS A 73 -8.75 12.62 0.70
C CYS A 73 -7.21 12.58 0.87
N VAL A 74 -6.49 12.06 -0.09
CA VAL A 74 -5.00 12.00 0.06
C VAL A 74 -4.37 13.39 -0.13
N THR A 75 -3.17 13.57 0.33
CA THR A 75 -2.50 14.89 0.18
C THR A 75 -1.69 14.97 -1.13
N ALA A 76 -1.32 13.85 -1.72
CA ALA A 76 -0.52 13.90 -2.99
C ALA A 76 -1.42 13.68 -4.21
N GLU A 77 -0.85 13.62 -5.38
CA GLU A 77 -1.65 13.43 -6.63
C GLU A 77 -2.14 11.99 -6.77
N LEU A 78 -3.40 11.80 -7.00
CA LEU A 78 -3.91 10.41 -7.17
C LEU A 78 -3.59 9.91 -8.58
N LYS A 79 -3.61 8.62 -8.72
CA LYS A 79 -3.28 7.97 -10.01
C LYS A 79 -4.47 7.08 -10.41
N PRO A 80 -4.60 6.75 -11.66
CA PRO A 80 -5.69 5.87 -12.11
C PRO A 80 -5.66 4.55 -11.33
N ASN A 81 -4.47 4.04 -11.07
CA ASN A 81 -4.33 2.77 -10.30
C ASN A 81 -3.73 3.05 -8.91
N SER A 82 -4.00 4.19 -8.34
CA SER A 82 -3.46 4.50 -6.98
C SER A 82 -4.17 3.61 -5.96
N ARG A 83 -3.48 3.20 -4.93
CA ARG A 83 -4.11 2.31 -3.91
C ARG A 83 -3.61 2.65 -2.51
N LEU A 84 -4.15 2.00 -1.53
CA LEU A 84 -3.71 2.22 -0.12
C LEU A 84 -3.04 0.93 0.37
N CYS A 85 -2.48 0.93 1.56
CA CYS A 85 -1.75 -0.29 2.05
C CYS A 85 -2.54 -1.04 3.15
N CYS A 86 -3.51 -0.42 3.76
CA CYS A 86 -4.26 -1.14 4.86
C CYS A 86 -5.53 -1.82 4.34
N GLN A 87 -5.71 -1.90 3.05
CA GLN A 87 -6.94 -2.57 2.49
C GLN A 87 -6.53 -3.60 1.42
N ILE A 88 -5.26 -3.90 1.33
CA ILE A 88 -4.77 -4.89 0.30
C ILE A 88 -4.17 -6.15 0.96
N ILE A 89 -4.63 -7.31 0.53
CA ILE A 89 -4.14 -8.62 1.09
C ILE A 89 -3.12 -9.26 0.15
N MET A 90 -1.92 -9.48 0.60
CA MET A 90 -0.88 -10.09 -0.28
C MET A 90 -1.10 -11.60 -0.38
N THR A 91 -0.59 -12.18 -1.43
CA THR A 91 -0.72 -13.66 -1.63
C THR A 91 0.50 -14.16 -2.41
N PRO A 92 0.93 -15.37 -2.18
CA PRO A 92 2.11 -15.93 -2.88
C PRO A 92 1.95 -15.88 -4.41
N GLU A 93 0.79 -16.22 -4.91
CA GLU A 93 0.60 -16.19 -6.38
C GLU A 93 0.96 -14.78 -6.92
N LEU A 94 0.63 -13.75 -6.19
CA LEU A 94 0.91 -12.37 -6.68
C LEU A 94 2.32 -11.94 -6.27
N ASP A 95 3.18 -12.87 -5.98
CA ASP A 95 4.57 -12.52 -5.58
C ASP A 95 5.24 -11.67 -6.67
N GLY A 96 5.95 -10.64 -6.27
CA GLY A 96 6.67 -9.75 -7.25
C GLY A 96 6.01 -8.38 -7.27
N ILE A 97 5.00 -8.22 -6.48
CA ILE A 97 4.21 -6.95 -6.44
C ILE A 97 5.11 -5.74 -6.15
N VAL A 98 5.02 -4.71 -6.96
CA VAL A 98 5.87 -3.49 -6.73
C VAL A 98 5.00 -2.35 -6.15
N VAL A 99 5.30 -1.91 -4.96
CA VAL A 99 4.52 -0.81 -4.32
C VAL A 99 5.34 0.48 -4.37
N ASP A 100 4.77 1.52 -4.86
CA ASP A 100 5.50 2.82 -4.95
C ASP A 100 4.98 3.78 -3.88
N VAL A 101 5.86 4.23 -3.01
CA VAL A 101 5.48 5.17 -1.91
C VAL A 101 6.03 6.57 -2.24
N PRO A 102 5.23 7.62 -2.15
CA PRO A 102 5.67 9.01 -2.47
C PRO A 102 6.36 9.72 -1.30
N ASP A 103 6.62 10.99 -1.49
CA ASP A 103 7.23 11.83 -0.42
C ASP A 103 6.09 12.49 0.35
N ARG A 104 4.93 12.50 -0.24
CA ARG A 104 3.72 13.12 0.39
C ARG A 104 2.69 12.01 0.55
N GLN A 105 2.48 11.53 1.75
CA GLN A 105 1.47 10.43 1.97
C GLN A 105 0.38 10.96 2.90
N TRP A 106 0.66 12.03 3.59
CA TRP A 106 -0.33 12.61 4.55
C TRP A 106 -1.70 12.69 3.86
FE1 FES B . -5.86 4.60 7.57
FE2 FES B . -5.21 3.06 5.44
S1 FES B . -7.00 4.31 5.71
S2 FES B . -4.02 3.43 7.26
N SER A 1 4.74 -14.25 -0.10
CA SER A 1 4.70 -13.45 -1.36
C SER A 1 5.84 -12.43 -1.34
N LYS A 2 6.43 -12.15 -2.46
CA LYS A 2 7.54 -11.16 -2.49
C LYS A 2 6.92 -9.77 -2.58
N VAL A 3 7.20 -8.91 -1.66
CA VAL A 3 6.61 -7.54 -1.68
C VAL A 3 7.73 -6.53 -1.78
N VAL A 4 7.71 -5.69 -2.77
CA VAL A 4 8.79 -4.65 -2.91
C VAL A 4 8.20 -3.26 -2.66
N TYR A 5 8.88 -2.49 -1.87
CA TYR A 5 8.48 -1.11 -1.57
C TYR A 5 9.48 -0.16 -2.24
N VAL A 6 9.04 0.65 -3.18
CA VAL A 6 9.97 1.61 -3.82
C VAL A 6 9.73 2.95 -3.14
N SER A 7 10.69 3.43 -2.43
CA SER A 7 10.52 4.69 -1.67
C SER A 7 10.57 5.90 -2.57
N HIS A 8 10.41 7.04 -1.98
CA HIS A 8 10.45 8.31 -2.74
C HIS A 8 11.92 8.64 -3.01
N ASP A 9 12.75 8.49 -2.03
CA ASP A 9 14.19 8.78 -2.21
C ASP A 9 14.78 7.77 -3.22
N GLY A 10 14.02 6.79 -3.63
CA GLY A 10 14.53 5.78 -4.61
C GLY A 10 15.00 4.50 -3.88
N THR A 11 15.18 4.55 -2.59
CA THR A 11 15.63 3.34 -1.87
C THR A 11 14.53 2.28 -1.91
N ARG A 12 14.90 1.08 -2.29
CA ARG A 12 13.91 -0.03 -2.38
C ARG A 12 14.05 -0.98 -1.19
N ARG A 13 12.94 -1.39 -0.60
CA ARG A 13 12.98 -2.34 0.55
C ARG A 13 11.95 -3.42 0.25
N GLU A 14 12.34 -4.67 0.33
CA GLU A 14 11.38 -5.79 0.02
C GLU A 14 11.14 -6.66 1.26
N LEU A 15 9.91 -7.07 1.50
CA LEU A 15 9.59 -7.95 2.68
C LEU A 15 8.83 -9.20 2.21
N ASP A 16 8.64 -10.09 3.14
CA ASP A 16 7.83 -11.29 2.88
C ASP A 16 6.52 -11.07 3.65
N VAL A 17 5.42 -10.94 2.98
CA VAL A 17 4.10 -10.75 3.67
C VAL A 17 3.25 -12.01 3.45
N ALA A 18 2.80 -12.62 4.50
CA ALA A 18 2.02 -13.89 4.35
C ALA A 18 0.66 -13.65 3.69
N ASP A 19 0.10 -14.70 3.13
CA ASP A 19 -1.21 -14.59 2.46
C ASP A 19 -2.24 -14.05 3.43
N GLY A 20 -3.09 -13.20 2.94
CA GLY A 20 -4.16 -12.62 3.78
C GLY A 20 -3.62 -11.49 4.66
N VAL A 21 -2.37 -11.15 4.57
CA VAL A 21 -1.83 -10.05 5.43
C VAL A 21 -1.92 -8.73 4.67
N SER A 22 -2.02 -7.63 5.36
CA SER A 22 -2.09 -6.32 4.66
C SER A 22 -0.67 -5.77 4.45
N LEU A 23 -0.38 -5.25 3.29
CA LEU A 23 0.98 -4.70 3.06
C LEU A 23 1.34 -3.77 4.21
N MET A 24 0.37 -3.10 4.75
CA MET A 24 0.62 -2.17 5.88
C MET A 24 1.05 -2.99 7.11
N GLN A 25 0.46 -4.14 7.31
CA GLN A 25 0.84 -4.97 8.49
C GLN A 25 2.34 -5.27 8.42
N ALA A 26 2.80 -5.88 7.35
CA ALA A 26 4.28 -6.17 7.26
C ALA A 26 5.09 -4.88 7.19
N ALA A 27 4.51 -3.81 6.70
CA ALA A 27 5.26 -2.53 6.61
C ALA A 27 5.63 -2.04 8.02
N VAL A 28 4.64 -1.74 8.82
CA VAL A 28 4.90 -1.24 10.20
C VAL A 28 5.82 -2.21 10.94
N SER A 29 5.92 -3.43 10.47
CA SER A 29 6.79 -4.43 11.14
C SER A 29 8.20 -4.34 10.60
N ASN A 30 8.35 -3.72 9.46
CA ASN A 30 9.70 -3.55 8.85
C ASN A 30 10.06 -2.07 8.88
N GLY A 31 9.32 -1.28 9.62
CA GLY A 31 9.69 0.16 9.77
C GLY A 31 9.51 0.92 8.45
N ILE A 32 8.42 0.75 7.75
CA ILE A 32 8.26 1.45 6.43
C ILE A 32 7.12 2.48 6.40
N TYR A 33 5.90 2.05 6.56
CA TYR A 33 4.75 3.02 6.58
C TYR A 33 4.48 3.52 7.99
N ASP A 34 5.32 3.21 8.93
CA ASP A 34 5.04 3.67 10.32
C ASP A 34 4.96 5.19 10.33
N ILE A 35 6.01 5.83 10.73
CA ILE A 35 6.07 7.32 10.80
C ILE A 35 4.66 7.88 11.13
N VAL A 36 4.32 7.95 12.39
CA VAL A 36 2.98 8.45 12.78
C VAL A 36 1.90 7.67 12.02
N GLY A 37 1.31 6.68 12.65
CA GLY A 37 0.25 5.88 11.98
C GLY A 37 -1.13 6.49 12.26
N ASP A 38 -1.86 6.84 11.23
CA ASP A 38 -3.20 7.45 11.45
C ASP A 38 -4.18 6.43 12.04
N CYS A 39 -4.64 5.47 11.26
CA CYS A 39 -5.61 4.45 11.80
C CYS A 39 -4.91 3.12 12.05
N GLY A 40 -3.63 3.05 11.83
CA GLY A 40 -2.91 1.76 12.07
C GLY A 40 -3.27 0.74 10.99
N GLY A 41 -4.18 1.09 10.11
CA GLY A 41 -4.59 0.15 9.02
C GLY A 41 -5.98 -0.42 9.29
N SER A 42 -6.83 0.33 9.94
CA SER A 42 -8.22 -0.17 10.21
C SER A 42 -9.16 0.42 9.16
N ALA A 43 -8.63 0.84 8.04
CA ALA A 43 -9.48 1.43 6.96
C ALA A 43 -10.25 2.62 7.54
N SER A 44 -9.57 3.64 7.96
CA SER A 44 -10.28 4.83 8.52
C SER A 44 -9.48 6.11 8.19
N CYS A 45 -8.42 5.99 7.44
CA CYS A 45 -7.60 7.20 7.08
C CYS A 45 -7.11 7.09 5.64
N ALA A 46 -6.21 7.94 5.26
CA ALA A 46 -5.65 7.91 3.87
C ALA A 46 -4.13 8.05 3.95
N THR A 47 -3.58 7.95 5.14
CA THR A 47 -2.11 8.07 5.29
C THR A 47 -1.42 6.95 4.51
N CYS A 48 -2.12 5.88 4.27
CA CYS A 48 -1.52 4.74 3.52
C CYS A 48 -1.61 5.00 2.01
N HIS A 49 -1.42 6.23 1.59
CA HIS A 49 -1.48 6.57 0.14
C HIS A 49 -0.24 6.00 -0.57
N VAL A 50 -0.40 5.02 -1.46
CA VAL A 50 0.79 4.47 -2.18
C VAL A 50 0.41 4.19 -3.63
N TYR A 51 1.36 3.80 -4.43
CA TYR A 51 1.08 3.50 -5.86
C TYR A 51 1.49 2.05 -6.14
N VAL A 52 0.52 1.22 -6.36
CA VAL A 52 0.79 -0.22 -6.67
C VAL A 52 0.97 -0.38 -8.17
N ASN A 53 1.99 -1.08 -8.57
CA ASN A 53 2.18 -1.26 -10.04
C ASN A 53 0.87 -1.81 -10.63
N GLU A 54 0.31 -1.12 -11.58
CA GLU A 54 -0.99 -1.54 -12.20
C GLU A 54 -0.97 -3.02 -12.58
N ALA A 55 0.11 -3.72 -12.35
CA ALA A 55 0.15 -5.18 -12.72
C ALA A 55 -0.40 -6.06 -11.60
N PHE A 56 -0.53 -5.56 -10.39
CA PHE A 56 -1.05 -6.40 -9.26
C PHE A 56 -2.37 -5.79 -8.78
N THR A 57 -2.70 -4.64 -9.29
CA THR A 57 -3.96 -3.94 -8.90
C THR A 57 -5.18 -4.67 -9.46
N ASP A 58 -5.10 -5.15 -10.68
CA ASP A 58 -6.27 -5.86 -11.27
C ASP A 58 -6.29 -7.31 -10.81
N LYS A 59 -5.28 -7.71 -10.09
CA LYS A 59 -5.21 -9.12 -9.60
C LYS A 59 -5.58 -9.16 -8.12
N VAL A 60 -5.12 -8.22 -7.33
CA VAL A 60 -5.48 -8.21 -5.88
C VAL A 60 -6.95 -7.78 -5.80
N PRO A 61 -7.64 -8.07 -4.71
CA PRO A 61 -9.10 -7.76 -4.58
C PRO A 61 -9.45 -6.27 -4.78
N ALA A 62 -10.20 -6.00 -5.82
CA ALA A 62 -10.62 -4.61 -6.15
C ALA A 62 -10.92 -3.83 -4.89
N ALA A 63 -10.36 -2.68 -4.83
CA ALA A 63 -10.56 -1.79 -3.65
C ALA A 63 -12.05 -1.52 -3.45
N ASN A 64 -12.49 -1.48 -2.22
CA ASN A 64 -13.95 -1.25 -1.95
C ASN A 64 -14.27 0.25 -1.97
N GLU A 65 -15.53 0.53 -2.09
CA GLU A 65 -15.99 1.96 -2.14
C GLU A 65 -15.48 2.74 -0.94
N ARG A 66 -15.03 2.09 0.09
CA ARG A 66 -14.54 2.84 1.27
C ARG A 66 -13.19 3.49 0.96
N GLU A 67 -12.34 2.81 0.24
CA GLU A 67 -11.00 3.37 -0.09
C GLU A 67 -11.11 4.44 -1.18
N ILE A 68 -11.92 4.19 -2.18
CA ILE A 68 -12.08 5.20 -3.27
C ILE A 68 -12.40 6.56 -2.63
N GLY A 69 -13.12 6.56 -1.54
CA GLY A 69 -13.49 7.84 -0.87
C GLY A 69 -12.33 8.33 -0.02
N MET A 70 -11.55 7.45 0.53
CA MET A 70 -10.37 7.89 1.35
C MET A 70 -9.26 8.26 0.38
N LEU A 71 -9.18 7.54 -0.70
CA LEU A 71 -8.13 7.82 -1.73
C LEU A 71 -8.32 9.25 -2.24
N GLU A 72 -9.53 9.74 -2.26
CA GLU A 72 -9.76 11.13 -2.72
C GLU A 72 -9.42 12.09 -1.58
N CYS A 73 -9.19 11.54 -0.42
CA CYS A 73 -8.85 12.39 0.77
C CYS A 73 -7.34 12.37 1.04
N VAL A 74 -6.55 11.84 0.13
CA VAL A 74 -5.07 11.84 0.38
C VAL A 74 -4.50 13.23 0.08
N THR A 75 -3.26 13.45 0.44
CA THR A 75 -2.66 14.80 0.21
C THR A 75 -1.89 14.86 -1.12
N ALA A 76 -1.55 13.73 -1.71
CA ALA A 76 -0.78 13.77 -3.01
C ALA A 76 -1.73 13.54 -4.20
N GLU A 77 -1.18 13.49 -5.39
CA GLU A 77 -2.00 13.31 -6.64
C GLU A 77 -2.46 11.85 -6.81
N LEU A 78 -3.72 11.63 -7.07
CA LEU A 78 -4.20 10.22 -7.24
C LEU A 78 -3.92 9.71 -8.65
N LYS A 79 -3.69 8.44 -8.75
CA LYS A 79 -3.38 7.79 -10.04
C LYS A 79 -4.56 6.89 -10.42
N PRO A 80 -4.72 6.57 -11.68
CA PRO A 80 -5.82 5.67 -12.13
C PRO A 80 -5.74 4.35 -11.38
N ASN A 81 -4.55 3.89 -11.09
CA ASN A 81 -4.35 2.60 -10.35
C ASN A 81 -3.76 2.87 -8.95
N SER A 82 -4.04 4.01 -8.37
CA SER A 82 -3.53 4.30 -7.00
C SER A 82 -4.18 3.33 -6.02
N ARG A 83 -3.47 2.94 -5.01
CA ARG A 83 -4.03 1.96 -4.02
C ARG A 83 -3.53 2.29 -2.62
N LEU A 84 -4.11 1.63 -1.64
CA LEU A 84 -3.70 1.85 -0.23
C LEU A 84 -2.87 0.65 0.23
N CYS A 85 -2.34 0.71 1.43
CA CYS A 85 -1.49 -0.40 1.94
C CYS A 85 -2.20 -1.23 3.02
N CYS A 86 -3.29 -0.74 3.57
CA CYS A 86 -3.98 -1.51 4.67
C CYS A 86 -5.16 -2.32 4.14
N GLN A 87 -5.63 -2.05 2.95
CA GLN A 87 -6.80 -2.84 2.39
C GLN A 87 -6.30 -3.75 1.25
N ILE A 88 -5.00 -3.85 1.10
CA ILE A 88 -4.41 -4.72 0.04
C ILE A 88 -3.91 -6.03 0.69
N ILE A 89 -4.46 -7.16 0.29
CA ILE A 89 -4.06 -8.48 0.87
C ILE A 89 -3.02 -9.16 -0.04
N MET A 90 -1.86 -9.42 0.50
CA MET A 90 -0.81 -10.08 -0.32
C MET A 90 -1.14 -11.56 -0.52
N THR A 91 -0.63 -12.13 -1.58
CA THR A 91 -0.87 -13.57 -1.87
C THR A 91 0.30 -14.08 -2.70
N PRO A 92 0.67 -15.34 -2.58
CA PRO A 92 1.83 -15.90 -3.33
C PRO A 92 1.70 -15.69 -4.85
N GLU A 93 0.55 -15.95 -5.41
CA GLU A 93 0.40 -15.75 -6.89
C GLU A 93 0.73 -14.30 -7.23
N LEU A 94 0.44 -13.40 -6.33
CA LEU A 94 0.72 -11.95 -6.58
C LEU A 94 2.13 -11.61 -6.11
N ASP A 95 2.92 -12.60 -5.81
CA ASP A 95 4.31 -12.34 -5.34
C ASP A 95 5.08 -11.50 -6.39
N GLY A 96 5.85 -10.56 -5.92
CA GLY A 96 6.66 -9.69 -6.84
C GLY A 96 6.04 -8.30 -6.91
N ILE A 97 4.95 -8.11 -6.22
CA ILE A 97 4.23 -6.80 -6.30
C ILE A 97 5.15 -5.61 -6.03
N VAL A 98 5.09 -4.61 -6.88
CA VAL A 98 5.95 -3.40 -6.73
C VAL A 98 5.11 -2.24 -6.19
N VAL A 99 5.40 -1.77 -5.01
CA VAL A 99 4.62 -0.65 -4.41
C VAL A 99 5.43 0.64 -4.51
N ASP A 100 4.86 1.65 -5.07
CA ASP A 100 5.58 2.95 -5.22
C ASP A 100 5.06 3.91 -4.14
N VAL A 101 5.96 4.37 -3.28
CA VAL A 101 5.58 5.30 -2.18
C VAL A 101 6.05 6.73 -2.51
N PRO A 102 5.19 7.72 -2.42
CA PRO A 102 5.58 9.14 -2.70
C PRO A 102 6.24 9.86 -1.51
N ASP A 103 6.48 11.13 -1.67
CA ASP A 103 7.08 11.94 -0.58
C ASP A 103 5.93 12.55 0.24
N ARG A 104 4.74 12.50 -0.33
CA ARG A 104 3.54 13.06 0.35
C ARG A 104 2.55 11.90 0.52
N GLN A 105 2.33 11.42 1.72
CA GLN A 105 1.36 10.29 1.92
C GLN A 105 0.20 10.79 2.76
N TRP A 106 0.35 11.92 3.39
CA TRP A 106 -0.74 12.47 4.24
C TRP A 106 -2.02 12.59 3.42
FE1 FES B . -5.47 4.14 7.63
FE2 FES B . -5.06 2.72 5.38
S1 FES B . -6.88 3.80 5.97
S2 FES B . -3.70 2.98 7.07
N SER A 1 4.80 -13.90 0.04
CA SER A 1 4.94 -13.39 -1.35
C SER A 1 6.07 -12.36 -1.37
N LYS A 2 6.66 -12.10 -2.52
CA LYS A 2 7.75 -11.10 -2.58
C LYS A 2 7.10 -9.73 -2.64
N VAL A 3 7.35 -8.88 -1.70
CA VAL A 3 6.73 -7.55 -1.70
C VAL A 3 7.81 -6.49 -1.82
N VAL A 4 7.74 -5.65 -2.81
CA VAL A 4 8.77 -4.59 -3.00
C VAL A 4 8.12 -3.22 -2.79
N TYR A 5 8.79 -2.39 -2.05
CA TYR A 5 8.33 -1.00 -1.80
C TYR A 5 9.31 -0.06 -2.47
N VAL A 6 8.86 0.75 -3.38
CA VAL A 6 9.79 1.73 -4.03
C VAL A 6 9.56 3.08 -3.36
N SER A 7 10.55 3.57 -2.66
CA SER A 7 10.38 4.83 -1.92
C SER A 7 10.49 6.03 -2.85
N HIS A 8 10.41 7.19 -2.28
CA HIS A 8 10.50 8.44 -3.08
C HIS A 8 11.98 8.68 -3.37
N ASP A 9 12.82 8.53 -2.38
CA ASP A 9 14.27 8.75 -2.60
C ASP A 9 14.82 7.71 -3.57
N GLY A 10 14.03 6.72 -3.91
CA GLY A 10 14.51 5.66 -4.86
C GLY A 10 14.94 4.40 -4.10
N THR A 11 15.09 4.48 -2.80
CA THR A 11 15.53 3.29 -2.03
C THR A 11 14.38 2.28 -1.94
N ARG A 12 14.68 1.04 -2.17
CA ARG A 12 13.64 -0.03 -2.18
C ARG A 12 13.79 -1.00 -1.00
N ARG A 13 12.68 -1.40 -0.41
CA ARG A 13 12.70 -2.37 0.74
C ARG A 13 11.87 -3.58 0.33
N GLU A 14 12.46 -4.73 0.21
CA GLU A 14 11.68 -5.94 -0.19
C GLU A 14 11.36 -6.76 1.06
N LEU A 15 10.11 -7.05 1.32
CA LEU A 15 9.75 -7.88 2.53
C LEU A 15 9.05 -9.16 2.09
N ASP A 16 8.98 -10.09 2.99
CA ASP A 16 8.22 -11.34 2.72
C ASP A 16 6.93 -11.16 3.50
N VAL A 17 5.80 -11.07 2.83
CA VAL A 17 4.49 -10.89 3.57
C VAL A 17 3.65 -12.16 3.38
N ALA A 18 3.22 -12.73 4.47
CA ALA A 18 2.43 -14.00 4.39
C ALA A 18 1.04 -13.74 3.81
N ASP A 19 0.42 -14.79 3.35
CA ASP A 19 -0.93 -14.67 2.77
C ASP A 19 -1.91 -14.16 3.82
N GLY A 20 -2.81 -13.34 3.39
CA GLY A 20 -3.83 -12.78 4.32
C GLY A 20 -3.30 -11.56 5.07
N VAL A 21 -2.06 -11.15 4.88
CA VAL A 21 -1.55 -9.98 5.64
C VAL A 21 -1.69 -8.72 4.76
N SER A 22 -1.88 -7.59 5.37
CA SER A 22 -2.00 -6.33 4.58
C SER A 22 -0.59 -5.79 4.33
N LEU A 23 -0.32 -5.29 3.16
CA LEU A 23 1.03 -4.74 2.87
C LEU A 23 1.42 -3.78 3.99
N MET A 24 0.48 -3.04 4.48
CA MET A 24 0.76 -2.07 5.57
C MET A 24 1.16 -2.83 6.84
N GLN A 25 0.54 -3.95 7.10
CA GLN A 25 0.90 -4.71 8.33
C GLN A 25 2.39 -5.06 8.28
N ALA A 26 2.83 -5.70 7.22
CA ALA A 26 4.27 -6.06 7.14
C ALA A 26 5.14 -4.79 7.05
N ALA A 27 4.60 -3.71 6.55
CA ALA A 27 5.42 -2.47 6.46
C ALA A 27 5.76 -1.96 7.87
N VAL A 28 4.78 -1.94 8.74
CA VAL A 28 5.03 -1.46 10.13
C VAL A 28 6.02 -2.39 10.83
N SER A 29 6.14 -3.59 10.35
CA SER A 29 7.07 -4.58 10.98
C SER A 29 8.46 -4.39 10.39
N ASN A 30 8.54 -3.76 9.26
CA ASN A 30 9.85 -3.50 8.61
C ASN A 30 10.13 -2.01 8.72
N GLY A 31 9.42 -1.32 9.58
CA GLY A 31 9.69 0.14 9.77
C GLY A 31 9.60 0.88 8.43
N ILE A 32 8.48 0.79 7.74
CA ILE A 32 8.36 1.47 6.41
C ILE A 32 7.17 2.44 6.35
N TYR A 33 5.98 2.01 6.69
CA TYR A 33 4.80 2.93 6.68
C TYR A 33 4.39 3.30 8.11
N ASP A 34 5.16 2.91 9.09
CA ASP A 34 4.78 3.23 10.48
C ASP A 34 4.62 4.74 10.64
N ILE A 35 5.63 5.38 11.16
CA ILE A 35 5.56 6.86 11.38
C ILE A 35 4.20 7.21 12.00
N VAL A 36 3.91 6.66 13.15
CA VAL A 36 2.60 6.95 13.82
C VAL A 36 1.46 6.45 12.92
N GLY A 37 0.86 5.33 13.25
CA GLY A 37 -0.25 4.80 12.42
C GLY A 37 -1.53 5.59 12.73
N ASP A 38 -2.17 6.09 11.70
CA ASP A 38 -3.42 6.88 11.93
C ASP A 38 -4.56 5.96 12.36
N CYS A 39 -5.10 5.17 11.45
CA CYS A 39 -6.23 4.26 11.81
C CYS A 39 -5.69 2.87 12.17
N GLY A 40 -4.42 2.63 11.93
CA GLY A 40 -3.84 1.30 12.26
C GLY A 40 -4.32 0.25 11.26
N GLY A 41 -4.78 0.67 10.11
CA GLY A 41 -5.27 -0.29 9.08
C GLY A 41 -6.75 -0.60 9.32
N SER A 42 -7.61 0.32 9.01
CA SER A 42 -9.07 0.11 9.19
C SER A 42 -9.82 0.81 8.06
N ALA A 43 -9.12 1.24 7.06
CA ALA A 43 -9.78 1.94 5.92
C ALA A 43 -10.47 3.20 6.44
N SER A 44 -9.75 4.07 7.09
CA SER A 44 -10.36 5.32 7.63
C SER A 44 -9.33 6.45 7.63
N CYS A 45 -8.29 6.34 6.84
CA CYS A 45 -7.27 7.43 6.79
C CYS A 45 -6.51 7.35 5.47
N ALA A 46 -5.82 8.40 5.13
CA ALA A 46 -5.04 8.42 3.85
C ALA A 46 -3.56 8.19 4.15
N THR A 47 -3.24 7.82 5.36
CA THR A 47 -1.81 7.59 5.72
C THR A 47 -1.23 6.51 4.80
N CYS A 48 -2.06 5.63 4.33
CA CYS A 48 -1.60 4.53 3.44
C CYS A 48 -1.68 4.97 1.97
N HIS A 49 -1.35 6.20 1.67
CA HIS A 49 -1.40 6.68 0.25
C HIS A 49 -0.20 6.11 -0.51
N VAL A 50 -0.40 5.16 -1.39
CA VAL A 50 0.75 4.60 -2.16
C VAL A 50 0.29 4.26 -3.57
N TYR A 51 1.21 3.85 -4.40
CA TYR A 51 0.88 3.50 -5.80
C TYR A 51 1.32 2.06 -6.09
N VAL A 52 0.35 1.22 -6.35
CA VAL A 52 0.65 -0.21 -6.65
C VAL A 52 0.85 -0.39 -8.13
N ASN A 53 1.88 -1.08 -8.53
CA ASN A 53 2.09 -1.30 -9.98
C ASN A 53 0.79 -1.88 -10.56
N GLU A 54 0.22 -1.20 -11.51
CA GLU A 54 -1.06 -1.65 -12.13
C GLU A 54 -1.05 -3.14 -12.48
N ALA A 55 0.04 -3.84 -12.25
CA ALA A 55 0.08 -5.28 -12.61
C ALA A 55 -0.44 -6.15 -11.45
N PHE A 56 -0.57 -5.63 -10.26
CA PHE A 56 -1.08 -6.46 -9.11
C PHE A 56 -2.41 -5.86 -8.64
N THR A 57 -2.75 -4.72 -9.17
CA THR A 57 -4.02 -4.03 -8.79
C THR A 57 -5.23 -4.82 -9.30
N ASP A 58 -5.17 -5.33 -10.49
CA ASP A 58 -6.34 -6.06 -11.05
C ASP A 58 -6.29 -7.52 -10.62
N LYS A 59 -5.28 -7.88 -9.87
CA LYS A 59 -5.15 -9.29 -9.39
C LYS A 59 -5.49 -9.34 -7.90
N VAL A 60 -5.01 -8.38 -7.15
CA VAL A 60 -5.32 -8.36 -5.68
C VAL A 60 -6.76 -7.85 -5.53
N PRO A 61 -7.41 -8.06 -4.39
CA PRO A 61 -8.83 -7.66 -4.21
C PRO A 61 -9.07 -6.16 -4.42
N ALA A 62 -9.83 -5.84 -5.43
CA ALA A 62 -10.16 -4.45 -5.77
C ALA A 62 -10.56 -3.67 -4.53
N ALA A 63 -10.17 -2.45 -4.51
CA ALA A 63 -10.49 -1.56 -3.36
C ALA A 63 -11.99 -1.25 -3.32
N ASN A 64 -12.60 -1.40 -2.19
CA ASN A 64 -14.06 -1.14 -2.10
C ASN A 64 -14.33 0.37 -2.15
N GLU A 65 -15.57 0.73 -2.24
CA GLU A 65 -15.96 2.17 -2.35
C GLU A 65 -15.59 2.97 -1.11
N ARG A 66 -15.21 2.34 -0.03
CA ARG A 66 -14.88 3.13 1.19
C ARG A 66 -13.53 3.83 0.98
N GLU A 67 -12.59 3.15 0.39
CA GLU A 67 -11.25 3.77 0.15
C GLU A 67 -11.32 4.80 -0.97
N ILE A 68 -12.11 4.55 -1.98
CA ILE A 68 -12.20 5.53 -3.10
C ILE A 68 -12.46 6.92 -2.50
N GLY A 69 -13.22 6.97 -1.44
CA GLY A 69 -13.52 8.30 -0.81
C GLY A 69 -12.31 8.78 0.00
N MET A 70 -11.52 7.90 0.55
CA MET A 70 -10.32 8.35 1.31
C MET A 70 -9.20 8.60 0.30
N LEU A 71 -9.18 7.82 -0.75
CA LEU A 71 -8.15 7.99 -1.80
C LEU A 71 -8.30 9.37 -2.41
N GLU A 72 -9.49 9.88 -2.49
CA GLU A 72 -9.69 11.25 -3.05
C GLU A 72 -9.22 12.27 -2.00
N CYS A 73 -8.78 11.78 -0.87
CA CYS A 73 -8.34 12.68 0.25
C CYS A 73 -6.81 12.56 0.47
N VAL A 74 -6.08 11.99 -0.44
CA VAL A 74 -4.60 11.88 -0.20
C VAL A 74 -3.89 13.21 -0.41
N THR A 75 -2.67 13.30 0.05
CA THR A 75 -1.88 14.56 -0.08
C THR A 75 -1.22 14.67 -1.46
N ALA A 76 -0.85 13.58 -2.09
CA ALA A 76 -0.16 13.68 -3.43
C ALA A 76 -1.15 13.43 -4.57
N GLU A 77 -0.67 13.41 -5.79
CA GLU A 77 -1.55 13.20 -6.98
C GLU A 77 -2.16 11.81 -6.99
N LEU A 78 -3.46 11.70 -7.04
CA LEU A 78 -4.05 10.34 -7.08
C LEU A 78 -4.00 9.80 -8.50
N LYS A 79 -3.71 8.55 -8.57
CA LYS A 79 -3.59 7.84 -9.87
C LYS A 79 -4.86 7.01 -10.06
N PRO A 80 -5.21 6.69 -11.26
CA PRO A 80 -6.43 5.87 -11.51
C PRO A 80 -6.30 4.54 -10.77
N ASN A 81 -5.08 4.09 -10.55
CA ASN A 81 -4.85 2.81 -9.82
C ASN A 81 -4.31 3.10 -8.41
N SER A 82 -4.53 4.27 -7.86
CA SER A 82 -4.03 4.53 -6.49
C SER A 82 -4.65 3.51 -5.53
N ARG A 83 -3.90 3.06 -4.57
CA ARG A 83 -4.43 2.03 -3.62
C ARG A 83 -4.05 2.38 -2.18
N LEU A 84 -4.63 1.67 -1.25
CA LEU A 84 -4.33 1.89 0.19
C LEU A 84 -3.60 0.66 0.72
N CYS A 85 -2.44 0.85 1.25
CA CYS A 85 -1.61 -0.29 1.76
C CYS A 85 -2.29 -1.06 2.89
N CYS A 86 -3.51 -0.73 3.28
CA CYS A 86 -4.16 -1.50 4.40
C CYS A 86 -5.27 -2.44 3.87
N GLN A 87 -5.94 -2.06 2.81
CA GLN A 87 -7.03 -2.95 2.28
C GLN A 87 -6.46 -3.89 1.19
N ILE A 88 -5.16 -3.91 1.06
CA ILE A 88 -4.51 -4.77 0.01
C ILE A 88 -3.92 -6.03 0.69
N ILE A 89 -4.40 -7.20 0.34
CA ILE A 89 -3.93 -8.48 0.98
C ILE A 89 -2.87 -9.17 0.12
N MET A 90 -1.71 -9.44 0.67
CA MET A 90 -0.65 -10.10 -0.13
C MET A 90 -0.92 -11.59 -0.26
N THR A 91 -0.42 -12.18 -1.31
CA THR A 91 -0.60 -13.64 -1.55
C THR A 91 0.58 -14.11 -2.40
N PRO A 92 0.98 -15.35 -2.26
CA PRO A 92 2.15 -15.89 -3.02
C PRO A 92 1.98 -15.73 -4.55
N GLU A 93 0.81 -16.01 -5.06
CA GLU A 93 0.60 -15.87 -6.54
C GLU A 93 0.94 -14.42 -6.95
N LEU A 94 0.64 -13.49 -6.09
CA LEU A 94 0.91 -12.04 -6.40
C LEU A 94 2.33 -11.67 -6.00
N ASP A 95 3.15 -12.64 -5.71
CA ASP A 95 4.55 -12.33 -5.31
C ASP A 95 5.25 -11.50 -6.40
N GLY A 96 6.00 -10.52 -5.99
CA GLY A 96 6.74 -9.64 -6.95
C GLY A 96 6.09 -8.26 -6.98
N ILE A 97 5.05 -8.07 -6.22
CA ILE A 97 4.29 -6.78 -6.27
C ILE A 97 5.20 -5.57 -5.98
N VAL A 98 5.08 -4.56 -6.82
CA VAL A 98 5.91 -3.33 -6.66
C VAL A 98 5.03 -2.16 -6.16
N VAL A 99 5.34 -1.63 -5.00
CA VAL A 99 4.54 -0.50 -4.44
C VAL A 99 5.32 0.81 -4.57
N ASP A 100 4.71 1.81 -5.14
CA ASP A 100 5.39 3.12 -5.34
C ASP A 100 4.89 4.12 -4.29
N VAL A 101 5.79 4.66 -3.50
CA VAL A 101 5.41 5.62 -2.42
C VAL A 101 5.83 7.05 -2.82
N PRO A 102 4.96 8.03 -2.68
CA PRO A 102 5.28 9.46 -3.04
C PRO A 102 6.06 10.21 -1.95
N ASP A 103 6.30 11.47 -2.19
CA ASP A 103 7.03 12.33 -1.20
C ASP A 103 6.02 12.79 -0.14
N ARG A 104 4.75 12.73 -0.47
CA ARG A 104 3.68 13.15 0.48
C ARG A 104 2.74 11.97 0.58
N GLN A 105 2.62 11.35 1.73
CA GLN A 105 1.72 10.17 1.85
C GLN A 105 0.65 10.45 2.92
N TRP A 106 0.65 11.64 3.46
CA TRP A 106 -0.34 11.99 4.52
C TRP A 106 0.11 11.35 5.84
FE1 FES B . -5.66 4.01 7.63
FE2 FES B . -5.27 2.67 5.29
S1 FES B . -7.04 3.81 5.93
S2 FES B . -3.99 2.67 7.08
N SER A 1 5.19 -14.01 -0.16
CA SER A 1 5.12 -13.22 -1.41
C SER A 1 6.25 -12.19 -1.44
N LYS A 2 6.83 -11.95 -2.58
CA LYS A 2 7.91 -10.95 -2.65
C LYS A 2 7.25 -9.58 -2.75
N VAL A 3 7.52 -8.71 -1.83
CA VAL A 3 6.87 -7.36 -1.86
C VAL A 3 7.95 -6.30 -1.99
N VAL A 4 7.88 -5.47 -2.98
CA VAL A 4 8.89 -4.38 -3.13
C VAL A 4 8.24 -3.03 -2.85
N TYR A 5 8.86 -2.27 -1.99
CA TYR A 5 8.39 -0.90 -1.65
C TYR A 5 9.33 0.09 -2.33
N VAL A 6 8.84 0.90 -3.22
CA VAL A 6 9.71 1.91 -3.89
C VAL A 6 9.46 3.25 -3.20
N SER A 7 10.40 3.70 -2.44
CA SER A 7 10.24 4.95 -1.68
C SER A 7 10.36 6.16 -2.59
N HIS A 8 10.34 7.32 -2.00
CA HIS A 8 10.47 8.58 -2.78
C HIS A 8 11.96 8.80 -3.09
N ASP A 9 12.79 8.63 -2.10
CA ASP A 9 14.24 8.84 -2.32
C ASP A 9 14.78 7.80 -3.32
N GLY A 10 13.97 6.83 -3.71
CA GLY A 10 14.44 5.80 -4.69
C GLY A 10 14.93 4.52 -3.99
N THR A 11 15.09 4.57 -2.70
CA THR A 11 15.57 3.36 -1.96
C THR A 11 14.50 2.25 -2.01
N ARG A 12 14.90 1.05 -2.35
CA ARG A 12 13.92 -0.08 -2.48
C ARG A 12 13.93 -0.97 -1.22
N ARG A 13 12.79 -1.24 -0.65
CA ARG A 13 12.71 -2.11 0.56
C ARG A 13 11.89 -3.34 0.18
N GLU A 14 12.49 -4.49 0.08
CA GLU A 14 11.72 -5.72 -0.31
C GLU A 14 11.45 -6.61 0.91
N LEU A 15 10.21 -6.99 1.15
CA LEU A 15 9.89 -7.89 2.33
C LEU A 15 9.16 -9.13 1.86
N ASP A 16 8.95 -10.02 2.78
CA ASP A 16 8.16 -11.24 2.53
C ASP A 16 6.86 -11.06 3.32
N VAL A 17 5.74 -10.99 2.65
CA VAL A 17 4.42 -10.83 3.36
C VAL A 17 3.61 -12.12 3.17
N ALA A 18 3.22 -12.74 4.25
CA ALA A 18 2.47 -14.03 4.15
C ALA A 18 1.07 -13.83 3.59
N ASP A 19 0.46 -14.91 3.17
CA ASP A 19 -0.90 -14.85 2.60
C ASP A 19 -1.88 -14.29 3.62
N GLY A 20 -2.75 -13.45 3.16
CA GLY A 20 -3.77 -12.86 4.06
C GLY A 20 -3.17 -11.73 4.89
N VAL A 21 -1.90 -11.43 4.77
CA VAL A 21 -1.32 -10.33 5.58
C VAL A 21 -1.45 -9.03 4.80
N SER A 22 -1.60 -7.92 5.46
CA SER A 22 -1.73 -6.63 4.74
C SER A 22 -0.34 -5.98 4.61
N LEU A 23 -0.07 -5.34 3.50
CA LEU A 23 1.26 -4.70 3.31
C LEU A 23 1.58 -3.82 4.51
N MET A 24 0.60 -3.54 5.34
CA MET A 24 0.86 -2.69 6.55
C MET A 24 1.43 -3.57 7.66
N GLN A 25 0.92 -4.77 7.78
CA GLN A 25 1.39 -5.68 8.85
C GLN A 25 2.90 -5.94 8.65
N ALA A 26 3.30 -6.44 7.51
CA ALA A 26 4.76 -6.72 7.32
C ALA A 26 5.56 -5.43 7.38
N ALA A 27 5.00 -4.30 7.04
CA ALA A 27 5.77 -3.02 7.10
C ALA A 27 6.14 -2.70 8.56
N VAL A 28 5.17 -2.68 9.44
CA VAL A 28 5.45 -2.34 10.87
C VAL A 28 6.55 -3.26 11.42
N SER A 29 6.77 -4.39 10.80
CA SER A 29 7.79 -5.36 11.31
C SER A 29 9.13 -5.15 10.63
N ASN A 30 9.15 -4.56 9.46
CA ASN A 30 10.42 -4.34 8.76
C ASN A 30 10.85 -2.89 8.95
N GLY A 31 10.25 -2.17 9.87
CA GLY A 31 10.69 -0.77 10.13
C GLY A 31 10.31 0.15 8.95
N ILE A 32 9.22 -0.12 8.30
CA ILE A 32 8.81 0.71 7.11
C ILE A 32 7.53 1.46 7.38
N TYR A 33 6.70 0.96 8.23
CA TYR A 33 5.40 1.64 8.47
C TYR A 33 5.54 2.93 9.26
N ASP A 34 6.73 3.37 9.61
CA ASP A 34 6.89 4.64 10.43
C ASP A 34 6.07 5.82 9.84
N ILE A 35 4.86 5.54 9.48
CA ILE A 35 3.95 6.57 8.90
C ILE A 35 2.99 7.05 10.00
N VAL A 36 2.37 8.17 9.81
CA VAL A 36 1.44 8.71 10.85
C VAL A 36 0.55 7.59 11.40
N GLY A 37 0.07 6.71 10.55
CA GLY A 37 -0.80 5.61 11.04
C GLY A 37 -2.05 6.21 11.67
N ASP A 38 -2.89 6.83 10.88
CA ASP A 38 -4.13 7.45 11.44
C ASP A 38 -5.11 6.36 11.90
N CYS A 39 -5.72 5.64 10.99
CA CYS A 39 -6.69 4.59 11.41
C CYS A 39 -5.94 3.33 11.84
N GLY A 40 -4.64 3.37 11.86
CA GLY A 40 -3.87 2.16 12.29
C GLY A 40 -3.96 1.08 11.20
N GLY A 41 -4.69 1.34 10.15
CA GLY A 41 -4.82 0.32 9.05
C GLY A 41 -6.19 -0.33 9.09
N SER A 42 -7.17 0.35 9.60
CA SER A 42 -8.56 -0.23 9.66
C SER A 42 -9.37 0.31 8.48
N ALA A 43 -8.71 0.76 7.45
CA ALA A 43 -9.44 1.30 6.27
C ALA A 43 -10.36 2.43 6.71
N SER A 44 -9.81 3.49 7.25
CA SER A 44 -10.67 4.63 7.70
C SER A 44 -9.90 5.94 7.49
N CYS A 45 -8.89 5.94 6.66
CA CYS A 45 -8.11 7.19 6.42
C CYS A 45 -7.41 7.12 5.06
N ALA A 46 -6.53 8.05 4.80
CA ALA A 46 -5.79 8.07 3.50
C ALA A 46 -4.28 8.08 3.81
N THR A 47 -3.94 7.91 5.05
CA THR A 47 -2.50 7.92 5.45
C THR A 47 -1.72 6.89 4.62
N CYS A 48 -2.31 5.79 4.29
CA CYS A 48 -1.60 4.74 3.51
C CYS A 48 -1.67 5.04 2.00
N HIS A 49 -1.59 6.29 1.65
CA HIS A 49 -1.64 6.68 0.20
C HIS A 49 -0.40 6.15 -0.53
N VAL A 50 -0.55 5.15 -1.38
CA VAL A 50 0.64 4.62 -2.14
C VAL A 50 0.20 4.22 -3.54
N TYR A 51 1.12 3.83 -4.39
CA TYR A 51 0.78 3.44 -5.78
C TYR A 51 1.21 1.99 -6.04
N VAL A 52 0.23 1.15 -6.27
CA VAL A 52 0.49 -0.30 -6.55
C VAL A 52 0.73 -0.47 -8.05
N ASN A 53 1.75 -1.19 -8.42
CA ASN A 53 2.00 -1.39 -9.88
C ASN A 53 0.69 -1.87 -10.52
N GLU A 54 0.18 -1.15 -11.49
CA GLU A 54 -1.11 -1.52 -12.14
C GLU A 54 -1.13 -3.02 -12.50
N ALA A 55 -0.06 -3.73 -12.29
CA ALA A 55 -0.05 -5.19 -12.66
C ALA A 55 -0.60 -6.06 -11.52
N PHE A 56 -0.72 -5.55 -10.32
CA PHE A 56 -1.23 -6.38 -9.18
C PHE A 56 -2.58 -5.79 -8.71
N THR A 57 -2.94 -4.66 -9.24
CA THR A 57 -4.21 -4.00 -8.85
C THR A 57 -5.42 -4.77 -9.40
N ASP A 58 -5.33 -5.23 -10.63
CA ASP A 58 -6.48 -5.97 -11.22
C ASP A 58 -6.46 -7.41 -10.76
N LYS A 59 -5.54 -7.74 -9.92
CA LYS A 59 -5.42 -9.14 -9.42
C LYS A 59 -5.81 -9.19 -7.93
N VAL A 60 -5.32 -8.26 -7.18
CA VAL A 60 -5.64 -8.22 -5.72
C VAL A 60 -7.09 -7.69 -5.59
N PRO A 61 -7.80 -8.07 -4.55
CA PRO A 61 -9.23 -7.68 -4.36
C PRO A 61 -9.52 -6.19 -4.58
N ALA A 62 -10.31 -5.89 -5.59
CA ALA A 62 -10.68 -4.51 -5.92
C ALA A 62 -11.00 -3.72 -4.66
N ALA A 63 -10.51 -2.54 -4.63
CA ALA A 63 -10.73 -1.64 -3.46
C ALA A 63 -12.21 -1.27 -3.29
N ASN A 64 -12.61 -1.10 -2.06
CA ASN A 64 -14.04 -0.77 -1.77
C ASN A 64 -14.27 0.74 -1.88
N GLU A 65 -15.51 1.13 -2.04
CA GLU A 65 -15.85 2.57 -2.21
C GLU A 65 -15.45 3.40 -0.98
N ARG A 66 -15.10 2.79 0.12
CA ARG A 66 -14.71 3.61 1.28
C ARG A 66 -13.37 4.28 0.95
N GLU A 67 -12.54 3.60 0.23
CA GLU A 67 -11.21 4.15 -0.14
C GLU A 67 -11.35 5.20 -1.24
N ILE A 68 -12.20 4.99 -2.21
CA ILE A 68 -12.35 6.00 -3.31
C ILE A 68 -12.61 7.38 -2.69
N GLY A 69 -13.33 7.43 -1.60
CA GLY A 69 -13.62 8.75 -0.96
C GLY A 69 -12.41 9.24 -0.19
N MET A 70 -11.60 8.35 0.35
CA MET A 70 -10.40 8.79 1.09
C MET A 70 -9.31 9.12 0.08
N LEU A 71 -9.28 8.40 -1.01
CA LEU A 71 -8.25 8.67 -2.05
C LEU A 71 -8.40 10.12 -2.53
N GLU A 72 -9.60 10.65 -2.48
CA GLU A 72 -9.81 12.06 -2.91
C GLU A 72 -9.32 12.99 -1.79
N CYS A 73 -8.95 12.41 -0.67
CA CYS A 73 -8.48 13.22 0.50
C CYS A 73 -6.97 13.06 0.71
N VAL A 74 -6.27 12.48 -0.23
CA VAL A 74 -4.79 12.29 -0.04
C VAL A 74 -4.04 13.61 -0.29
N THR A 75 -2.81 13.68 0.13
CA THR A 75 -2.02 14.93 -0.06
C THR A 75 -1.27 14.94 -1.41
N ALA A 76 -0.90 13.80 -1.96
CA ALA A 76 -0.15 13.82 -3.27
C ALA A 76 -1.11 13.59 -4.45
N GLU A 77 -0.58 13.52 -5.64
CA GLU A 77 -1.43 13.37 -6.88
C GLU A 77 -2.01 11.95 -6.99
N LEU A 78 -3.29 11.84 -7.23
CA LEU A 78 -3.89 10.47 -7.34
C LEU A 78 -3.65 9.87 -8.71
N LYS A 79 -3.57 8.58 -8.71
CA LYS A 79 -3.33 7.80 -9.93
C LYS A 79 -4.61 7.03 -10.25
N PRO A 80 -4.83 6.68 -11.48
CA PRO A 80 -6.04 5.92 -11.85
C PRO A 80 -6.11 4.63 -11.03
N ASN A 81 -4.95 4.09 -10.70
CA ASN A 81 -4.89 2.82 -9.91
C ASN A 81 -4.41 3.09 -8.47
N SER A 82 -4.66 4.26 -7.92
CA SER A 82 -4.22 4.51 -6.52
C SER A 82 -4.76 3.41 -5.62
N ARG A 83 -3.95 2.95 -4.70
CA ARG A 83 -4.39 1.85 -3.79
C ARG A 83 -3.95 2.14 -2.36
N LEU A 84 -4.69 1.63 -1.41
CA LEU A 84 -4.33 1.84 0.01
C LEU A 84 -3.37 0.72 0.41
N CYS A 85 -2.64 0.88 1.47
CA CYS A 85 -1.65 -0.19 1.88
C CYS A 85 -2.14 -0.97 3.09
N CYS A 86 -3.36 -0.73 3.54
CA CYS A 86 -3.88 -1.47 4.73
C CYS A 86 -5.01 -2.43 4.33
N GLN A 87 -5.73 -2.14 3.27
CA GLN A 87 -6.84 -3.05 2.84
C GLN A 87 -6.39 -3.98 1.70
N ILE A 88 -5.10 -4.11 1.52
CA ILE A 88 -4.57 -5.00 0.43
C ILE A 88 -3.97 -6.28 1.02
N ILE A 89 -4.42 -7.43 0.57
CA ILE A 89 -3.93 -8.74 1.12
C ILE A 89 -2.91 -9.37 0.15
N MET A 90 -1.72 -9.60 0.61
CA MET A 90 -0.69 -10.21 -0.26
C MET A 90 -0.91 -11.72 -0.37
N THR A 91 -0.38 -12.30 -1.42
CA THR A 91 -0.53 -13.76 -1.63
C THR A 91 0.71 -14.26 -2.39
N PRO A 92 1.13 -15.48 -2.18
CA PRO A 92 2.32 -16.04 -2.87
C PRO A 92 2.18 -15.96 -4.39
N GLU A 93 1.04 -16.28 -4.92
CA GLU A 93 0.86 -16.22 -6.39
C GLU A 93 1.19 -14.82 -6.88
N LEU A 94 0.86 -13.81 -6.11
CA LEU A 94 1.12 -12.41 -6.56
C LEU A 94 2.51 -11.94 -6.12
N ASP A 95 3.37 -12.87 -5.81
CA ASP A 95 4.75 -12.48 -5.39
C ASP A 95 5.40 -11.62 -6.49
N GLY A 96 6.07 -10.57 -6.10
CA GLY A 96 6.78 -9.68 -7.09
C GLY A 96 6.08 -8.30 -7.14
N ILE A 97 5.06 -8.16 -6.37
CA ILE A 97 4.25 -6.91 -6.36
C ILE A 97 5.13 -5.68 -6.07
N VAL A 98 5.02 -4.65 -6.90
CA VAL A 98 5.82 -3.41 -6.70
C VAL A 98 4.93 -2.29 -6.15
N VAL A 99 5.20 -1.83 -4.95
CA VAL A 99 4.39 -0.74 -4.34
C VAL A 99 5.17 0.58 -4.44
N ASP A 100 4.56 1.59 -4.96
CA ASP A 100 5.26 2.91 -5.10
C ASP A 100 4.72 3.89 -4.05
N VAL A 101 5.58 4.36 -3.20
CA VAL A 101 5.18 5.32 -2.12
C VAL A 101 5.66 6.74 -2.47
N PRO A 102 4.81 7.74 -2.38
CA PRO A 102 5.19 9.16 -2.72
C PRO A 102 5.96 9.90 -1.62
N ASP A 103 6.20 11.15 -1.86
CA ASP A 103 6.92 12.01 -0.87
C ASP A 103 5.90 12.53 0.14
N ARG A 104 4.64 12.50 -0.23
CA ARG A 104 3.56 12.97 0.68
C ARG A 104 2.55 11.85 0.76
N GLN A 105 2.33 11.27 1.91
CA GLN A 105 1.35 10.15 2.01
C GLN A 105 0.39 10.42 3.18
N TRP A 106 0.61 11.50 3.88
CA TRP A 106 -0.27 11.85 5.04
C TRP A 106 -0.16 10.72 6.08
FE1 FES B . -5.90 4.24 7.37
FE2 FES B . -5.17 2.73 5.28
S1 FES B . -7.06 3.80 5.55
S2 FES B . -3.99 3.19 7.07
N SER A 1 4.90 -14.04 0.07
CA SER A 1 5.03 -13.48 -1.31
C SER A 1 6.12 -12.41 -1.30
N LYS A 2 6.67 -12.10 -2.45
CA LYS A 2 7.73 -11.06 -2.49
C LYS A 2 7.05 -9.70 -2.57
N VAL A 3 7.28 -8.86 -1.61
CA VAL A 3 6.64 -7.51 -1.62
C VAL A 3 7.74 -6.48 -1.75
N VAL A 4 7.70 -5.66 -2.77
CA VAL A 4 8.76 -4.61 -2.95
C VAL A 4 8.17 -3.22 -2.74
N TYR A 5 8.85 -2.44 -1.96
CA TYR A 5 8.44 -1.03 -1.69
C TYR A 5 9.42 -0.11 -2.41
N VAL A 6 8.95 0.67 -3.34
CA VAL A 6 9.85 1.62 -4.04
C VAL A 6 9.62 2.99 -3.39
N SER A 7 10.58 3.44 -2.66
CA SER A 7 10.41 4.72 -1.93
C SER A 7 10.54 5.91 -2.86
N HIS A 8 10.46 7.08 -2.29
CA HIS A 8 10.56 8.33 -3.09
C HIS A 8 12.04 8.59 -3.36
N ASP A 9 12.86 8.49 -2.35
CA ASP A 9 14.32 8.72 -2.54
C ASP A 9 14.88 7.68 -3.52
N GLY A 10 14.10 6.70 -3.91
CA GLY A 10 14.60 5.66 -4.87
C GLY A 10 15.03 4.39 -4.13
N THR A 11 15.14 4.43 -2.84
CA THR A 11 15.59 3.22 -2.09
C THR A 11 14.50 2.12 -2.15
N ARG A 12 14.92 0.93 -2.48
CA ARG A 12 13.96 -0.21 -2.59
C ARG A 12 14.05 -1.14 -1.37
N ARG A 13 12.92 -1.52 -0.80
CA ARG A 13 12.92 -2.43 0.39
C ARG A 13 11.99 -3.61 0.07
N GLU A 14 12.50 -4.81 0.11
CA GLU A 14 11.64 -6.01 -0.22
C GLU A 14 11.36 -6.85 1.04
N LEU A 15 10.10 -7.21 1.27
CA LEU A 15 9.73 -8.03 2.47
C LEU A 15 8.98 -9.28 2.04
N ASP A 16 8.77 -10.14 2.99
CA ASP A 16 7.98 -11.36 2.75
C ASP A 16 6.67 -11.11 3.52
N VAL A 17 5.56 -11.00 2.83
CA VAL A 17 4.25 -10.78 3.52
C VAL A 17 3.41 -12.06 3.33
N ALA A 18 3.02 -12.68 4.42
CA ALA A 18 2.28 -13.96 4.33
C ALA A 18 0.88 -13.75 3.74
N ASP A 19 0.28 -14.82 3.30
CA ASP A 19 -1.08 -14.75 2.72
C ASP A 19 -2.05 -14.21 3.76
N GLY A 20 -2.94 -13.39 3.32
CA GLY A 20 -3.95 -12.81 4.25
C GLY A 20 -3.37 -11.64 5.02
N VAL A 21 -2.11 -11.31 4.85
CA VAL A 21 -1.54 -10.17 5.63
C VAL A 21 -1.62 -8.90 4.79
N SER A 22 -1.76 -7.77 5.42
CA SER A 22 -1.83 -6.49 4.66
C SER A 22 -0.44 -5.86 4.61
N LEU A 23 -0.12 -5.21 3.53
CA LEU A 23 1.22 -4.56 3.44
C LEU A 23 1.42 -3.63 4.63
N MET A 24 0.36 -3.40 5.37
CA MET A 24 0.45 -2.52 6.55
C MET A 24 0.95 -3.34 7.74
N GLN A 25 0.59 -4.59 7.78
CA GLN A 25 1.04 -5.46 8.91
C GLN A 25 2.54 -5.75 8.76
N ALA A 26 2.97 -6.23 7.63
CA ALA A 26 4.43 -6.55 7.46
C ALA A 26 5.30 -5.29 7.40
N ALA A 27 4.80 -4.19 6.92
CA ALA A 27 5.66 -2.97 6.85
C ALA A 27 5.98 -2.47 8.26
N VAL A 28 4.98 -2.24 9.07
CA VAL A 28 5.23 -1.72 10.45
C VAL A 28 6.28 -2.61 11.15
N SER A 29 6.45 -3.81 10.67
CA SER A 29 7.42 -4.75 11.32
C SER A 29 8.78 -4.67 10.63
N ASN A 30 8.81 -4.17 9.42
CA ASN A 30 10.10 -4.04 8.71
C ASN A 30 10.57 -2.59 8.83
N GLY A 31 9.96 -1.82 9.68
CA GLY A 31 10.45 -0.42 9.88
C GLY A 31 10.16 0.42 8.62
N ILE A 32 9.07 0.18 7.96
CA ILE A 32 8.77 0.94 6.70
C ILE A 32 7.53 1.80 6.84
N TYR A 33 6.56 1.35 7.55
CA TYR A 33 5.29 2.11 7.66
C TYR A 33 5.43 3.33 8.58
N ASP A 34 6.63 3.71 8.99
CA ASP A 34 6.80 4.87 9.93
C ASP A 34 6.03 6.12 9.44
N ILE A 35 4.78 5.92 9.19
CA ILE A 35 3.88 7.02 8.73
C ILE A 35 3.00 7.45 9.91
N VAL A 36 1.91 6.76 10.14
CA VAL A 36 1.02 7.14 11.28
C VAL A 36 -0.05 6.07 11.46
N GLY A 37 -0.23 5.58 12.64
CA GLY A 37 -1.28 4.55 12.87
C GLY A 37 -2.63 5.23 13.03
N ASP A 38 -3.10 5.90 12.00
CA ASP A 38 -4.40 6.60 12.10
C ASP A 38 -5.53 5.59 12.28
N CYS A 39 -5.86 4.85 11.24
CA CYS A 39 -6.96 3.85 11.36
C CYS A 39 -6.36 2.47 11.64
N GLY A 40 -5.09 2.30 11.46
CA GLY A 40 -4.45 0.98 11.75
C GLY A 40 -4.88 -0.04 10.69
N GLY A 41 -5.43 0.40 9.60
CA GLY A 41 -5.88 -0.55 8.53
C GLY A 41 -7.38 -0.79 8.66
N SER A 42 -8.09 0.11 9.29
CA SER A 42 -9.56 -0.04 9.45
C SER A 42 -10.27 0.78 8.37
N ALA A 43 -9.56 1.17 7.35
CA ALA A 43 -10.16 1.98 6.26
C ALA A 43 -10.83 3.22 6.84
N SER A 44 -10.08 4.13 7.41
CA SER A 44 -10.69 5.37 7.98
C SER A 44 -9.73 6.56 7.79
N CYS A 45 -8.65 6.36 7.09
CA CYS A 45 -7.69 7.49 6.86
C CYS A 45 -7.11 7.37 5.44
N ALA A 46 -6.18 8.23 5.10
CA ALA A 46 -5.56 8.16 3.73
C ALA A 46 -4.07 8.43 3.86
N THR A 47 -3.48 8.07 4.96
CA THR A 47 -2.03 8.30 5.15
C THR A 47 -1.23 7.25 4.37
N CYS A 48 -1.79 6.07 4.23
CA CYS A 48 -1.10 4.98 3.49
C CYS A 48 -1.25 5.20 1.98
N HIS A 49 -1.20 6.44 1.54
CA HIS A 49 -1.35 6.75 0.08
C HIS A 49 -0.10 6.25 -0.68
N VAL A 50 -0.24 5.26 -1.53
CA VAL A 50 0.94 4.78 -2.32
C VAL A 50 0.46 4.37 -3.70
N TYR A 51 1.38 3.98 -4.56
CA TYR A 51 1.01 3.58 -5.93
C TYR A 51 1.41 2.12 -6.17
N VAL A 52 0.41 1.31 -6.41
CA VAL A 52 0.66 -0.15 -6.66
C VAL A 52 0.88 -0.36 -8.16
N ASN A 53 1.91 -1.06 -8.53
CA ASN A 53 2.14 -1.30 -9.98
C ASN A 53 0.83 -1.82 -10.59
N GLU A 54 0.30 -1.11 -11.56
CA GLU A 54 -1.00 -1.52 -12.19
C GLU A 54 -1.00 -3.00 -12.57
N ALA A 55 0.08 -3.72 -12.37
CA ALA A 55 0.11 -5.15 -12.76
C ALA A 55 -0.41 -6.05 -11.62
N PHE A 56 -0.54 -5.54 -10.42
CA PHE A 56 -1.05 -6.38 -9.28
C PHE A 56 -2.37 -5.78 -8.80
N THR A 57 -2.72 -4.66 -9.34
CA THR A 57 -3.99 -3.95 -8.94
C THR A 57 -5.21 -4.72 -9.44
N ASP A 58 -5.14 -5.27 -10.63
CA ASP A 58 -6.33 -5.99 -11.18
C ASP A 58 -6.28 -7.45 -10.79
N LYS A 59 -5.34 -7.83 -9.98
CA LYS A 59 -5.21 -9.25 -9.54
C LYS A 59 -5.55 -9.33 -8.06
N VAL A 60 -5.00 -8.44 -7.28
CA VAL A 60 -5.27 -8.45 -5.82
C VAL A 60 -6.74 -7.98 -5.61
N PRO A 61 -7.34 -8.27 -4.47
CA PRO A 61 -8.77 -7.94 -4.22
C PRO A 61 -9.14 -6.45 -4.38
N ALA A 62 -9.99 -6.17 -5.33
CA ALA A 62 -10.46 -4.79 -5.60
C ALA A 62 -10.69 -4.05 -4.30
N ALA A 63 -10.14 -2.90 -4.23
CA ALA A 63 -10.28 -2.05 -3.02
C ALA A 63 -11.76 -1.73 -2.74
N ASN A 64 -12.10 -1.50 -1.51
CA ASN A 64 -13.52 -1.21 -1.14
C ASN A 64 -13.85 0.28 -1.34
N GLU A 65 -15.11 0.57 -1.52
CA GLU A 65 -15.56 1.98 -1.75
C GLU A 65 -15.21 2.89 -0.58
N ARG A 66 -14.79 2.35 0.53
CA ARG A 66 -14.43 3.23 1.67
C ARG A 66 -13.11 3.94 1.35
N GLU A 67 -12.23 3.27 0.66
CA GLU A 67 -10.92 3.89 0.29
C GLU A 67 -11.14 4.95 -0.80
N ILE A 68 -12.04 4.71 -1.70
CA ILE A 68 -12.30 5.71 -2.77
C ILE A 68 -12.54 7.09 -2.14
N GLY A 69 -13.27 7.12 -1.06
CA GLY A 69 -13.54 8.43 -0.40
C GLY A 69 -12.29 8.93 0.32
N MET A 70 -11.46 8.06 0.81
CA MET A 70 -10.21 8.53 1.49
C MET A 70 -9.20 8.86 0.40
N LEU A 71 -9.23 8.12 -0.68
CA LEU A 71 -8.29 8.39 -1.80
C LEU A 71 -8.49 9.83 -2.27
N GLU A 72 -9.68 10.35 -2.17
CA GLU A 72 -9.91 11.74 -2.63
C GLU A 72 -9.49 12.71 -1.53
N CYS A 73 -9.19 12.18 -0.37
CA CYS A 73 -8.76 13.04 0.79
C CYS A 73 -7.24 12.95 0.96
N VAL A 74 -6.52 12.40 0.02
CA VAL A 74 -5.02 12.31 0.17
C VAL A 74 -4.37 13.65 -0.12
N THR A 75 -3.14 13.81 0.28
CA THR A 75 -2.42 15.10 0.06
C THR A 75 -1.60 15.08 -1.25
N ALA A 76 -1.29 13.92 -1.80
CA ALA A 76 -0.47 13.90 -3.06
C ALA A 76 -1.39 13.71 -4.29
N GLU A 77 -0.80 13.69 -5.47
CA GLU A 77 -1.60 13.53 -6.72
C GLU A 77 -2.13 12.09 -6.84
N LEU A 78 -3.39 11.93 -7.06
CA LEU A 78 -3.93 10.55 -7.18
C LEU A 78 -3.71 10.01 -8.58
N LYS A 79 -3.72 8.71 -8.66
CA LYS A 79 -3.49 8.01 -9.95
C LYS A 79 -4.72 7.16 -10.25
N PRO A 80 -4.96 6.79 -11.48
CA PRO A 80 -6.12 5.96 -11.83
C PRO A 80 -6.02 4.62 -11.08
N ASN A 81 -4.81 4.16 -10.87
CA ASN A 81 -4.59 2.86 -10.16
C ASN A 81 -4.07 3.13 -8.73
N SER A 82 -4.26 4.30 -8.19
CA SER A 82 -3.78 4.56 -6.80
C SER A 82 -4.57 3.70 -5.83
N ARG A 83 -3.93 3.25 -4.79
CA ARG A 83 -4.65 2.39 -3.81
C ARG A 83 -3.93 2.47 -2.46
N LEU A 84 -4.68 2.48 -1.40
CA LEU A 84 -4.07 2.52 -0.06
C LEU A 84 -3.30 1.22 0.15
N CYS A 85 -2.25 1.26 0.92
CA CYS A 85 -1.43 0.02 1.11
C CYS A 85 -1.94 -0.83 2.27
N CYS A 86 -2.86 -0.34 3.08
CA CYS A 86 -3.36 -1.18 4.22
C CYS A 86 -4.58 -2.02 3.82
N GLN A 87 -5.32 -1.62 2.83
CA GLN A 87 -6.53 -2.42 2.42
C GLN A 87 -6.15 -3.42 1.33
N ILE A 88 -4.87 -3.69 1.20
CA ILE A 88 -4.38 -4.67 0.15
C ILE A 88 -3.82 -5.93 0.83
N ILE A 89 -4.30 -7.09 0.43
CA ILE A 89 -3.86 -8.38 1.03
C ILE A 89 -2.85 -9.10 0.13
N MET A 90 -1.68 -9.38 0.64
CA MET A 90 -0.67 -10.05 -0.22
C MET A 90 -0.96 -11.56 -0.32
N THR A 91 -0.46 -12.15 -1.36
CA THR A 91 -0.65 -13.63 -1.57
C THR A 91 0.58 -14.16 -2.31
N PRO A 92 0.96 -15.39 -2.07
CA PRO A 92 2.15 -15.97 -2.74
C PRO A 92 2.03 -15.90 -4.26
N GLU A 93 0.87 -16.20 -4.79
CA GLU A 93 0.70 -16.15 -6.26
C GLU A 93 1.04 -14.76 -6.79
N LEU A 94 0.70 -13.71 -6.06
CA LEU A 94 1.00 -12.33 -6.56
C LEU A 94 2.39 -11.90 -6.10
N ASP A 95 3.24 -12.83 -5.78
CA ASP A 95 4.61 -12.46 -5.33
C ASP A 95 5.31 -11.62 -6.42
N GLY A 96 6.02 -10.60 -6.03
CA GLY A 96 6.76 -9.73 -7.01
C GLY A 96 6.10 -8.35 -7.08
N ILE A 97 5.07 -8.16 -6.32
CA ILE A 97 4.29 -6.87 -6.36
C ILE A 97 5.22 -5.66 -6.10
N VAL A 98 5.14 -4.66 -6.95
CA VAL A 98 5.98 -3.44 -6.76
C VAL A 98 5.09 -2.28 -6.26
N VAL A 99 5.41 -1.72 -5.12
CA VAL A 99 4.60 -0.60 -4.55
C VAL A 99 5.38 0.70 -4.65
N ASP A 100 4.80 1.71 -5.20
CA ASP A 100 5.49 3.03 -5.35
C ASP A 100 4.96 4.00 -4.28
N VAL A 101 5.85 4.45 -3.42
CA VAL A 101 5.47 5.39 -2.32
C VAL A 101 6.02 6.80 -2.66
N PRO A 102 5.18 7.82 -2.66
CA PRO A 102 5.64 9.21 -2.97
C PRO A 102 6.33 9.92 -1.79
N ASP A 103 6.59 11.19 -1.98
CA ASP A 103 7.21 12.01 -0.91
C ASP A 103 6.09 12.65 -0.09
N ARG A 104 4.90 12.60 -0.61
CA ARG A 104 3.71 13.19 0.08
C ARG A 104 2.67 12.08 0.22
N GLN A 105 2.41 11.64 1.42
CA GLN A 105 1.40 10.56 1.63
C GLN A 105 0.40 11.08 2.67
N TRP A 106 0.87 11.92 3.55
CA TRP A 106 -0.01 12.49 4.61
C TRP A 106 -1.21 13.17 3.94
FE1 FES B . -5.69 4.17 7.45
FE2 FES B . -4.69 2.83 5.32
S1 FES B . -6.62 3.88 5.49
S2 FES B . -3.74 3.15 7.28
N SER A 1 4.83 -14.06 0.12
CA SER A 1 4.97 -13.53 -1.27
C SER A 1 6.08 -12.48 -1.30
N LYS A 2 6.61 -12.17 -2.46
CA LYS A 2 7.67 -11.16 -2.53
C LYS A 2 7.01 -9.81 -2.65
N VAL A 3 7.31 -8.91 -1.77
CA VAL A 3 6.67 -7.56 -1.82
C VAL A 3 7.76 -6.52 -1.91
N VAL A 4 7.70 -5.66 -2.89
CA VAL A 4 8.74 -4.60 -3.04
C VAL A 4 8.13 -3.22 -2.80
N TYR A 5 8.79 -2.46 -1.99
CA TYR A 5 8.34 -1.07 -1.68
C TYR A 5 9.34 -0.12 -2.34
N VAL A 6 8.89 0.72 -3.24
CA VAL A 6 9.82 1.70 -3.88
C VAL A 6 9.61 3.03 -3.18
N SER A 7 10.61 3.49 -2.49
CA SER A 7 10.47 4.75 -1.73
C SER A 7 10.53 5.96 -2.66
N HIS A 8 10.43 7.11 -2.07
CA HIS A 8 10.49 8.37 -2.85
C HIS A 8 11.97 8.66 -3.16
N ASP A 9 12.80 8.55 -2.17
CA ASP A 9 14.24 8.81 -2.38
C ASP A 9 14.79 7.80 -3.40
N GLY A 10 14.00 6.83 -3.79
CA GLY A 10 14.47 5.82 -4.79
C GLY A 10 14.92 4.53 -4.08
N THR A 11 15.09 4.57 -2.79
CA THR A 11 15.54 3.35 -2.06
C THR A 11 14.43 2.30 -2.04
N ARG A 12 14.74 1.10 -2.42
CA ARG A 12 13.72 0.00 -2.45
C ARG A 12 13.89 -0.95 -1.27
N ARG A 13 12.80 -1.34 -0.66
CA ARG A 13 12.83 -2.27 0.51
C ARG A 13 11.88 -3.41 0.19
N GLU A 14 12.37 -4.62 0.16
CA GLU A 14 11.50 -5.78 -0.17
C GLU A 14 11.21 -6.64 1.07
N LEU A 15 9.96 -7.00 1.32
CA LEU A 15 9.63 -7.85 2.52
C LEU A 15 8.90 -9.11 2.06
N ASP A 16 8.74 -10.02 2.98
CA ASP A 16 7.95 -11.24 2.73
C ASP A 16 6.67 -11.04 3.53
N VAL A 17 5.54 -10.91 2.87
CA VAL A 17 4.24 -10.73 3.60
C VAL A 17 3.44 -12.02 3.42
N ALA A 18 3.09 -12.66 4.50
CA ALA A 18 2.36 -13.96 4.40
C ALA A 18 0.96 -13.76 3.81
N ASP A 19 0.39 -14.82 3.33
CA ASP A 19 -0.97 -14.75 2.74
C ASP A 19 -1.95 -14.25 3.78
N GLY A 20 -2.85 -13.43 3.36
CA GLY A 20 -3.88 -12.90 4.30
C GLY A 20 -3.32 -11.71 5.10
N VAL A 21 -2.09 -11.33 4.92
CA VAL A 21 -1.54 -10.18 5.71
C VAL A 21 -1.70 -8.89 4.92
N SER A 22 -1.86 -7.79 5.59
CA SER A 22 -2.01 -6.49 4.87
C SER A 22 -0.62 -5.91 4.58
N LEU A 23 -0.39 -5.42 3.40
CA LEU A 23 0.93 -4.83 3.08
C LEU A 23 1.35 -3.89 4.21
N MET A 24 0.40 -3.27 4.83
CA MET A 24 0.72 -2.33 5.94
C MET A 24 1.19 -3.13 7.15
N GLN A 25 0.63 -4.29 7.38
CA GLN A 25 1.06 -5.11 8.54
C GLN A 25 2.56 -5.39 8.41
N ALA A 26 2.99 -5.98 7.32
CA ALA A 26 4.46 -6.26 7.17
C ALA A 26 5.25 -4.95 7.10
N ALA A 27 4.65 -3.88 6.67
CA ALA A 27 5.40 -2.58 6.60
C ALA A 27 5.78 -2.10 8.00
N VAL A 28 4.80 -1.80 8.81
CA VAL A 28 5.10 -1.29 10.19
C VAL A 28 6.05 -2.26 10.91
N SER A 29 6.14 -3.47 10.44
CA SER A 29 7.04 -4.48 11.10
C SER A 29 8.44 -4.36 10.50
N ASN A 30 8.54 -3.77 9.35
CA ASN A 30 9.86 -3.59 8.71
C ASN A 30 10.23 -2.11 8.77
N GLY A 31 9.52 -1.34 9.53
CA GLY A 31 9.90 0.11 9.69
C GLY A 31 9.67 0.87 8.39
N ILE A 32 8.55 0.70 7.73
CA ILE A 32 8.34 1.39 6.41
C ILE A 32 7.20 2.42 6.43
N TYR A 33 5.98 2.00 6.62
CA TYR A 33 4.86 2.98 6.68
C TYR A 33 4.61 3.47 8.12
N ASP A 34 5.46 3.16 9.05
CA ASP A 34 5.19 3.60 10.44
C ASP A 34 5.03 5.12 10.51
N ILE A 35 6.06 5.79 10.93
CA ILE A 35 6.01 7.28 11.06
C ILE A 35 4.65 7.68 11.64
N VAL A 36 4.29 7.12 12.78
CA VAL A 36 2.98 7.43 13.40
C VAL A 36 1.85 6.97 12.48
N GLY A 37 1.18 5.91 12.83
CA GLY A 37 0.06 5.39 11.98
C GLY A 37 -1.22 6.13 12.30
N ASP A 38 -1.92 6.59 11.30
CA ASP A 38 -3.19 7.33 11.54
C ASP A 38 -4.26 6.37 12.09
N CYS A 39 -4.79 5.50 11.25
CA CYS A 39 -5.86 4.55 11.74
C CYS A 39 -5.25 3.18 12.06
N GLY A 40 -3.95 3.05 11.99
CA GLY A 40 -3.32 1.75 12.31
C GLY A 40 -3.60 0.74 11.20
N GLY A 41 -4.39 1.12 10.22
CA GLY A 41 -4.70 0.19 9.09
C GLY A 41 -6.14 -0.33 9.21
N SER A 42 -7.01 0.45 9.80
CA SER A 42 -8.44 0.00 9.94
C SER A 42 -9.28 0.64 8.84
N ALA A 43 -8.65 1.03 7.76
CA ALA A 43 -9.40 1.65 6.63
C ALA A 43 -10.16 2.88 7.13
N SER A 44 -9.47 3.86 7.65
CA SER A 44 -10.17 5.08 8.16
C SER A 44 -9.28 6.32 7.94
N CYS A 45 -8.31 6.24 7.06
CA CYS A 45 -7.42 7.42 6.82
C CYS A 45 -6.79 7.32 5.43
N ALA A 46 -5.82 8.15 5.16
CA ALA A 46 -5.12 8.13 3.83
C ALA A 46 -3.61 8.02 4.07
N THR A 47 -3.22 7.86 5.31
CA THR A 47 -1.77 7.74 5.62
C THR A 47 -1.15 6.63 4.76
N CYS A 48 -1.92 5.65 4.42
CA CYS A 48 -1.41 4.53 3.59
C CYS A 48 -1.56 4.88 2.10
N HIS A 49 -1.36 6.12 1.76
CA HIS A 49 -1.47 6.54 0.32
C HIS A 49 -0.25 6.00 -0.45
N VAL A 50 -0.44 5.03 -1.33
CA VAL A 50 0.73 4.50 -2.10
C VAL A 50 0.29 4.19 -3.52
N TYR A 51 1.20 3.79 -4.35
CA TYR A 51 0.87 3.46 -5.75
C TYR A 51 1.31 2.01 -6.04
N VAL A 52 0.33 1.16 -6.26
CA VAL A 52 0.63 -0.27 -6.57
C VAL A 52 0.80 -0.44 -8.07
N ASN A 53 1.82 -1.12 -8.49
CA ASN A 53 2.02 -1.32 -9.95
C ASN A 53 0.72 -1.88 -10.53
N GLU A 54 0.13 -1.20 -11.46
CA GLU A 54 -1.16 -1.66 -12.07
C GLU A 54 -1.11 -3.14 -12.45
N ALA A 55 -0.01 -3.81 -12.25
CA ALA A 55 0.06 -5.25 -12.62
C ALA A 55 -0.48 -6.13 -11.49
N PHE A 56 -0.61 -5.64 -10.28
CA PHE A 56 -1.12 -6.47 -9.14
C PHE A 56 -2.44 -5.87 -8.67
N THR A 57 -2.78 -4.72 -9.21
CA THR A 57 -4.04 -4.03 -8.83
C THR A 57 -5.25 -4.79 -9.36
N ASP A 58 -5.19 -5.24 -10.59
CA ASP A 58 -6.35 -5.99 -11.16
C ASP A 58 -6.27 -7.43 -10.71
N LYS A 59 -5.26 -7.75 -9.96
CA LYS A 59 -5.07 -9.14 -9.47
C LYS A 59 -5.58 -9.21 -8.02
N VAL A 60 -5.17 -8.27 -7.22
CA VAL A 60 -5.59 -8.24 -5.78
C VAL A 60 -7.02 -7.63 -5.73
N PRO A 61 -7.81 -7.99 -4.74
CA PRO A 61 -9.24 -7.54 -4.62
C PRO A 61 -9.47 -6.04 -4.94
N ALA A 62 -10.15 -5.77 -6.03
CA ALA A 62 -10.45 -4.38 -6.45
C ALA A 62 -10.81 -3.52 -5.26
N ALA A 63 -10.32 -2.32 -5.28
CA ALA A 63 -10.58 -1.37 -4.18
C ALA A 63 -12.08 -1.11 -4.03
N ASN A 64 -12.57 -1.18 -2.83
CA ASN A 64 -14.05 -1.01 -2.60
C ASN A 64 -14.42 0.48 -2.52
N GLU A 65 -15.70 0.73 -2.48
CA GLU A 65 -16.24 2.12 -2.44
C GLU A 65 -15.69 2.92 -1.25
N ARG A 66 -15.22 2.28 -0.23
CA ARG A 66 -14.68 3.07 0.91
C ARG A 66 -13.41 3.78 0.48
N GLU A 67 -12.65 3.15 -0.37
CA GLU A 67 -11.38 3.76 -0.87
C GLU A 67 -11.69 4.90 -1.84
N ILE A 68 -12.63 4.71 -2.73
CA ILE A 68 -12.94 5.80 -3.70
C ILE A 68 -13.18 7.10 -2.94
N GLY A 69 -13.78 7.03 -1.78
CA GLY A 69 -14.05 8.27 -1.00
C GLY A 69 -12.80 8.70 -0.24
N MET A 70 -12.00 7.78 0.22
CA MET A 70 -10.76 8.17 0.95
C MET A 70 -9.70 8.54 -0.09
N LEU A 71 -9.71 7.87 -1.21
CA LEU A 71 -8.73 8.19 -2.27
C LEU A 71 -8.92 9.64 -2.70
N GLU A 72 -10.11 10.16 -2.58
CA GLU A 72 -10.35 11.57 -2.96
C GLU A 72 -9.89 12.48 -1.81
N CYS A 73 -9.51 11.88 -0.71
CA CYS A 73 -9.07 12.67 0.48
C CYS A 73 -7.55 12.57 0.70
N VAL A 74 -6.80 12.01 -0.22
CA VAL A 74 -5.32 11.91 -0.01
C VAL A 74 -4.68 13.27 -0.15
N THR A 75 -3.46 13.43 0.32
CA THR A 75 -2.78 14.74 0.22
C THR A 75 -1.94 14.85 -1.07
N ALA A 76 -1.47 13.75 -1.63
CA ALA A 76 -0.63 13.86 -2.88
C ALA A 76 -1.52 13.66 -4.12
N GLU A 77 -0.94 13.62 -5.30
CA GLU A 77 -1.71 13.49 -6.57
C GLU A 77 -2.23 12.05 -6.77
N LEU A 78 -3.50 11.89 -7.04
CA LEU A 78 -4.04 10.51 -7.26
C LEU A 78 -3.72 10.00 -8.65
N LYS A 79 -3.66 8.72 -8.74
CA LYS A 79 -3.36 8.04 -10.01
C LYS A 79 -4.58 7.19 -10.39
N PRO A 80 -4.76 6.88 -11.63
CA PRO A 80 -5.91 6.04 -12.05
C PRO A 80 -5.90 4.72 -11.28
N ASN A 81 -4.73 4.23 -10.97
CA ASN A 81 -4.59 2.95 -10.22
C ASN A 81 -4.06 3.21 -8.80
N SER A 82 -4.43 4.32 -8.18
CA SER A 82 -3.96 4.59 -6.79
C SER A 82 -4.46 3.52 -5.85
N ARG A 83 -3.65 3.15 -4.90
CA ARG A 83 -4.06 2.05 -3.96
C ARG A 83 -3.65 2.37 -2.52
N LEU A 84 -4.32 1.75 -1.58
CA LEU A 84 -3.98 1.96 -0.14
C LEU A 84 -3.10 0.79 0.30
N CYS A 85 -2.51 0.86 1.45
CA CYS A 85 -1.58 -0.25 1.91
C CYS A 85 -2.19 -1.09 3.05
N CYS A 86 -3.31 -0.69 3.62
CA CYS A 86 -3.87 -1.47 4.78
C CYS A 86 -5.03 -2.39 4.37
N GLN A 87 -5.64 -2.18 3.23
CA GLN A 87 -6.79 -3.07 2.82
C GLN A 87 -6.36 -4.00 1.67
N ILE A 88 -5.08 -4.19 1.50
CA ILE A 88 -4.57 -5.08 0.40
C ILE A 88 -4.00 -6.37 0.98
N ILE A 89 -4.49 -7.49 0.52
CA ILE A 89 -4.03 -8.83 1.04
C ILE A 89 -2.99 -9.44 0.11
N MET A 90 -1.80 -9.64 0.61
CA MET A 90 -0.74 -10.24 -0.23
C MET A 90 -0.98 -11.73 -0.37
N THR A 91 -0.46 -12.32 -1.41
CA THR A 91 -0.61 -13.78 -1.62
C THR A 91 0.61 -14.29 -2.38
N PRO A 92 1.04 -15.50 -2.15
CA PRO A 92 2.23 -16.06 -2.84
C PRO A 92 2.08 -15.98 -4.37
N GLU A 93 0.93 -16.31 -4.88
CA GLU A 93 0.77 -16.25 -6.36
C GLU A 93 1.09 -14.83 -6.86
N LEU A 94 0.73 -13.82 -6.11
CA LEU A 94 1.00 -12.42 -6.57
C LEU A 94 2.39 -11.97 -6.09
N ASP A 95 3.24 -12.90 -5.78
CA ASP A 95 4.60 -12.53 -5.31
C ASP A 95 5.31 -11.65 -6.36
N GLY A 96 6.03 -10.65 -5.92
CA GLY A 96 6.79 -9.75 -6.86
C GLY A 96 6.11 -8.37 -6.95
N ILE A 97 5.02 -8.19 -6.26
CA ILE A 97 4.27 -6.88 -6.37
C ILE A 97 5.17 -5.67 -6.13
N VAL A 98 5.04 -4.65 -6.97
CA VAL A 98 5.88 -3.42 -6.81
C VAL A 98 5.01 -2.28 -6.28
N VAL A 99 5.30 -1.81 -5.09
CA VAL A 99 4.50 -0.69 -4.49
C VAL A 99 5.31 0.60 -4.57
N ASP A 100 4.71 1.63 -5.08
CA ASP A 100 5.41 2.94 -5.21
C ASP A 100 4.92 3.90 -4.12
N VAL A 101 5.83 4.38 -3.31
CA VAL A 101 5.47 5.31 -2.20
C VAL A 101 5.93 6.75 -2.56
N PRO A 102 5.07 7.73 -2.40
CA PRO A 102 5.42 9.16 -2.72
C PRO A 102 6.17 9.87 -1.58
N ASP A 103 6.43 11.14 -1.78
CA ASP A 103 7.11 11.96 -0.73
C ASP A 103 6.02 12.55 0.16
N ARG A 104 4.81 12.50 -0.32
CA ARG A 104 3.64 13.02 0.44
C ARG A 104 2.69 11.86 0.65
N GLN A 105 2.55 11.36 1.86
CA GLN A 105 1.61 10.22 2.09
C GLN A 105 0.71 10.57 3.29
N TRP A 106 1.27 11.31 4.23
CA TRP A 106 0.50 11.71 5.46
C TRP A 106 0.36 10.48 6.36
FE1 FES B . -5.47 4.24 7.62
FE2 FES B . -5.02 2.68 5.45
S1 FES B . -6.81 3.87 5.91
S2 FES B . -3.68 3.03 7.17
N SER A 1 4.73 -14.04 0.11
CA SER A 1 4.91 -13.48 -1.27
C SER A 1 6.02 -12.44 -1.26
N LYS A 2 6.57 -12.12 -2.41
CA LYS A 2 7.64 -11.11 -2.45
C LYS A 2 6.98 -9.74 -2.56
N VAL A 3 7.26 -8.85 -1.67
CA VAL A 3 6.63 -7.51 -1.73
C VAL A 3 7.74 -6.47 -1.81
N VAL A 4 7.71 -5.62 -2.81
CA VAL A 4 8.78 -4.59 -2.95
C VAL A 4 8.19 -3.20 -2.72
N TYR A 5 8.85 -2.43 -1.91
CA TYR A 5 8.42 -1.04 -1.62
C TYR A 5 9.41 -0.08 -2.26
N VAL A 6 8.98 0.74 -3.19
CA VAL A 6 9.91 1.73 -3.81
C VAL A 6 9.67 3.06 -3.12
N SER A 7 10.66 3.53 -2.43
CA SER A 7 10.50 4.80 -1.68
C SER A 7 10.55 6.00 -2.60
N HIS A 8 10.41 7.15 -2.03
CA HIS A 8 10.47 8.41 -2.82
C HIS A 8 11.93 8.70 -3.11
N ASP A 9 12.76 8.55 -2.12
CA ASP A 9 14.22 8.82 -2.32
C ASP A 9 14.78 7.80 -3.32
N GLY A 10 14.02 6.83 -3.72
CA GLY A 10 14.52 5.82 -4.72
C GLY A 10 14.98 4.55 -4.00
N THR A 11 15.16 4.60 -2.71
CA THR A 11 15.61 3.39 -1.97
C THR A 11 14.50 2.33 -1.97
N ARG A 12 14.85 1.13 -2.32
CA ARG A 12 13.85 0.01 -2.38
C ARG A 12 13.98 -0.91 -1.17
N ARG A 13 12.86 -1.29 -0.58
CA ARG A 13 12.88 -2.23 0.58
C ARG A 13 11.86 -3.32 0.28
N GLU A 14 12.26 -4.57 0.36
CA GLU A 14 11.33 -5.68 0.03
C GLU A 14 11.10 -6.60 1.24
N LEU A 15 9.88 -7.03 1.47
CA LEU A 15 9.57 -7.94 2.63
C LEU A 15 8.82 -9.16 2.14
N ASP A 16 8.60 -10.06 3.06
CA ASP A 16 7.80 -11.26 2.78
C ASP A 16 6.48 -11.04 3.53
N VAL A 17 5.38 -10.91 2.83
CA VAL A 17 4.06 -10.73 3.51
C VAL A 17 3.25 -12.01 3.31
N ALA A 18 2.86 -12.64 4.38
CA ALA A 18 2.11 -13.92 4.28
C ALA A 18 0.70 -13.71 3.71
N ASP A 19 0.12 -14.77 3.24
CA ASP A 19 -1.24 -14.70 2.67
C ASP A 19 -2.21 -14.18 3.73
N GLY A 20 -3.08 -13.31 3.32
CA GLY A 20 -4.08 -12.76 4.26
C GLY A 20 -3.52 -11.57 5.05
N VAL A 21 -2.27 -11.20 4.88
CA VAL A 21 -1.73 -10.05 5.67
C VAL A 21 -1.84 -8.77 4.83
N SER A 22 -2.01 -7.65 5.48
CA SER A 22 -2.12 -6.36 4.72
C SER A 22 -0.71 -5.79 4.52
N LEU A 23 -0.43 -5.25 3.37
CA LEU A 23 0.93 -4.67 3.15
C LEU A 23 1.26 -3.75 4.32
N MET A 24 0.28 -3.09 4.86
CA MET A 24 0.53 -2.17 6.00
C MET A 24 0.98 -3.00 7.21
N GLN A 25 0.41 -4.16 7.40
CA GLN A 25 0.82 -5.00 8.57
C GLN A 25 2.31 -5.33 8.48
N ALA A 26 2.76 -5.91 7.40
CA ALA A 26 4.21 -6.24 7.28
C ALA A 26 5.07 -4.98 7.23
N ALA A 27 4.56 -3.88 6.74
CA ALA A 27 5.38 -2.63 6.68
C ALA A 27 5.71 -2.16 8.10
N VAL A 28 4.70 -1.96 8.92
CA VAL A 28 4.96 -1.48 10.32
C VAL A 28 5.89 -2.46 11.03
N SER A 29 6.00 -3.66 10.55
CA SER A 29 6.88 -4.66 11.19
C SER A 29 8.29 -4.54 10.62
N ASN A 30 8.41 -3.92 9.47
CA ASN A 30 9.75 -3.72 8.85
C ASN A 30 10.08 -2.24 8.91
N GLY A 31 9.31 -1.47 9.65
CA GLY A 31 9.66 -0.02 9.81
C GLY A 31 9.47 0.76 8.52
N ILE A 32 8.37 0.60 7.82
CA ILE A 32 8.20 1.34 6.50
C ILE A 32 7.08 2.36 6.52
N TYR A 33 5.85 1.95 6.69
CA TYR A 33 4.71 2.92 6.74
C TYR A 33 4.45 3.38 8.18
N ASP A 34 5.28 3.04 9.11
CA ASP A 34 5.01 3.47 10.51
C ASP A 34 4.84 4.97 10.54
N ILE A 35 5.88 5.67 10.91
CA ILE A 35 5.83 7.17 11.00
C ILE A 35 4.42 7.61 11.43
N VAL A 36 4.18 7.69 12.73
CA VAL A 36 2.83 8.07 13.27
C VAL A 36 1.71 7.67 12.30
N GLY A 37 1.17 6.48 12.47
CA GLY A 37 0.08 6.01 11.55
C GLY A 37 -1.26 6.59 12.01
N ASP A 38 -2.09 7.02 11.09
CA ASP A 38 -3.40 7.59 11.47
C ASP A 38 -4.30 6.49 12.04
N CYS A 39 -4.79 5.59 11.22
CA CYS A 39 -5.69 4.50 11.73
C CYS A 39 -4.87 3.24 12.03
N GLY A 40 -3.59 3.25 11.74
CA GLY A 40 -2.76 2.05 12.02
C GLY A 40 -3.06 0.92 11.02
N GLY A 41 -3.92 1.18 10.06
CA GLY A 41 -4.24 0.13 9.04
C GLY A 41 -5.64 -0.45 9.30
N SER A 42 -6.50 0.30 9.93
CA SER A 42 -7.88 -0.19 10.21
C SER A 42 -8.83 0.35 9.14
N ALA A 43 -8.30 0.79 8.04
CA ALA A 43 -9.17 1.33 6.94
C ALA A 43 -9.98 2.51 7.46
N SER A 44 -9.33 3.55 7.94
CA SER A 44 -10.09 4.73 8.46
C SER A 44 -9.29 6.01 8.19
N CYS A 45 -8.35 5.97 7.29
CA CYS A 45 -7.55 7.20 6.99
C CYS A 45 -7.00 7.13 5.56
N ALA A 46 -6.10 8.01 5.23
CA ALA A 46 -5.51 8.03 3.85
C ALA A 46 -3.98 8.14 3.97
N THR A 47 -3.45 7.97 5.15
CA THR A 47 -1.97 8.06 5.32
C THR A 47 -1.29 6.95 4.53
N CYS A 48 -1.98 5.87 4.30
CA CYS A 48 -1.39 4.72 3.55
C CYS A 48 -1.50 4.97 2.03
N HIS A 49 -1.34 6.20 1.61
CA HIS A 49 -1.44 6.54 0.16
C HIS A 49 -0.20 6.01 -0.58
N VAL A 50 -0.36 5.04 -1.47
CA VAL A 50 0.82 4.50 -2.23
C VAL A 50 0.39 4.20 -3.65
N TYR A 51 1.33 3.81 -4.48
CA TYR A 51 1.02 3.49 -5.90
C TYR A 51 1.44 2.04 -6.18
N VAL A 52 0.46 1.21 -6.43
CA VAL A 52 0.74 -0.24 -6.72
C VAL A 52 0.92 -0.41 -8.23
N ASN A 53 1.95 -1.08 -8.64
CA ASN A 53 2.13 -1.30 -10.10
C ASN A 53 0.83 -1.85 -10.66
N GLU A 54 0.23 -1.17 -11.60
CA GLU A 54 -1.07 -1.62 -12.18
C GLU A 54 -1.03 -3.10 -12.58
N ALA A 55 0.05 -3.80 -12.34
CA ALA A 55 0.12 -5.24 -12.72
C ALA A 55 -0.43 -6.15 -11.59
N PHE A 56 -0.56 -5.66 -10.38
CA PHE A 56 -1.06 -6.50 -9.25
C PHE A 56 -2.38 -5.89 -8.75
N THR A 57 -2.70 -4.72 -9.24
CA THR A 57 -3.96 -4.03 -8.82
C THR A 57 -5.18 -4.78 -9.35
N ASP A 58 -5.13 -5.22 -10.57
CA ASP A 58 -6.28 -5.94 -11.16
C ASP A 58 -6.23 -7.39 -10.72
N LYS A 59 -5.20 -7.75 -10.01
CA LYS A 59 -5.04 -9.14 -9.53
C LYS A 59 -5.51 -9.20 -8.08
N VAL A 60 -5.10 -8.25 -7.29
CA VAL A 60 -5.51 -8.23 -5.85
C VAL A 60 -6.95 -7.68 -5.80
N PRO A 61 -7.72 -8.10 -4.83
CA PRO A 61 -9.17 -7.70 -4.70
C PRO A 61 -9.43 -6.20 -4.92
N ALA A 62 -10.16 -5.89 -5.96
CA ALA A 62 -10.50 -4.50 -6.30
C ALA A 62 -10.91 -3.72 -5.06
N ALA A 63 -10.52 -2.50 -5.03
CA ALA A 63 -10.83 -1.60 -3.89
C ALA A 63 -12.34 -1.27 -3.83
N ASN A 64 -12.91 -1.32 -2.66
CA ASN A 64 -14.37 -1.05 -2.52
C ASN A 64 -14.64 0.46 -2.47
N GLU A 65 -15.90 0.83 -2.56
CA GLU A 65 -16.29 2.28 -2.54
C GLU A 65 -15.80 3.02 -1.31
N ARG A 66 -15.41 2.34 -0.27
CA ARG A 66 -14.95 3.08 0.93
C ARG A 66 -13.51 3.57 0.70
N GLU A 67 -12.73 2.78 0.03
CA GLU A 67 -11.32 3.15 -0.25
C GLU A 67 -11.26 4.32 -1.25
N ILE A 68 -12.08 4.25 -2.26
CA ILE A 68 -12.10 5.34 -3.29
C ILE A 68 -12.45 6.68 -2.66
N GLY A 69 -13.23 6.69 -1.60
CA GLY A 69 -13.63 7.98 -0.97
C GLY A 69 -12.50 8.54 -0.09
N MET A 70 -11.75 7.70 0.55
CA MET A 70 -10.60 8.20 1.38
C MET A 70 -9.43 8.46 0.44
N LEU A 71 -9.31 7.67 -0.59
CA LEU A 71 -8.21 7.86 -1.55
C LEU A 71 -8.36 9.24 -2.19
N GLU A 72 -9.56 9.73 -2.31
CA GLU A 72 -9.76 11.07 -2.90
C GLU A 72 -9.38 12.11 -1.84
N CYS A 73 -9.03 11.63 -0.67
CA CYS A 73 -8.65 12.54 0.46
C CYS A 73 -7.14 12.45 0.72
N VAL A 74 -6.37 11.89 -0.18
CA VAL A 74 -4.89 11.82 0.07
C VAL A 74 -4.26 13.19 -0.11
N THR A 75 -3.05 13.36 0.33
CA THR A 75 -2.38 14.67 0.21
C THR A 75 -1.65 14.80 -1.14
N ALA A 76 -1.29 13.71 -1.77
CA ALA A 76 -0.58 13.79 -3.08
C ALA A 76 -1.56 13.58 -4.25
N GLU A 77 -1.05 13.57 -5.46
CA GLU A 77 -1.92 13.40 -6.66
C GLU A 77 -2.44 11.98 -6.76
N LEU A 78 -3.72 11.79 -6.95
CA LEU A 78 -4.25 10.40 -7.05
C LEU A 78 -4.13 9.89 -8.47
N LYS A 79 -3.88 8.61 -8.57
CA LYS A 79 -3.70 7.95 -9.88
C LYS A 79 -4.92 7.08 -10.17
N PRO A 80 -5.16 6.74 -11.41
CA PRO A 80 -6.28 5.86 -11.77
C PRO A 80 -6.12 4.52 -11.03
N ASN A 81 -4.88 4.11 -10.83
CA ASN A 81 -4.59 2.82 -10.13
C ASN A 81 -3.99 3.10 -8.75
N SER A 82 -4.25 4.24 -8.16
CA SER A 82 -3.73 4.51 -6.79
C SER A 82 -4.42 3.58 -5.80
N ARG A 83 -3.74 3.19 -4.75
CA ARG A 83 -4.37 2.24 -3.77
C ARG A 83 -3.96 2.61 -2.34
N LEU A 84 -4.24 1.70 -1.44
CA LEU A 84 -3.92 1.90 0.01
C LEU A 84 -3.03 0.73 0.45
N CYS A 85 -2.21 0.93 1.42
CA CYS A 85 -1.29 -0.17 1.88
C CYS A 85 -1.93 -1.03 2.97
N CYS A 86 -3.12 -0.70 3.44
CA CYS A 86 -3.75 -1.51 4.54
C CYS A 86 -4.98 -2.28 4.05
N GLN A 87 -5.49 -1.97 2.88
CA GLN A 87 -6.70 -2.73 2.36
C GLN A 87 -6.27 -3.71 1.27
N ILE A 88 -4.97 -3.97 1.17
CA ILE A 88 -4.45 -4.91 0.12
C ILE A 88 -3.94 -6.20 0.77
N ILE A 89 -4.45 -7.32 0.34
CA ILE A 89 -4.03 -8.65 0.89
C ILE A 89 -3.01 -9.32 -0.03
N MET A 90 -1.84 -9.59 0.47
CA MET A 90 -0.79 -10.22 -0.37
C MET A 90 -1.06 -11.71 -0.55
N THR A 91 -0.54 -12.27 -1.60
CA THR A 91 -0.70 -13.73 -1.88
C THR A 91 0.56 -14.20 -2.61
N PRO A 92 0.95 -15.44 -2.44
CA PRO A 92 2.17 -15.97 -3.12
C PRO A 92 2.06 -15.86 -4.66
N GLU A 93 0.90 -16.11 -5.21
CA GLU A 93 0.78 -16.01 -6.70
C GLU A 93 1.08 -14.56 -7.12
N LEU A 94 0.71 -13.63 -6.28
CA LEU A 94 0.92 -12.19 -6.60
C LEU A 94 2.30 -11.75 -6.10
N ASP A 95 3.12 -12.69 -5.76
CA ASP A 95 4.49 -12.36 -5.28
C ASP A 95 5.23 -11.53 -6.34
N GLY A 96 5.99 -10.56 -5.90
CA GLY A 96 6.78 -9.70 -6.84
C GLY A 96 6.13 -8.32 -6.94
N ILE A 97 5.03 -8.12 -6.27
CA ILE A 97 4.29 -6.83 -6.39
C ILE A 97 5.21 -5.63 -6.14
N VAL A 98 5.12 -4.64 -7.01
CA VAL A 98 5.99 -3.42 -6.86
C VAL A 98 5.13 -2.26 -6.35
N VAL A 99 5.38 -1.84 -5.14
CA VAL A 99 4.59 -0.71 -4.54
C VAL A 99 5.39 0.59 -4.61
N ASP A 100 4.82 1.60 -5.15
CA ASP A 100 5.52 2.92 -5.27
C ASP A 100 5.01 3.88 -4.19
N VAL A 101 5.89 4.35 -3.36
CA VAL A 101 5.51 5.28 -2.26
C VAL A 101 5.99 6.72 -2.60
N PRO A 102 5.12 7.71 -2.50
CA PRO A 102 5.49 9.13 -2.81
C PRO A 102 6.20 9.84 -1.64
N ASP A 103 6.41 11.12 -1.81
CA ASP A 103 7.05 11.95 -0.74
C ASP A 103 5.93 12.51 0.14
N ARG A 104 4.73 12.48 -0.38
CA ARG A 104 3.54 12.99 0.36
C ARG A 104 2.59 11.82 0.54
N GLN A 105 2.41 11.31 1.73
CA GLN A 105 1.48 10.15 1.92
C GLN A 105 0.34 10.59 2.85
N TRP A 106 0.53 11.68 3.54
CA TRP A 106 -0.52 12.19 4.47
C TRP A 106 -1.85 12.29 3.72
FE1 FES B . -5.39 4.15 7.62
FE2 FES B . -4.91 2.68 5.43
S1 FES B . -6.75 3.76 5.95
S2 FES B . -3.57 3.01 7.13
N SER A 1 5.10 -13.99 0.02
CA SER A 1 5.00 -13.22 -1.26
C SER A 1 6.08 -12.14 -1.29
N LYS A 2 6.59 -11.82 -2.45
CA LYS A 2 7.64 -10.78 -2.54
C LYS A 2 6.98 -9.41 -2.63
N VAL A 3 7.17 -8.56 -1.67
CA VAL A 3 6.57 -7.20 -1.71
C VAL A 3 7.69 -6.21 -1.88
N VAL A 4 7.69 -5.44 -2.93
CA VAL A 4 8.76 -4.43 -3.13
C VAL A 4 8.19 -3.04 -2.80
N TYR A 5 8.83 -2.38 -1.89
CA TYR A 5 8.42 -1.00 -1.51
C TYR A 5 9.40 -0.05 -2.19
N VAL A 6 8.92 0.73 -3.12
CA VAL A 6 9.83 1.72 -3.79
C VAL A 6 9.58 3.06 -3.12
N SER A 7 10.53 3.51 -2.38
CA SER A 7 10.34 4.78 -1.64
C SER A 7 10.49 5.97 -2.58
N HIS A 8 10.45 7.14 -2.01
CA HIS A 8 10.57 8.37 -2.82
C HIS A 8 12.06 8.60 -3.10
N ASP A 9 12.88 8.44 -2.11
CA ASP A 9 14.34 8.65 -2.31
C ASP A 9 14.89 7.62 -3.31
N GLY A 10 14.10 6.66 -3.72
CA GLY A 10 14.58 5.65 -4.71
C GLY A 10 15.01 4.36 -4.00
N THR A 11 15.17 4.40 -2.71
CA THR A 11 15.61 3.17 -1.98
C THR A 11 14.53 2.09 -2.10
N ARG A 12 14.91 0.93 -2.53
CA ARG A 12 13.94 -0.20 -2.70
C ARG A 12 14.11 -1.20 -1.55
N ARG A 13 13.03 -1.67 -1.00
CA ARG A 13 13.09 -2.68 0.11
C ARG A 13 12.15 -3.82 -0.25
N GLU A 14 12.64 -5.03 -0.26
CA GLU A 14 11.78 -6.20 -0.60
C GLU A 14 11.42 -6.97 0.66
N LEU A 15 10.16 -7.20 0.85
CA LEU A 15 9.66 -7.88 2.06
C LEU A 15 9.00 -9.22 1.74
N ASP A 16 8.90 -10.04 2.74
CA ASP A 16 8.18 -11.33 2.62
C ASP A 16 6.90 -11.16 3.44
N VAL A 17 5.76 -11.12 2.81
CA VAL A 17 4.47 -10.96 3.54
C VAL A 17 3.62 -12.23 3.36
N ALA A 18 3.19 -12.81 4.45
CA ALA A 18 2.40 -14.08 4.37
C ALA A 18 1.01 -13.81 3.78
N ASP A 19 0.38 -14.86 3.33
CA ASP A 19 -0.97 -14.74 2.74
C ASP A 19 -1.96 -14.23 3.77
N GLY A 20 -2.86 -13.42 3.32
CA GLY A 20 -3.90 -12.85 4.22
C GLY A 20 -3.35 -11.68 5.04
N VAL A 21 -2.09 -11.34 4.89
CA VAL A 21 -1.53 -10.21 5.69
C VAL A 21 -1.64 -8.92 4.89
N SER A 22 -1.79 -7.80 5.55
CA SER A 22 -1.89 -6.51 4.83
C SER A 22 -0.50 -5.88 4.76
N LEU A 23 -0.20 -5.23 3.67
CA LEU A 23 1.15 -4.58 3.54
C LEU A 23 1.39 -3.68 4.75
N MET A 24 0.33 -3.30 5.41
CA MET A 24 0.47 -2.42 6.60
C MET A 24 0.92 -3.26 7.81
N GLN A 25 0.66 -4.54 7.78
CA GLN A 25 1.06 -5.40 8.92
C GLN A 25 2.56 -5.73 8.82
N ALA A 26 3.00 -6.26 7.72
CA ALA A 26 4.47 -6.60 7.61
C ALA A 26 5.33 -5.35 7.51
N ALA A 27 4.81 -4.25 7.02
CA ALA A 27 5.66 -3.03 6.90
C ALA A 27 5.95 -2.43 8.27
N VAL A 28 5.05 -2.57 9.21
CA VAL A 28 5.27 -1.98 10.58
C VAL A 28 6.28 -2.84 11.34
N SER A 29 6.43 -4.07 10.96
CA SER A 29 7.36 -4.98 11.67
C SER A 29 8.75 -4.84 11.09
N ASN A 30 8.84 -4.23 9.94
CA ASN A 30 10.15 -4.03 9.28
C ASN A 30 10.52 -2.55 9.34
N GLY A 31 9.81 -1.77 10.12
CA GLY A 31 10.21 -0.34 10.25
C GLY A 31 9.98 0.42 8.94
N ILE A 32 8.95 0.11 8.20
CA ILE A 32 8.70 0.79 6.89
C ILE A 32 7.45 1.65 6.94
N TYR A 33 6.44 1.21 7.59
CA TYR A 33 5.16 1.98 7.60
C TYR A 33 5.28 3.30 8.37
N ASP A 34 6.46 3.77 8.71
CA ASP A 34 6.61 5.05 9.51
C ASP A 34 5.80 6.20 8.86
N ILE A 35 4.60 5.92 8.48
CA ILE A 35 3.71 6.93 7.85
C ILE A 35 2.64 7.35 8.86
N VAL A 36 2.82 6.98 10.10
CA VAL A 36 1.84 7.36 11.14
C VAL A 36 0.45 6.87 10.74
N GLY A 37 0.18 5.60 10.93
CA GLY A 37 -1.16 5.07 10.56
C GLY A 37 -2.21 5.61 11.53
N ASP A 38 -3.04 6.51 11.07
CA ASP A 38 -4.08 7.09 11.97
C ASP A 38 -5.11 6.01 12.33
N CYS A 39 -5.84 5.53 11.37
CA CYS A 39 -6.87 4.49 11.66
C CYS A 39 -6.18 3.19 12.13
N GLY A 40 -4.88 3.15 12.08
CA GLY A 40 -4.16 1.93 12.52
C GLY A 40 -4.37 0.80 11.50
N GLY A 41 -4.98 1.09 10.38
CA GLY A 41 -5.22 0.04 9.35
C GLY A 41 -6.67 -0.40 9.36
N SER A 42 -7.56 0.41 9.89
CA SER A 42 -9.00 0.05 9.94
C SER A 42 -9.73 0.72 8.77
N ALA A 43 -8.99 1.11 7.76
CA ALA A 43 -9.63 1.77 6.59
C ALA A 43 -10.45 2.98 7.05
N SER A 44 -9.80 3.96 7.63
CA SER A 44 -10.55 5.16 8.09
C SER A 44 -9.65 6.41 7.99
N CYS A 45 -8.58 6.33 7.24
CA CYS A 45 -7.67 7.52 7.10
C CYS A 45 -7.05 7.54 5.70
N ALA A 46 -6.06 8.38 5.51
CA ALA A 46 -5.39 8.48 4.18
C ALA A 46 -3.87 8.50 4.38
N THR A 47 -3.40 7.96 5.47
CA THR A 47 -1.94 7.94 5.71
C THR A 47 -1.29 6.84 4.86
N CYS A 48 -2.05 5.86 4.46
CA CYS A 48 -1.50 4.75 3.63
C CYS A 48 -1.62 5.08 2.13
N HIS A 49 -1.41 6.32 1.76
CA HIS A 49 -1.51 6.71 0.31
C HIS A 49 -0.28 6.16 -0.45
N VAL A 50 -0.48 5.22 -1.36
CA VAL A 50 0.68 4.70 -2.13
C VAL A 50 0.23 4.34 -3.55
N TYR A 51 1.14 3.93 -4.37
CA TYR A 51 0.81 3.59 -5.77
C TYR A 51 1.22 2.13 -6.05
N VAL A 52 0.24 1.31 -6.31
CA VAL A 52 0.50 -0.12 -6.61
C VAL A 52 0.70 -0.28 -8.11
N ASN A 53 1.74 -0.96 -8.52
CA ASN A 53 1.95 -1.14 -9.98
C ASN A 53 0.64 -1.65 -10.60
N GLU A 54 0.11 -0.93 -11.55
CA GLU A 54 -1.19 -1.33 -12.17
C GLU A 54 -1.19 -2.81 -12.57
N ALA A 55 -0.12 -3.52 -12.38
CA ALA A 55 -0.11 -4.96 -12.78
C ALA A 55 -0.58 -5.86 -11.63
N PHE A 56 -0.67 -5.37 -10.42
CA PHE A 56 -1.12 -6.20 -9.26
C PHE A 56 -2.46 -5.65 -8.77
N THR A 57 -2.86 -4.54 -9.32
CA THR A 57 -4.14 -3.88 -8.92
C THR A 57 -5.34 -4.65 -9.46
N ASP A 58 -5.24 -5.17 -10.65
CA ASP A 58 -6.41 -5.92 -11.22
C ASP A 58 -6.37 -7.38 -10.81
N LYS A 59 -5.37 -7.75 -10.05
CA LYS A 59 -5.26 -9.16 -9.60
C LYS A 59 -5.61 -9.26 -8.11
N VAL A 60 -5.07 -8.36 -7.33
CA VAL A 60 -5.37 -8.37 -5.87
C VAL A 60 -6.84 -7.90 -5.72
N PRO A 61 -7.48 -8.12 -4.58
CA PRO A 61 -8.93 -7.77 -4.41
C PRO A 61 -9.25 -6.27 -4.62
N ALA A 62 -10.04 -6.01 -5.63
CA ALA A 62 -10.46 -4.62 -5.96
C ALA A 62 -10.74 -3.83 -4.70
N ALA A 63 -10.19 -2.67 -4.65
CA ALA A 63 -10.39 -1.76 -3.49
C ALA A 63 -11.89 -1.52 -3.24
N ASN A 64 -12.26 -1.41 -1.99
CA ASN A 64 -13.71 -1.21 -1.65
C ASN A 64 -14.06 0.28 -1.73
N GLU A 65 -15.33 0.56 -1.83
CA GLU A 65 -15.81 1.97 -1.94
C GLU A 65 -15.33 2.81 -0.75
N ARG A 66 -14.94 2.20 0.34
CA ARG A 66 -14.46 3.02 1.49
C ARG A 66 -13.11 3.64 1.12
N GLU A 67 -12.31 2.92 0.38
CA GLU A 67 -10.97 3.46 -0.03
C GLU A 67 -11.12 4.52 -1.11
N ILE A 68 -11.98 4.31 -2.06
CA ILE A 68 -12.15 5.34 -3.14
C ILE A 68 -12.41 6.70 -2.51
N GLY A 69 -13.10 6.72 -1.39
CA GLY A 69 -13.39 8.03 -0.73
C GLY A 69 -12.20 8.47 0.11
N MET A 70 -11.48 7.56 0.72
CA MET A 70 -10.29 7.96 1.52
C MET A 70 -9.12 8.17 0.56
N LEU A 71 -9.10 7.40 -0.49
CA LEU A 71 -8.01 7.49 -1.49
C LEU A 71 -8.14 8.82 -2.22
N GLU A 72 -9.34 9.33 -2.37
CA GLU A 72 -9.52 10.64 -3.04
C GLU A 72 -9.18 11.74 -2.02
N CYS A 73 -8.89 11.33 -0.80
CA CYS A 73 -8.57 12.31 0.28
C CYS A 73 -7.06 12.33 0.59
N VAL A 74 -6.23 11.76 -0.24
CA VAL A 74 -4.77 11.78 0.05
C VAL A 74 -4.20 13.16 -0.32
N THR A 75 -2.95 13.43 0.01
CA THR A 75 -2.38 14.80 -0.28
C THR A 75 -1.52 14.81 -1.54
N ALA A 76 -1.06 13.69 -2.04
CA ALA A 76 -0.21 13.73 -3.29
C ALA A 76 -1.12 13.58 -4.52
N GLU A 77 -0.53 13.54 -5.68
CA GLU A 77 -1.32 13.47 -6.95
C GLU A 77 -1.96 12.08 -7.12
N LEU A 78 -3.23 12.02 -7.39
CA LEU A 78 -3.88 10.69 -7.58
C LEU A 78 -3.46 10.10 -8.91
N LYS A 79 -3.69 8.84 -9.04
CA LYS A 79 -3.32 8.11 -10.28
C LYS A 79 -4.54 7.28 -10.68
N PRO A 80 -4.65 6.91 -11.93
CA PRO A 80 -5.79 6.10 -12.38
C PRO A 80 -5.92 4.86 -11.49
N ASN A 81 -4.81 4.34 -11.04
CA ASN A 81 -4.80 3.14 -10.16
C ASN A 81 -4.23 3.49 -8.77
N SER A 82 -4.54 4.66 -8.25
CA SER A 82 -4.08 5.03 -6.90
C SER A 82 -4.81 4.15 -5.88
N ARG A 83 -4.14 3.70 -4.86
CA ARG A 83 -4.84 2.79 -3.88
C ARG A 83 -4.23 2.92 -2.50
N LEU A 84 -4.93 2.46 -1.50
CA LEU A 84 -4.40 2.50 -0.12
C LEU A 84 -3.57 1.24 0.12
N CYS A 85 -2.77 1.21 1.16
CA CYS A 85 -1.89 0.01 1.42
C CYS A 85 -2.40 -0.83 2.60
N CYS A 86 -3.35 -0.35 3.37
CA CYS A 86 -3.81 -1.17 4.54
C CYS A 86 -4.87 -2.18 4.10
N GLN A 87 -5.61 -1.91 3.05
CA GLN A 87 -6.66 -2.88 2.60
C GLN A 87 -6.10 -3.79 1.48
N ILE A 88 -4.81 -3.78 1.30
CA ILE A 88 -4.18 -4.65 0.24
C ILE A 88 -3.67 -5.94 0.89
N ILE A 89 -4.19 -7.08 0.47
CA ILE A 89 -3.78 -8.40 1.07
C ILE A 89 -2.75 -9.10 0.19
N MET A 90 -1.58 -9.37 0.70
CA MET A 90 -0.56 -10.05 -0.14
C MET A 90 -0.88 -11.53 -0.28
N THR A 91 -0.42 -12.11 -1.35
CA THR A 91 -0.65 -13.56 -1.59
C THR A 91 0.53 -14.08 -2.42
N PRO A 92 0.89 -15.33 -2.27
CA PRO A 92 2.04 -15.90 -3.03
C PRO A 92 1.88 -15.74 -4.54
N GLU A 93 0.71 -15.96 -5.06
CA GLU A 93 0.51 -15.83 -6.52
C GLU A 93 0.90 -14.41 -6.98
N LEU A 94 0.59 -13.40 -6.19
CA LEU A 94 0.94 -12.01 -6.61
C LEU A 94 2.34 -11.66 -6.10
N ASP A 95 3.12 -12.64 -5.74
CA ASP A 95 4.48 -12.34 -5.22
C ASP A 95 5.22 -11.47 -6.26
N GLY A 96 5.95 -10.49 -5.81
CA GLY A 96 6.73 -9.60 -6.73
C GLY A 96 6.05 -8.23 -6.87
N ILE A 97 4.95 -8.03 -6.21
CA ILE A 97 4.21 -6.74 -6.35
C ILE A 97 5.11 -5.53 -6.12
N VAL A 98 5.02 -4.53 -6.98
CA VAL A 98 5.88 -3.31 -6.82
C VAL A 98 5.02 -2.16 -6.27
N VAL A 99 5.29 -1.73 -5.05
CA VAL A 99 4.51 -0.62 -4.44
C VAL A 99 5.29 0.69 -4.56
N ASP A 100 4.69 1.69 -5.10
CA ASP A 100 5.37 3.01 -5.25
C ASP A 100 4.86 3.95 -4.16
N VAL A 101 5.75 4.35 -3.27
CA VAL A 101 5.36 5.27 -2.16
C VAL A 101 5.87 6.70 -2.47
N PRO A 102 5.03 7.71 -2.37
CA PRO A 102 5.42 9.13 -2.68
C PRO A 102 6.17 9.84 -1.54
N ASP A 103 6.44 11.10 -1.75
CA ASP A 103 7.11 11.93 -0.73
C ASP A 103 6.05 12.53 0.18
N ARG A 104 4.82 12.50 -0.27
CA ARG A 104 3.68 13.04 0.53
C ARG A 104 2.69 11.90 0.74
N GLN A 105 2.46 11.44 1.93
CA GLN A 105 1.49 10.33 2.14
C GLN A 105 0.43 10.81 3.13
N TRP A 106 0.79 11.80 3.91
CA TRP A 106 -0.16 12.36 4.91
C TRP A 106 -0.47 11.28 5.96
FE1 FES B . -5.80 4.23 7.71
FE2 FES B . -5.18 2.83 5.49
S1 FES B . -7.01 4.01 5.87
S2 FES B . -4.02 2.99 7.34
N SER A 1 4.89 -14.37 -0.19
CA SER A 1 4.86 -13.60 -1.46
C SER A 1 6.00 -12.58 -1.46
N LYS A 2 6.52 -12.25 -2.61
CA LYS A 2 7.62 -11.27 -2.66
C LYS A 2 7.00 -9.88 -2.73
N VAL A 3 7.30 -9.03 -1.81
CA VAL A 3 6.72 -7.66 -1.83
C VAL A 3 7.84 -6.65 -1.95
N VAL A 4 7.80 -5.81 -2.94
CA VAL A 4 8.85 -4.78 -3.11
C VAL A 4 8.25 -3.40 -2.85
N TYR A 5 8.92 -2.64 -2.03
CA TYR A 5 8.47 -1.25 -1.71
C TYR A 5 9.45 -0.28 -2.37
N VAL A 6 8.98 0.57 -3.24
CA VAL A 6 9.91 1.58 -3.87
C VAL A 6 9.71 2.89 -3.14
N SER A 7 10.69 3.29 -2.38
CA SER A 7 10.56 4.54 -1.60
C SER A 7 10.59 5.76 -2.51
N HIS A 8 10.42 6.91 -1.93
CA HIS A 8 10.44 8.17 -2.73
C HIS A 8 11.89 8.48 -3.06
N ASP A 9 12.76 8.29 -2.12
CA ASP A 9 14.19 8.57 -2.36
C ASP A 9 14.72 7.57 -3.40
N GLY A 10 13.92 6.63 -3.83
CA GLY A 10 14.38 5.65 -4.85
C GLY A 10 14.89 4.37 -4.17
N THR A 11 15.16 4.42 -2.90
CA THR A 11 15.67 3.19 -2.21
C THR A 11 14.53 2.16 -2.15
N ARG A 12 14.86 0.92 -2.41
CA ARG A 12 13.85 -0.17 -2.42
C ARG A 12 14.06 -1.15 -1.26
N ARG A 13 12.99 -1.57 -0.63
CA ARG A 13 13.04 -2.55 0.50
C ARG A 13 12.02 -3.64 0.19
N GLU A 14 12.41 -4.88 0.20
CA GLU A 14 11.45 -5.97 -0.15
C GLU A 14 11.22 -6.90 1.06
N LEU A 15 9.99 -7.32 1.29
CA LEU A 15 9.69 -8.24 2.44
C LEU A 15 8.94 -9.47 1.96
N ASP A 16 8.77 -10.39 2.85
CA ASP A 16 7.98 -11.60 2.58
C ASP A 16 6.70 -11.40 3.39
N VAL A 17 5.57 -11.26 2.75
CA VAL A 17 4.28 -11.06 3.50
C VAL A 17 3.43 -12.31 3.26
N ALA A 18 3.01 -12.96 4.33
CA ALA A 18 2.23 -14.22 4.18
C ALA A 18 0.85 -13.95 3.55
N ASP A 19 0.27 -14.97 3.00
CA ASP A 19 -1.06 -14.84 2.37
C ASP A 19 -2.06 -14.31 3.40
N GLY A 20 -2.91 -13.43 2.96
CA GLY A 20 -3.94 -12.87 3.88
C GLY A 20 -3.34 -11.77 4.76
N VAL A 21 -2.07 -11.48 4.65
CA VAL A 21 -1.48 -10.41 5.50
C VAL A 21 -1.60 -9.07 4.79
N SER A 22 -1.71 -7.99 5.52
CA SER A 22 -1.84 -6.66 4.88
C SER A 22 -0.43 -6.07 4.69
N LEU A 23 -0.17 -5.49 3.55
CA LEU A 23 1.17 -4.88 3.31
C LEU A 23 1.51 -3.96 4.47
N MET A 24 0.51 -3.45 5.13
CA MET A 24 0.75 -2.54 6.27
C MET A 24 1.22 -3.35 7.47
N GLN A 25 0.84 -4.60 7.54
CA GLN A 25 1.26 -5.45 8.68
C GLN A 25 2.75 -5.78 8.55
N ALA A 26 3.17 -6.36 7.46
CA ALA A 26 4.63 -6.68 7.32
C ALA A 26 5.46 -5.40 7.28
N ALA A 27 4.91 -4.31 6.84
CA ALA A 27 5.69 -3.04 6.78
C ALA A 27 6.06 -2.58 8.20
N VAL A 28 5.07 -2.27 8.99
CA VAL A 28 5.34 -1.80 10.39
C VAL A 28 6.36 -2.74 11.05
N SER A 29 6.50 -3.91 10.52
CA SER A 29 7.45 -4.91 11.10
C SER A 29 8.82 -4.74 10.44
N ASN A 30 8.84 -4.13 9.29
CA ASN A 30 10.12 -3.90 8.58
C ASN A 30 10.42 -2.40 8.59
N GLY A 31 9.65 -1.62 9.29
CA GLY A 31 9.97 -0.16 9.39
C GLY A 31 9.75 0.51 8.03
N ILE A 32 8.61 0.35 7.42
CA ILE A 32 8.40 0.96 6.06
C ILE A 32 7.39 2.10 6.11
N TYR A 33 6.19 1.83 6.50
CA TYR A 33 5.17 2.92 6.52
C TYR A 33 5.25 3.77 7.79
N ASP A 34 6.37 3.85 8.47
CA ASP A 34 6.45 4.63 9.75
C ASP A 34 5.82 6.02 9.58
N ILE A 35 4.53 6.00 9.60
CA ILE A 35 3.72 7.24 9.45
C ILE A 35 2.70 7.37 10.58
N VAL A 36 2.27 8.57 10.85
CA VAL A 36 1.28 8.79 11.94
C VAL A 36 0.20 7.71 11.93
N GLY A 37 -0.15 7.22 10.78
CA GLY A 37 -1.21 6.17 10.73
C GLY A 37 -2.42 6.63 11.53
N ASP A 38 -3.34 7.32 10.91
CA ASP A 38 -4.53 7.81 11.65
C ASP A 38 -5.41 6.64 12.09
N CYS A 39 -6.05 5.98 11.16
CA CYS A 39 -6.93 4.83 11.55
C CYS A 39 -6.06 3.67 12.07
N GLY A 40 -4.77 3.84 12.10
CA GLY A 40 -3.88 2.76 12.61
C GLY A 40 -3.84 1.59 11.60
N GLY A 41 -4.46 1.76 10.46
CA GLY A 41 -4.45 0.66 9.43
C GLY A 41 -5.79 -0.07 9.43
N SER A 42 -6.83 0.59 9.90
CA SER A 42 -8.17 -0.07 9.94
C SER A 42 -8.99 0.38 8.72
N ALA A 43 -8.34 0.88 7.71
CA ALA A 43 -9.06 1.34 6.49
C ALA A 43 -10.08 2.42 6.88
N SER A 44 -9.64 3.50 7.44
CA SER A 44 -10.59 4.59 7.84
C SER A 44 -9.90 5.96 7.68
N CYS A 45 -8.87 6.03 6.89
CA CYS A 45 -8.16 7.35 6.71
C CYS A 45 -7.48 7.37 5.35
N ALA A 46 -6.73 8.43 5.08
CA ALA A 46 -6.02 8.56 3.77
C ALA A 46 -4.54 8.83 4.03
N THR A 47 -4.01 8.29 5.09
CA THR A 47 -2.58 8.49 5.43
C THR A 47 -1.73 7.42 4.73
N CYS A 48 -2.30 6.28 4.46
CA CYS A 48 -1.55 5.20 3.79
C CYS A 48 -1.56 5.38 2.26
N HIS A 49 -1.47 6.60 1.80
CA HIS A 49 -1.49 6.88 0.33
C HIS A 49 -0.24 6.28 -0.35
N VAL A 50 -0.39 5.26 -1.17
CA VAL A 50 0.80 4.66 -1.88
C VAL A 50 0.41 4.36 -3.32
N TYR A 51 1.33 3.90 -4.12
CA TYR A 51 1.03 3.59 -5.54
C TYR A 51 1.43 2.14 -5.82
N VAL A 52 0.45 1.31 -6.06
CA VAL A 52 0.70 -0.13 -6.38
C VAL A 52 0.89 -0.28 -7.88
N ASN A 53 1.90 -0.99 -8.31
CA ASN A 53 2.09 -1.17 -9.76
C ASN A 53 0.78 -1.70 -10.36
N GLU A 54 0.22 -0.99 -11.30
CA GLU A 54 -1.08 -1.39 -11.89
C GLU A 54 -1.08 -2.87 -12.32
N ALA A 55 -0.01 -3.59 -12.12
CA ALA A 55 0.02 -5.02 -12.55
C ALA A 55 -0.53 -5.93 -11.45
N PHE A 56 -0.62 -5.48 -10.22
CA PHE A 56 -1.15 -6.36 -9.11
C PHE A 56 -2.45 -5.74 -8.59
N THR A 57 -2.76 -4.57 -9.08
CA THR A 57 -4.02 -3.87 -8.65
C THR A 57 -5.24 -4.59 -9.20
N ASP A 58 -5.18 -5.05 -10.42
CA ASP A 58 -6.35 -5.73 -11.03
C ASP A 58 -6.32 -7.22 -10.68
N LYS A 59 -5.36 -7.64 -9.92
CA LYS A 59 -5.26 -9.08 -9.53
C LYS A 59 -5.65 -9.21 -8.06
N VAL A 60 -5.13 -8.33 -7.25
CA VAL A 60 -5.48 -8.37 -5.79
C VAL A 60 -6.96 -7.96 -5.68
N PRO A 61 -7.63 -8.23 -4.59
CA PRO A 61 -9.08 -7.94 -4.47
C PRO A 61 -9.40 -6.45 -4.66
N ALA A 62 -10.13 -6.15 -5.72
CA ALA A 62 -10.52 -4.76 -6.02
C ALA A 62 -10.87 -4.02 -4.75
N ALA A 63 -10.40 -2.84 -4.66
CA ALA A 63 -10.63 -2.00 -3.46
C ALA A 63 -12.12 -1.69 -3.26
N ASN A 64 -12.52 -1.57 -2.02
CA ASN A 64 -13.95 -1.29 -1.69
C ASN A 64 -14.22 0.22 -1.75
N GLU A 65 -15.47 0.58 -1.87
CA GLU A 65 -15.88 2.02 -1.98
C GLU A 65 -15.35 2.87 -0.83
N ARG A 66 -14.88 2.28 0.24
CA ARG A 66 -14.38 3.12 1.37
C ARG A 66 -13.00 3.65 1.01
N GLU A 67 -12.25 2.89 0.26
CA GLU A 67 -10.88 3.33 -0.16
C GLU A 67 -11.02 4.47 -1.17
N ILE A 68 -11.91 4.34 -2.10
CA ILE A 68 -12.10 5.39 -3.13
C ILE A 68 -12.33 6.74 -2.45
N GLY A 69 -13.13 6.78 -1.43
CA GLY A 69 -13.40 8.07 -0.73
C GLY A 69 -12.18 8.50 0.09
N MET A 70 -11.42 7.55 0.59
CA MET A 70 -10.21 7.93 1.37
C MET A 70 -9.10 8.31 0.39
N LEU A 71 -9.17 7.78 -0.80
CA LEU A 71 -8.14 8.08 -1.83
C LEU A 71 -8.34 9.54 -2.28
N GLU A 72 -9.53 10.05 -2.22
CA GLU A 72 -9.77 11.45 -2.63
C GLU A 72 -9.40 12.38 -1.47
N CYS A 73 -9.21 11.81 -0.31
CA CYS A 73 -8.85 12.61 0.89
C CYS A 73 -7.32 12.59 1.09
N VAL A 74 -6.58 12.10 0.15
CA VAL A 74 -5.09 12.07 0.29
C VAL A 74 -4.50 13.45 -0.01
N THR A 75 -3.24 13.65 0.30
CA THR A 75 -2.61 14.99 0.06
C THR A 75 -1.74 15.01 -1.21
N ALA A 76 -1.44 13.87 -1.81
CA ALA A 76 -0.57 13.88 -3.05
C ALA A 76 -1.45 13.67 -4.30
N GLU A 77 -0.85 13.62 -5.47
CA GLU A 77 -1.62 13.47 -6.75
C GLU A 77 -2.14 12.03 -6.91
N LEU A 78 -3.40 11.86 -7.15
CA LEU A 78 -3.93 10.47 -7.33
C LEU A 78 -3.60 9.94 -8.71
N LYS A 79 -3.60 8.65 -8.80
CA LYS A 79 -3.27 7.94 -10.06
C LYS A 79 -4.45 7.06 -10.45
N PRO A 80 -4.56 6.69 -11.70
CA PRO A 80 -5.66 5.81 -12.16
C PRO A 80 -5.66 4.52 -11.32
N ASN A 81 -4.49 4.03 -11.01
CA ASN A 81 -4.36 2.78 -10.19
C ASN A 81 -3.74 3.11 -8.82
N SER A 82 -4.05 4.24 -8.24
CA SER A 82 -3.51 4.58 -6.90
C SER A 82 -4.09 3.62 -5.88
N ARG A 83 -3.36 3.29 -4.85
CA ARG A 83 -3.87 2.31 -3.86
C ARG A 83 -3.35 2.63 -2.45
N LEU A 84 -3.56 1.71 -1.53
CA LEU A 84 -3.11 1.90 -0.12
C LEU A 84 -2.52 0.60 0.43
N CYS A 85 -2.04 0.61 1.65
CA CYS A 85 -1.38 -0.61 2.22
C CYS A 85 -2.24 -1.29 3.31
N CYS A 86 -3.13 -0.59 3.96
CA CYS A 86 -3.90 -1.24 5.09
C CYS A 86 -5.16 -1.94 4.56
N GLN A 87 -5.32 -2.11 3.28
CA GLN A 87 -6.54 -2.80 2.75
C GLN A 87 -6.18 -3.78 1.62
N ILE A 88 -4.91 -4.10 1.50
CA ILE A 88 -4.46 -5.05 0.42
C ILE A 88 -3.89 -6.33 1.03
N ILE A 89 -4.40 -7.46 0.58
CA ILE A 89 -3.94 -8.78 1.10
C ILE A 89 -2.92 -9.40 0.13
N MET A 90 -1.74 -9.62 0.60
CA MET A 90 -0.69 -10.21 -0.28
C MET A 90 -1.02 -11.69 -0.53
N THR A 91 -0.52 -12.22 -1.61
CA THR A 91 -0.75 -13.66 -1.92
C THR A 91 0.42 -14.13 -2.80
N PRO A 92 0.76 -15.40 -2.73
CA PRO A 92 1.90 -15.96 -3.52
C PRO A 92 1.75 -15.72 -5.03
N GLU A 93 0.58 -15.90 -5.58
CA GLU A 93 0.40 -15.68 -7.05
C GLU A 93 0.73 -14.21 -7.35
N LEU A 94 0.48 -13.34 -6.40
CA LEU A 94 0.75 -11.89 -6.60
C LEU A 94 2.16 -11.56 -6.13
N ASP A 95 2.92 -12.57 -5.84
CA ASP A 95 4.34 -12.35 -5.41
C ASP A 95 5.08 -11.51 -6.46
N GLY A 96 5.85 -10.57 -6.02
CA GLY A 96 6.64 -9.69 -6.95
C GLY A 96 6.03 -8.29 -6.99
N ILE A 97 4.95 -8.09 -6.29
CA ILE A 97 4.24 -6.77 -6.35
C ILE A 97 5.17 -5.59 -6.07
N VAL A 98 5.07 -4.57 -6.89
CA VAL A 98 5.93 -3.36 -6.72
C VAL A 98 5.09 -2.21 -6.14
N VAL A 99 5.35 -1.82 -4.92
CA VAL A 99 4.56 -0.73 -4.28
C VAL A 99 5.39 0.56 -4.31
N ASP A 100 4.80 1.61 -4.79
CA ASP A 100 5.53 2.92 -4.90
C ASP A 100 5.04 3.87 -3.80
N VAL A 101 5.95 4.32 -2.97
CA VAL A 101 5.59 5.25 -1.86
C VAL A 101 6.07 6.68 -2.22
N PRO A 102 5.22 7.67 -2.13
CA PRO A 102 5.60 9.09 -2.46
C PRO A 102 6.30 9.83 -1.31
N ASP A 103 6.51 11.11 -1.48
CA ASP A 103 7.15 11.94 -0.42
C ASP A 103 6.03 12.52 0.45
N ARG A 104 4.84 12.53 -0.07
CA ARG A 104 3.66 13.07 0.68
C ARG A 104 2.67 11.94 0.81
N GLN A 105 2.46 11.42 2.00
CA GLN A 105 1.48 10.30 2.15
C GLN A 105 0.27 10.80 2.95
N TRP A 106 0.40 11.99 3.48
CA TRP A 106 -0.72 12.58 4.28
C TRP A 106 -2.00 12.58 3.45
FE1 FES B . -5.80 4.50 7.60
FE2 FES B . -5.01 2.99 5.50
S1 FES B . -6.92 4.03 5.77
S2 FES B . -3.86 3.49 7.31
N SER A 1 4.61 -13.93 0.25
CA SER A 1 4.81 -13.48 -1.16
C SER A 1 5.95 -12.45 -1.18
N LYS A 2 6.50 -12.17 -2.33
CA LYS A 2 7.59 -11.18 -2.41
C LYS A 2 6.95 -9.82 -2.58
N VAL A 3 7.27 -8.88 -1.76
CA VAL A 3 6.65 -7.53 -1.87
C VAL A 3 7.77 -6.50 -1.94
N VAL A 4 7.76 -5.64 -2.92
CA VAL A 4 8.84 -4.60 -3.04
C VAL A 4 8.25 -3.20 -2.78
N TYR A 5 8.92 -2.42 -1.99
CA TYR A 5 8.48 -1.03 -1.71
C TYR A 5 9.46 -0.08 -2.40
N VAL A 6 8.98 0.73 -3.33
CA VAL A 6 9.89 1.71 -4.00
C VAL A 6 9.67 3.05 -3.32
N SER A 7 10.65 3.52 -2.61
CA SER A 7 10.48 4.79 -1.87
C SER A 7 10.56 5.99 -2.81
N HIS A 8 10.45 7.15 -2.24
CA HIS A 8 10.50 8.40 -3.03
C HIS A 8 11.97 8.69 -3.34
N ASP A 9 12.82 8.56 -2.37
CA ASP A 9 14.26 8.83 -2.60
C ASP A 9 14.80 7.82 -3.62
N GLY A 10 14.01 6.87 -4.04
CA GLY A 10 14.48 5.88 -5.05
C GLY A 10 14.96 4.61 -4.35
N THR A 11 15.15 4.65 -3.06
CA THR A 11 15.62 3.43 -2.34
C THR A 11 14.51 2.38 -2.34
N ARG A 12 14.87 1.16 -2.69
CA ARG A 12 13.87 0.05 -2.75
C ARG A 12 14.05 -0.92 -1.56
N ARG A 13 12.98 -1.38 -0.97
CA ARG A 13 13.05 -2.33 0.19
C ARG A 13 12.02 -3.41 -0.05
N GLU A 14 12.37 -4.66 0.11
CA GLU A 14 11.40 -5.77 -0.16
C GLU A 14 11.17 -6.63 1.10
N LEU A 15 9.93 -7.03 1.36
CA LEU A 15 9.61 -7.89 2.55
C LEU A 15 8.83 -9.12 2.10
N ASP A 16 8.59 -9.99 3.04
CA ASP A 16 7.76 -11.18 2.79
C ASP A 16 6.47 -10.95 3.58
N VAL A 17 5.34 -10.86 2.91
CA VAL A 17 4.03 -10.66 3.63
C VAL A 17 3.21 -11.95 3.45
N ALA A 18 2.82 -12.58 4.52
CA ALA A 18 2.07 -13.86 4.41
C ALA A 18 0.71 -13.64 3.77
N ASP A 19 0.13 -14.69 3.27
CA ASP A 19 -1.20 -14.60 2.62
C ASP A 19 -2.21 -14.02 3.61
N GLY A 20 -3.06 -13.18 3.12
CA GLY A 20 -4.10 -12.58 3.98
C GLY A 20 -3.51 -11.45 4.85
N VAL A 21 -2.25 -11.15 4.74
CA VAL A 21 -1.67 -10.06 5.58
C VAL A 21 -1.74 -8.75 4.81
N SER A 22 -1.86 -7.64 5.49
CA SER A 22 -1.94 -6.34 4.78
C SER A 22 -0.53 -5.76 4.60
N LEU A 23 -0.25 -5.20 3.45
CA LEU A 23 1.10 -4.61 3.22
C LEU A 23 1.47 -3.73 4.42
N MET A 24 0.48 -3.20 5.08
CA MET A 24 0.73 -2.36 6.27
C MET A 24 1.26 -3.24 7.40
N GLN A 25 0.69 -4.42 7.54
CA GLN A 25 1.15 -5.32 8.63
C GLN A 25 2.65 -5.60 8.46
N ALA A 26 3.07 -6.09 7.32
CA ALA A 26 4.54 -6.37 7.15
C ALA A 26 5.37 -5.09 7.20
N ALA A 27 4.85 -3.96 6.81
CA ALA A 27 5.67 -2.71 6.87
C ALA A 27 5.95 -2.33 8.33
N VAL A 28 4.94 -2.13 9.13
CA VAL A 28 5.18 -1.75 10.56
C VAL A 28 6.23 -2.66 11.19
N SER A 29 6.42 -3.83 10.66
CA SER A 29 7.40 -4.80 11.24
C SER A 29 8.76 -4.64 10.56
N ASN A 30 8.79 -4.08 9.38
CA ASN A 30 10.07 -3.89 8.68
C ASN A 30 10.52 -2.43 8.83
N GLY A 31 9.89 -1.69 9.71
CA GLY A 31 10.34 -0.28 9.95
C GLY A 31 10.02 0.61 8.74
N ILE A 32 8.93 0.38 8.06
CA ILE A 32 8.60 1.20 6.85
C ILE A 32 7.34 2.01 7.03
N TYR A 33 6.42 1.50 7.79
CA TYR A 33 5.12 2.20 7.94
C TYR A 33 5.28 3.59 8.61
N ASP A 34 6.47 4.10 8.80
CA ASP A 34 6.63 5.45 9.46
C ASP A 34 5.78 6.54 8.76
N ILE A 35 4.63 6.17 8.29
CA ILE A 35 3.70 7.11 7.62
C ILE A 35 2.59 7.49 8.60
N VAL A 36 2.78 7.21 9.86
CA VAL A 36 1.74 7.54 10.87
C VAL A 36 0.43 6.85 10.50
N GLY A 37 0.15 5.73 11.11
CA GLY A 37 -1.13 5.02 10.80
C GLY A 37 -2.24 5.56 11.68
N ASP A 38 -3.07 6.42 11.15
CA ASP A 38 -4.17 7.00 11.96
C ASP A 38 -5.21 5.90 12.29
N CYS A 39 -5.92 5.42 11.31
CA CYS A 39 -6.94 4.36 11.59
C CYS A 39 -6.25 3.10 12.09
N GLY A 40 -4.94 3.07 12.08
CA GLY A 40 -4.20 1.87 12.58
C GLY A 40 -4.37 0.71 11.60
N GLY A 41 -4.77 0.99 10.39
CA GLY A 41 -4.94 -0.12 9.38
C GLY A 41 -6.39 -0.59 9.40
N SER A 42 -7.30 0.22 9.87
CA SER A 42 -8.73 -0.18 9.91
C SER A 42 -9.44 0.41 8.69
N ALA A 43 -8.70 0.88 7.74
CA ALA A 43 -9.32 1.47 6.52
C ALA A 43 -10.22 2.65 6.90
N SER A 44 -9.67 3.67 7.51
CA SER A 44 -10.51 4.85 7.91
C SER A 44 -9.68 6.14 7.80
N CYS A 45 -8.52 6.06 7.21
CA CYS A 45 -7.67 7.30 7.07
C CYS A 45 -7.04 7.34 5.67
N ALA A 46 -6.09 8.22 5.47
CA ALA A 46 -5.42 8.36 4.13
C ALA A 46 -3.91 8.44 4.31
N THR A 47 -3.39 7.88 5.38
CA THR A 47 -1.91 7.94 5.59
C THR A 47 -1.24 6.83 4.77
N CYS A 48 -1.98 5.83 4.39
CA CYS A 48 -1.40 4.70 3.59
C CYS A 48 -1.54 5.00 2.09
N HIS A 49 -1.38 6.23 1.70
CA HIS A 49 -1.48 6.62 0.26
C HIS A 49 -0.25 6.09 -0.49
N VAL A 50 -0.40 5.08 -1.34
CA VAL A 50 0.77 4.56 -2.10
C VAL A 50 0.33 4.18 -3.49
N TYR A 51 1.25 3.76 -4.32
CA TYR A 51 0.91 3.39 -5.71
C TYR A 51 1.34 1.93 -5.99
N VAL A 52 0.35 1.10 -6.24
CA VAL A 52 0.61 -0.33 -6.53
C VAL A 52 0.85 -0.49 -8.03
N ASN A 53 1.91 -1.15 -8.41
CA ASN A 53 2.16 -1.32 -9.87
C ASN A 53 0.88 -1.88 -10.53
N GLU A 54 0.38 -1.20 -11.51
CA GLU A 54 -0.88 -1.64 -12.19
C GLU A 54 -0.85 -3.13 -12.52
N ALA A 55 0.25 -3.81 -12.30
CA ALA A 55 0.33 -5.26 -12.64
C ALA A 55 -0.23 -6.14 -11.51
N PHE A 56 -0.39 -5.63 -10.30
CA PHE A 56 -0.94 -6.47 -9.17
C PHE A 56 -2.27 -5.86 -8.74
N THR A 57 -2.61 -4.73 -9.31
CA THR A 57 -3.89 -4.05 -8.97
C THR A 57 -5.07 -4.86 -9.51
N ASP A 58 -4.98 -5.34 -10.72
CA ASP A 58 -6.10 -6.12 -11.31
C ASP A 58 -6.02 -7.55 -10.82
N LYS A 59 -5.01 -7.85 -10.04
CA LYS A 59 -4.84 -9.22 -9.52
C LYS A 59 -5.29 -9.24 -8.05
N VAL A 60 -4.85 -8.29 -7.27
CA VAL A 60 -5.28 -8.26 -5.84
C VAL A 60 -6.77 -7.85 -5.83
N PRO A 61 -7.50 -8.24 -4.83
CA PRO A 61 -8.98 -7.97 -4.75
C PRO A 61 -9.35 -6.49 -4.96
N ALA A 62 -10.16 -6.23 -5.96
CA ALA A 62 -10.61 -4.85 -6.27
C ALA A 62 -10.89 -4.07 -5.01
N ALA A 63 -10.31 -2.93 -4.95
CA ALA A 63 -10.48 -2.02 -3.77
C ALA A 63 -11.97 -1.71 -3.55
N ASN A 64 -12.36 -1.56 -2.31
CA ASN A 64 -13.80 -1.27 -1.99
C ASN A 64 -14.08 0.22 -2.09
N GLU A 65 -15.33 0.57 -2.21
CA GLU A 65 -15.73 2.00 -2.36
C GLU A 65 -15.51 2.80 -1.08
N ARG A 66 -14.99 2.22 -0.03
CA ARG A 66 -14.76 3.02 1.20
C ARG A 66 -13.44 3.80 1.07
N GLU A 67 -12.45 3.19 0.48
CA GLU A 67 -11.14 3.88 0.32
C GLU A 67 -11.19 4.90 -0.81
N ILE A 68 -11.98 4.66 -1.82
CA ILE A 68 -12.05 5.63 -2.94
C ILE A 68 -12.35 7.02 -2.39
N GLY A 69 -13.19 7.10 -1.40
CA GLY A 69 -13.53 8.43 -0.82
C GLY A 69 -12.37 8.97 0.02
N MET A 70 -11.62 8.09 0.65
CA MET A 70 -10.46 8.56 1.45
C MET A 70 -9.29 8.83 0.50
N LEU A 71 -9.20 8.03 -0.53
CA LEU A 71 -8.12 8.19 -1.54
C LEU A 71 -8.20 9.61 -2.13
N GLU A 72 -9.37 10.17 -2.20
CA GLU A 72 -9.51 11.55 -2.74
C GLU A 72 -9.08 12.52 -1.64
N CYS A 73 -8.73 11.99 -0.50
CA CYS A 73 -8.33 12.84 0.66
C CYS A 73 -6.81 12.72 0.94
N VAL A 74 -6.04 12.12 0.07
CA VAL A 74 -4.58 12.01 0.36
C VAL A 74 -3.90 13.36 0.11
N THR A 75 -2.67 13.50 0.54
CA THR A 75 -1.95 14.79 0.37
C THR A 75 -1.25 14.87 -0.99
N ALA A 76 -0.86 13.76 -1.58
CA ALA A 76 -0.16 13.83 -2.90
C ALA A 76 -1.19 13.64 -4.03
N GLU A 77 -0.74 13.60 -5.26
CA GLU A 77 -1.69 13.47 -6.41
C GLU A 77 -2.21 12.03 -6.53
N LEU A 78 -3.49 11.87 -6.75
CA LEU A 78 -4.05 10.50 -6.90
C LEU A 78 -3.88 10.01 -8.32
N LYS A 79 -3.77 8.74 -8.44
CA LYS A 79 -3.58 8.08 -9.76
C LYS A 79 -4.84 7.26 -10.05
N PRO A 80 -5.11 6.98 -11.29
CA PRO A 80 -6.30 6.16 -11.63
C PRO A 80 -6.19 4.80 -10.94
N ASN A 81 -4.98 4.31 -10.80
CA ASN A 81 -4.75 3.00 -10.14
C ASN A 81 -4.20 3.19 -8.72
N SER A 82 -4.32 4.37 -8.14
CA SER A 82 -3.82 4.57 -6.76
C SER A 82 -4.63 3.69 -5.81
N ARG A 83 -4.00 3.20 -4.77
CA ARG A 83 -4.74 2.31 -3.81
C ARG A 83 -4.12 2.44 -2.42
N LEU A 84 -4.88 2.17 -1.40
CA LEU A 84 -4.34 2.26 -0.02
C LEU A 84 -3.46 1.04 0.25
N CYS A 85 -2.72 1.04 1.33
CA CYS A 85 -1.81 -0.10 1.64
C CYS A 85 -2.36 -0.97 2.79
N CYS A 86 -3.42 -0.58 3.45
CA CYS A 86 -3.93 -1.40 4.60
C CYS A 86 -5.03 -2.38 4.14
N GLN A 87 -5.80 -2.07 3.13
CA GLN A 87 -6.87 -3.03 2.68
C GLN A 87 -6.33 -3.90 1.54
N ILE A 88 -5.03 -3.89 1.34
CA ILE A 88 -4.43 -4.73 0.26
C ILE A 88 -3.91 -6.03 0.89
N ILE A 89 -4.42 -7.16 0.47
CA ILE A 89 -3.99 -8.47 1.05
C ILE A 89 -2.97 -9.16 0.14
N MET A 90 -1.78 -9.40 0.64
CA MET A 90 -0.75 -10.04 -0.19
C MET A 90 -1.05 -11.54 -0.33
N THR A 91 -0.51 -12.14 -1.36
CA THR A 91 -0.72 -13.60 -1.59
C THR A 91 0.49 -14.10 -2.41
N PRO A 92 0.85 -15.35 -2.27
CA PRO A 92 2.02 -15.92 -2.99
C PRO A 92 1.90 -15.75 -4.52
N GLU A 93 0.76 -16.04 -5.08
CA GLU A 93 0.61 -15.90 -6.56
C GLU A 93 0.95 -14.46 -6.96
N LEU A 94 0.68 -13.53 -6.09
CA LEU A 94 0.95 -12.09 -6.38
C LEU A 94 2.35 -11.73 -5.92
N ASP A 95 3.15 -12.70 -5.61
CA ASP A 95 4.55 -12.43 -5.18
C ASP A 95 5.31 -11.65 -6.26
N GLY A 96 6.09 -10.70 -5.84
CA GLY A 96 6.92 -9.88 -6.80
C GLY A 96 6.29 -8.49 -6.96
N ILE A 97 5.18 -8.28 -6.31
CA ILE A 97 4.44 -6.99 -6.48
C ILE A 97 5.30 -5.77 -6.14
N VAL A 98 5.17 -4.72 -6.91
CA VAL A 98 5.97 -3.48 -6.68
C VAL A 98 5.08 -2.34 -6.17
N VAL A 99 5.35 -1.86 -4.98
CA VAL A 99 4.55 -0.74 -4.37
C VAL A 99 5.33 0.55 -4.49
N ASP A 100 4.73 1.56 -5.04
CA ASP A 100 5.43 2.88 -5.20
C ASP A 100 4.95 3.83 -4.11
N VAL A 101 5.85 4.28 -3.27
CA VAL A 101 5.48 5.22 -2.15
C VAL A 101 5.95 6.64 -2.51
N PRO A 102 5.10 7.65 -2.38
CA PRO A 102 5.45 9.07 -2.70
C PRO A 102 6.20 9.81 -1.58
N ASP A 103 6.44 11.08 -1.80
CA ASP A 103 7.13 11.92 -0.78
C ASP A 103 6.10 12.42 0.23
N ARG A 104 4.83 12.35 -0.13
CA ARG A 104 3.76 12.80 0.80
C ARG A 104 2.75 11.67 0.88
N GLN A 105 2.53 11.11 2.04
CA GLN A 105 1.54 9.99 2.18
C GLN A 105 0.42 10.48 3.11
N TRP A 106 0.66 11.56 3.78
CA TRP A 106 -0.36 12.11 4.70
C TRP A 106 -1.67 12.31 3.96
FE1 FES B . -5.69 4.11 7.67
FE2 FES B . -5.06 2.73 5.46
S1 FES B . -6.87 3.92 5.82
S2 FES B . -3.90 2.89 7.31
N SER A 1 5.01 -14.14 -0.05
CA SER A 1 5.12 -13.54 -1.41
C SER A 1 6.21 -12.47 -1.41
N LYS A 2 6.76 -12.14 -2.54
CA LYS A 2 7.81 -11.11 -2.57
C LYS A 2 7.12 -9.75 -2.63
N VAL A 3 7.36 -8.90 -1.68
CA VAL A 3 6.69 -7.57 -1.66
C VAL A 3 7.77 -6.50 -1.76
N VAL A 4 7.70 -5.64 -2.75
CA VAL A 4 8.73 -4.57 -2.89
C VAL A 4 8.10 -3.18 -2.70
N TYR A 5 8.77 -2.37 -1.94
CA TYR A 5 8.32 -0.97 -1.69
C TYR A 5 9.33 -0.02 -2.32
N VAL A 6 8.90 0.81 -3.23
CA VAL A 6 9.84 1.79 -3.86
C VAL A 6 9.62 3.13 -3.16
N SER A 7 10.61 3.61 -2.49
CA SER A 7 10.46 4.88 -1.74
C SER A 7 10.57 6.08 -2.66
N HIS A 8 10.48 7.24 -2.08
CA HIS A 8 10.58 8.50 -2.88
C HIS A 8 12.06 8.72 -3.21
N ASP A 9 12.92 8.52 -2.26
CA ASP A 9 14.36 8.72 -2.49
C ASP A 9 14.90 7.68 -3.47
N GLY A 10 14.12 6.68 -3.83
CA GLY A 10 14.60 5.63 -4.78
C GLY A 10 15.03 4.37 -4.03
N THR A 11 15.18 4.43 -2.73
CA THR A 11 15.60 3.23 -1.98
C THR A 11 14.46 2.20 -1.96
N ARG A 12 14.76 0.99 -2.34
CA ARG A 12 13.73 -0.08 -2.36
C ARG A 12 13.96 -1.05 -1.20
N ARG A 13 12.89 -1.51 -0.57
CA ARG A 13 13.01 -2.51 0.54
C ARG A 13 12.03 -3.62 0.21
N GLU A 14 12.49 -4.84 0.22
CA GLU A 14 11.63 -5.98 -0.13
C GLU A 14 11.31 -6.84 1.12
N LEU A 15 10.05 -7.14 1.36
CA LEU A 15 9.68 -7.98 2.54
C LEU A 15 8.96 -9.24 2.07
N ASP A 16 8.83 -10.17 2.97
CA ASP A 16 8.05 -11.38 2.69
C ASP A 16 6.74 -11.17 3.43
N VAL A 17 5.62 -11.07 2.75
CA VAL A 17 4.31 -10.87 3.44
C VAL A 17 3.49 -12.15 3.26
N ALA A 18 3.07 -12.74 4.35
CA ALA A 18 2.32 -14.02 4.28
C ALA A 18 0.91 -13.81 3.72
N ASP A 19 0.32 -14.87 3.27
CA ASP A 19 -1.04 -14.81 2.71
C ASP A 19 -2.00 -14.29 3.77
N GLY A 20 -2.91 -13.46 3.35
CA GLY A 20 -3.92 -12.92 4.29
C GLY A 20 -3.38 -11.69 5.05
N VAL A 21 -2.14 -11.30 4.85
CA VAL A 21 -1.61 -10.12 5.61
C VAL A 21 -1.76 -8.86 4.75
N SER A 22 -1.96 -7.73 5.35
CA SER A 22 -2.09 -6.48 4.56
C SER A 22 -0.70 -5.88 4.34
N LEU A 23 -0.44 -5.33 3.20
CA LEU A 23 0.91 -4.74 2.95
C LEU A 23 1.26 -3.81 4.11
N MET A 24 0.30 -3.07 4.57
CA MET A 24 0.55 -2.14 5.70
C MET A 24 0.99 -2.93 6.93
N GLN A 25 0.41 -4.07 7.17
CA GLN A 25 0.81 -4.86 8.37
C GLN A 25 2.31 -5.19 8.27
N ALA A 26 2.74 -5.82 7.21
CA ALA A 26 4.21 -6.14 7.12
C ALA A 26 5.04 -4.87 7.00
N ALA A 27 4.48 -3.80 6.50
CA ALA A 27 5.26 -2.54 6.38
C ALA A 27 5.61 -2.03 7.78
N VAL A 28 4.65 -2.01 8.66
CA VAL A 28 4.92 -1.51 10.05
C VAL A 28 5.90 -2.45 10.75
N SER A 29 6.01 -3.66 10.29
CA SER A 29 6.94 -4.64 10.95
C SER A 29 8.35 -4.47 10.37
N ASN A 30 8.43 -3.85 9.22
CA ASN A 30 9.75 -3.62 8.59
C ASN A 30 10.05 -2.13 8.65
N GLY A 31 9.35 -1.42 9.48
CA GLY A 31 9.64 0.05 9.63
C GLY A 31 9.54 0.76 8.28
N ILE A 32 8.41 0.68 7.60
CA ILE A 32 8.30 1.36 6.26
C ILE A 32 7.20 2.42 6.27
N TYR A 33 5.99 2.05 6.64
CA TYR A 33 4.87 3.04 6.67
C TYR A 33 4.47 3.35 8.12
N ASP A 34 5.22 2.91 9.08
CA ASP A 34 4.83 3.20 10.48
C ASP A 34 4.72 4.71 10.67
N ILE A 35 5.76 5.30 11.20
CA ILE A 35 5.77 6.77 11.43
C ILE A 35 4.64 7.13 12.41
N VAL A 36 3.40 6.99 11.98
CA VAL A 36 2.24 7.32 12.88
C VAL A 36 1.13 6.30 12.63
N GLY A 37 0.43 6.41 11.53
CA GLY A 37 -0.68 5.45 11.24
C GLY A 37 -1.96 5.94 11.92
N ASP A 38 -2.82 6.60 11.19
CA ASP A 38 -4.08 7.10 11.80
C ASP A 38 -5.02 5.95 12.16
N CYS A 39 -5.62 5.32 11.19
CA CYS A 39 -6.55 4.19 11.50
C CYS A 39 -5.76 2.96 11.94
N GLY A 40 -4.48 2.94 11.70
CA GLY A 40 -3.66 1.77 12.12
C GLY A 40 -4.01 0.56 11.24
N GLY A 41 -4.51 0.80 10.07
CA GLY A 41 -4.87 -0.34 9.15
C GLY A 41 -6.32 -0.76 9.39
N SER A 42 -7.11 0.11 9.97
CA SER A 42 -8.54 -0.24 10.21
C SER A 42 -9.38 0.33 9.05
N ALA A 43 -8.75 0.74 8.00
CA ALA A 43 -9.49 1.29 6.84
C ALA A 43 -10.32 2.50 7.29
N SER A 44 -9.69 3.51 7.81
CA SER A 44 -10.44 4.73 8.27
C SER A 44 -9.59 5.98 8.06
N CYS A 45 -8.59 5.91 7.21
CA CYS A 45 -7.74 7.11 6.96
C CYS A 45 -7.23 7.08 5.52
N ALA A 46 -6.51 8.10 5.13
CA ALA A 46 -5.95 8.17 3.74
C ALA A 46 -4.43 8.31 3.84
N THR A 47 -3.89 8.04 4.99
CA THR A 47 -2.41 8.15 5.17
C THR A 47 -1.71 7.07 4.34
N CYS A 48 -2.34 5.94 4.16
CA CYS A 48 -1.71 4.85 3.38
C CYS A 48 -1.76 5.18 1.88
N HIS A 49 -1.54 6.40 1.52
CA HIS A 49 -1.56 6.80 0.09
C HIS A 49 -0.32 6.23 -0.61
N VAL A 50 -0.47 5.22 -1.46
CA VAL A 50 0.72 4.66 -2.18
C VAL A 50 0.31 4.33 -3.61
N TYR A 51 1.24 3.98 -4.44
CA TYR A 51 0.92 3.65 -5.85
C TYR A 51 1.33 2.19 -6.14
N VAL A 52 0.35 1.37 -6.40
CA VAL A 52 0.61 -0.07 -6.69
C VAL A 52 0.83 -0.25 -8.19
N ASN A 53 1.82 -0.99 -8.56
CA ASN A 53 2.04 -1.20 -10.02
C ASN A 53 0.73 -1.77 -10.61
N GLU A 54 0.17 -1.07 -11.56
CA GLU A 54 -1.13 -1.52 -12.17
C GLU A 54 -1.12 -3.01 -12.51
N ALA A 55 -0.04 -3.70 -12.30
CA ALA A 55 -0.01 -5.15 -12.63
C ALA A 55 -0.55 -6.01 -11.48
N PHE A 56 -0.71 -5.48 -10.29
CA PHE A 56 -1.24 -6.30 -9.15
C PHE A 56 -2.55 -5.67 -8.68
N THR A 57 -2.88 -4.54 -9.25
CA THR A 57 -4.13 -3.83 -8.87
C THR A 57 -5.35 -4.62 -9.34
N ASP A 58 -5.29 -5.20 -10.51
CA ASP A 58 -6.46 -5.96 -11.04
C ASP A 58 -6.32 -7.44 -10.71
N LYS A 59 -5.42 -7.77 -9.83
CA LYS A 59 -5.21 -9.18 -9.44
C LYS A 59 -5.50 -9.33 -7.94
N VAL A 60 -4.96 -8.44 -7.16
CA VAL A 60 -5.20 -8.48 -5.68
C VAL A 60 -6.66 -8.06 -5.43
N PRO A 61 -7.25 -8.42 -4.32
CA PRO A 61 -8.69 -8.10 -4.03
C PRO A 61 -9.03 -6.61 -4.18
N ALA A 62 -9.89 -6.31 -5.13
CA ALA A 62 -10.31 -4.92 -5.41
C ALA A 62 -10.58 -4.19 -4.10
N ALA A 63 -10.06 -3.01 -4.04
CA ALA A 63 -10.22 -2.15 -2.84
C ALA A 63 -11.69 -1.76 -2.64
N ASN A 64 -12.10 -1.62 -1.40
CA ASN A 64 -13.52 -1.26 -1.12
C ASN A 64 -13.75 0.22 -1.45
N GLU A 65 -14.97 0.55 -1.80
CA GLU A 65 -15.30 1.96 -2.18
C GLU A 65 -15.25 2.90 -0.97
N ARG A 66 -15.06 2.39 0.21
CA ARG A 66 -14.99 3.30 1.38
C ARG A 66 -13.65 4.03 1.35
N GLU A 67 -12.63 3.38 0.86
CA GLU A 67 -11.29 4.02 0.78
C GLU A 67 -11.23 4.97 -0.43
N ILE A 68 -11.91 4.65 -1.50
CA ILE A 68 -11.88 5.56 -2.69
C ILE A 68 -12.17 6.99 -2.22
N GLY A 69 -13.18 7.16 -1.43
CA GLY A 69 -13.50 8.53 -0.92
C GLY A 69 -12.33 9.06 -0.12
N MET A 70 -11.52 8.19 0.43
CA MET A 70 -10.34 8.65 1.22
C MET A 70 -9.22 8.97 0.24
N LEU A 71 -9.14 8.22 -0.83
CA LEU A 71 -8.08 8.47 -1.85
C LEU A 71 -8.23 9.90 -2.36
N GLU A 72 -9.42 10.42 -2.36
CA GLU A 72 -9.62 11.82 -2.82
C GLU A 72 -9.18 12.76 -1.69
N CYS A 73 -8.82 12.20 -0.56
CA CYS A 73 -8.39 13.03 0.61
C CYS A 73 -6.88 12.92 0.85
N VAL A 74 -6.11 12.31 -0.03
CA VAL A 74 -4.64 12.21 0.22
C VAL A 74 -3.96 13.55 -0.12
N THR A 75 -2.70 13.69 0.22
CA THR A 75 -1.99 14.98 -0.05
C THR A 75 -1.30 14.99 -1.42
N ALA A 76 -0.95 13.86 -2.00
CA ALA A 76 -0.24 13.87 -3.32
C ALA A 76 -1.25 13.66 -4.47
N GLU A 77 -0.77 13.69 -5.69
CA GLU A 77 -1.64 13.54 -6.91
C GLU A 77 -2.18 12.11 -7.03
N LEU A 78 -3.45 11.96 -7.23
CA LEU A 78 -4.00 10.58 -7.39
C LEU A 78 -3.70 10.05 -8.80
N LYS A 79 -3.69 8.76 -8.91
CA LYS A 79 -3.39 8.09 -10.19
C LYS A 79 -4.61 7.25 -10.58
N PRO A 80 -4.77 6.92 -11.84
CA PRO A 80 -5.90 6.08 -12.27
C PRO A 80 -5.88 4.76 -11.51
N ASN A 81 -4.71 4.26 -11.21
CA ASN A 81 -4.57 2.97 -10.45
C ASN A 81 -3.96 3.25 -9.07
N SER A 82 -4.20 4.41 -8.50
CA SER A 82 -3.67 4.71 -7.13
C SER A 82 -4.30 3.72 -6.16
N ARG A 83 -3.58 3.36 -5.13
CA ARG A 83 -4.12 2.34 -4.19
C ARG A 83 -3.63 2.57 -2.76
N LEU A 84 -4.27 1.93 -1.82
CA LEU A 84 -3.87 2.08 -0.39
C LEU A 84 -2.95 0.91 -0.01
N CYS A 85 -2.50 0.86 1.22
CA CYS A 85 -1.58 -0.24 1.66
C CYS A 85 -2.21 -1.12 2.75
N CYS A 86 -3.39 -0.75 3.24
CA CYS A 86 -4.01 -1.56 4.34
C CYS A 86 -5.14 -2.48 3.82
N GLN A 87 -5.87 -2.09 2.80
CA GLN A 87 -6.98 -2.97 2.30
C GLN A 87 -6.45 -3.93 1.24
N ILE A 88 -5.15 -4.04 1.11
CA ILE A 88 -4.55 -4.94 0.08
C ILE A 88 -3.93 -6.18 0.75
N ILE A 89 -4.41 -7.34 0.38
CA ILE A 89 -3.93 -8.63 0.97
C ILE A 89 -2.90 -9.30 0.08
N MET A 90 -1.72 -9.54 0.57
CA MET A 90 -0.69 -10.20 -0.28
C MET A 90 -0.94 -11.70 -0.35
N THR A 91 -0.42 -12.31 -1.38
CA THR A 91 -0.57 -13.78 -1.55
C THR A 91 0.67 -14.29 -2.29
N PRO A 92 1.10 -15.50 -2.03
CA PRO A 92 2.31 -16.05 -2.71
C PRO A 92 2.16 -16.01 -4.24
N GLU A 93 1.01 -16.35 -4.74
CA GLU A 93 0.82 -16.33 -6.22
C GLU A 93 1.16 -14.93 -6.77
N LEU A 94 0.78 -13.89 -6.08
CA LEU A 94 1.07 -12.52 -6.60
C LEU A 94 2.48 -12.05 -6.16
N ASP A 95 3.35 -12.97 -5.84
CA ASP A 95 4.72 -12.56 -5.42
C ASP A 95 5.35 -11.68 -6.51
N GLY A 96 6.03 -10.63 -6.09
CA GLY A 96 6.73 -9.71 -7.07
C GLY A 96 6.04 -8.34 -7.09
N ILE A 97 5.01 -8.19 -6.32
CA ILE A 97 4.23 -6.90 -6.32
C ILE A 97 5.12 -5.69 -6.08
N VAL A 98 5.01 -4.68 -6.93
CA VAL A 98 5.84 -3.44 -6.77
C VAL A 98 4.97 -2.30 -6.25
N VAL A 99 5.27 -1.78 -5.09
CA VAL A 99 4.46 -0.66 -4.50
C VAL A 99 5.28 0.63 -4.56
N ASP A 100 4.70 1.66 -5.09
CA ASP A 100 5.42 2.98 -5.20
C ASP A 100 4.90 3.94 -4.11
N VAL A 101 5.80 4.44 -3.30
CA VAL A 101 5.42 5.39 -2.21
C VAL A 101 5.91 6.81 -2.56
N PRO A 102 5.08 7.82 -2.48
CA PRO A 102 5.46 9.23 -2.83
C PRO A 102 6.19 9.97 -1.70
N ASP A 103 6.39 11.25 -1.91
CA ASP A 103 7.06 12.10 -0.89
C ASP A 103 5.99 12.62 0.07
N ARG A 104 4.75 12.55 -0.32
CA ARG A 104 3.62 13.01 0.53
C ARG A 104 2.65 11.84 0.66
N GLN A 105 2.48 11.28 1.83
CA GLN A 105 1.54 10.13 1.99
C GLN A 105 0.36 10.58 2.85
N TRP A 106 0.47 11.74 3.43
CA TRP A 106 -0.62 12.27 4.29
C TRP A 106 -1.82 12.63 3.41
FE1 FES B . -5.68 3.95 7.41
FE2 FES B . -5.25 2.63 5.11
S1 FES B . -7.09 3.66 5.74
S2 FES B . -3.90 2.78 6.85
N SER A 1 5.14 -14.14 -0.23
CA SER A 1 5.22 -13.53 -1.59
C SER A 1 6.33 -12.48 -1.59
N LYS A 2 6.87 -12.17 -2.74
CA LYS A 2 7.94 -11.14 -2.78
C LYS A 2 7.27 -9.79 -2.82
N VAL A 3 7.50 -8.97 -1.86
CA VAL A 3 6.85 -7.63 -1.82
C VAL A 3 7.95 -6.58 -1.92
N VAL A 4 7.87 -5.73 -2.90
CA VAL A 4 8.91 -4.66 -3.06
C VAL A 4 8.29 -3.30 -2.74
N TYR A 5 8.97 -2.55 -1.94
CA TYR A 5 8.52 -1.18 -1.56
C TYR A 5 9.45 -0.18 -2.25
N VAL A 6 8.92 0.60 -3.16
CA VAL A 6 9.76 1.62 -3.85
C VAL A 6 9.49 2.95 -3.17
N SER A 7 10.48 3.47 -2.50
CA SER A 7 10.30 4.74 -1.75
C SER A 7 10.41 5.95 -2.66
N HIS A 8 10.33 7.10 -2.07
CA HIS A 8 10.43 8.36 -2.85
C HIS A 8 11.92 8.61 -3.14
N ASP A 9 12.77 8.41 -2.17
CA ASP A 9 14.21 8.63 -2.39
C ASP A 9 14.76 7.66 -3.43
N GLY A 10 13.99 6.67 -3.83
CA GLY A 10 14.48 5.69 -4.86
C GLY A 10 14.94 4.40 -4.19
N THR A 11 15.05 4.37 -2.88
CA THR A 11 15.52 3.14 -2.20
C THR A 11 14.45 2.06 -2.23
N ARG A 12 14.83 0.89 -2.64
CA ARG A 12 13.85 -0.26 -2.70
C ARG A 12 14.03 -1.14 -1.47
N ARG A 13 12.95 -1.47 -0.82
CA ARG A 13 12.98 -2.34 0.40
C ARG A 13 12.06 -3.53 0.11
N GLU A 14 12.58 -4.73 0.13
CA GLU A 14 11.73 -5.93 -0.21
C GLU A 14 11.51 -6.83 1.02
N LEU A 15 10.27 -7.24 1.27
CA LEU A 15 9.97 -8.15 2.43
C LEU A 15 9.26 -9.39 1.93
N ASP A 16 9.12 -10.33 2.81
CA ASP A 16 8.35 -11.56 2.51
C ASP A 16 7.06 -11.38 3.30
N VAL A 17 5.93 -11.28 2.63
CA VAL A 17 4.62 -11.13 3.36
C VAL A 17 3.80 -12.40 3.12
N ALA A 18 3.38 -13.04 4.17
CA ALA A 18 2.64 -14.32 4.04
C ALA A 18 1.21 -14.09 3.51
N ASP A 19 0.61 -15.14 3.05
CA ASP A 19 -0.76 -15.08 2.51
C ASP A 19 -1.73 -14.59 3.58
N GLY A 20 -2.62 -13.74 3.18
CA GLY A 20 -3.64 -13.22 4.11
C GLY A 20 -3.08 -12.05 4.93
N VAL A 21 -1.84 -11.66 4.75
CA VAL A 21 -1.29 -10.53 5.55
C VAL A 21 -1.43 -9.22 4.78
N SER A 22 -1.58 -8.12 5.46
CA SER A 22 -1.70 -6.82 4.75
C SER A 22 -0.32 -6.22 4.57
N LEU A 23 -0.05 -5.62 3.43
CA LEU A 23 1.29 -5.00 3.22
C LEU A 23 1.60 -4.08 4.39
N MET A 24 0.58 -3.60 5.06
CA MET A 24 0.80 -2.68 6.22
C MET A 24 1.23 -3.51 7.44
N GLN A 25 0.86 -4.76 7.47
CA GLN A 25 1.24 -5.62 8.63
C GLN A 25 2.73 -5.96 8.55
N ALA A 26 3.18 -6.57 7.48
CA ALA A 26 4.62 -6.93 7.39
C ALA A 26 5.50 -5.68 7.41
N ALA A 27 4.98 -4.54 7.01
CA ALA A 27 5.82 -3.31 7.03
C ALA A 27 6.13 -2.90 8.48
N VAL A 28 5.12 -2.69 9.28
CA VAL A 28 5.36 -2.28 10.70
C VAL A 28 6.39 -3.21 11.33
N SER A 29 6.56 -4.37 10.78
CA SER A 29 7.51 -5.36 11.33
C SER A 29 8.88 -5.13 10.70
N ASN A 30 8.92 -4.48 9.58
CA ASN A 30 10.20 -4.19 8.90
C ASN A 30 10.48 -2.69 8.96
N GLY A 31 9.71 -1.95 9.73
CA GLY A 31 10.01 -0.49 9.90
C GLY A 31 9.80 0.28 8.59
N ILE A 32 8.77 -0.03 7.83
CA ILE A 32 8.59 0.66 6.51
C ILE A 32 7.34 1.53 6.40
N TYR A 33 6.19 0.96 6.55
CA TYR A 33 4.94 1.77 6.45
C TYR A 33 4.57 2.38 7.80
N ASP A 34 5.41 2.22 8.79
CA ASP A 34 5.07 2.79 10.12
C ASP A 34 4.95 4.31 10.00
N ILE A 35 6.03 5.01 10.22
CA ILE A 35 6.00 6.51 10.14
C ILE A 35 4.80 7.04 10.95
N VAL A 36 3.62 7.05 10.37
CA VAL A 36 2.41 7.54 11.09
C VAL A 36 1.27 6.54 10.88
N GLY A 37 0.06 6.91 11.21
CA GLY A 37 -1.10 5.98 11.02
C GLY A 37 -2.34 6.58 11.68
N ASP A 38 -3.16 7.26 10.94
CA ASP A 38 -4.38 7.88 11.53
C ASP A 38 -5.38 6.81 11.97
N CYS A 39 -6.03 6.15 11.05
CA CYS A 39 -7.03 5.11 11.44
C CYS A 39 -6.32 3.86 11.94
N GLY A 40 -5.01 3.88 12.00
CA GLY A 40 -4.27 2.68 12.48
C GLY A 40 -4.34 1.58 11.42
N GLY A 41 -5.02 1.83 10.33
CA GLY A 41 -5.13 0.81 9.23
C GLY A 41 -6.52 0.19 9.23
N SER A 42 -7.50 0.89 9.72
CA SER A 42 -8.90 0.35 9.73
C SER A 42 -9.67 0.91 8.54
N ALA A 43 -8.98 1.28 7.50
CA ALA A 43 -9.66 1.84 6.29
C ALA A 43 -10.55 3.01 6.71
N SER A 44 -9.98 4.04 7.27
CA SER A 44 -10.80 5.22 7.69
C SER A 44 -9.99 6.52 7.53
N CYS A 45 -8.93 6.49 6.76
CA CYS A 45 -8.12 7.72 6.55
C CYS A 45 -7.45 7.67 5.18
N ALA A 46 -6.52 8.57 4.94
CA ALA A 46 -5.82 8.60 3.62
C ALA A 46 -4.31 8.70 3.86
N THR A 47 -3.88 8.49 5.07
CA THR A 47 -2.41 8.56 5.36
C THR A 47 -1.69 7.42 4.65
N CYS A 48 -2.39 6.37 4.30
CA CYS A 48 -1.74 5.22 3.62
C CYS A 48 -1.75 5.41 2.09
N HIS A 49 -1.57 6.62 1.65
CA HIS A 49 -1.57 6.94 0.18
C HIS A 49 -0.32 6.37 -0.54
N VAL A 50 -0.48 5.37 -1.41
CA VAL A 50 0.71 4.82 -2.13
C VAL A 50 0.30 4.46 -3.57
N TYR A 51 1.22 4.01 -4.37
CA TYR A 51 0.92 3.65 -5.77
C TYR A 51 1.35 2.20 -6.03
N VAL A 52 0.39 1.33 -6.18
CA VAL A 52 0.68 -0.10 -6.47
C VAL A 52 0.88 -0.27 -7.96
N ASN A 53 1.87 -1.00 -8.37
CA ASN A 53 2.06 -1.19 -9.83
C ASN A 53 0.75 -1.73 -10.42
N GLU A 54 0.17 -0.99 -11.33
CA GLU A 54 -1.14 -1.40 -11.93
C GLU A 54 -1.14 -2.88 -12.37
N ALA A 55 -0.06 -3.58 -12.19
CA ALA A 55 -0.03 -5.02 -12.60
C ALA A 55 -0.49 -5.95 -11.47
N PHE A 56 -0.60 -5.47 -10.26
CA PHE A 56 -1.05 -6.34 -9.12
C PHE A 56 -2.37 -5.77 -8.60
N THR A 57 -2.74 -4.64 -9.10
CA THR A 57 -4.00 -3.97 -8.67
C THR A 57 -5.22 -4.72 -9.19
N ASP A 58 -5.19 -5.19 -10.40
CA ASP A 58 -6.38 -5.91 -10.96
C ASP A 58 -6.30 -7.39 -10.64
N LYS A 59 -5.32 -7.77 -9.87
CA LYS A 59 -5.15 -9.21 -9.51
C LYS A 59 -5.45 -9.38 -8.01
N VAL A 60 -4.93 -8.49 -7.19
CA VAL A 60 -5.19 -8.59 -5.72
C VAL A 60 -6.69 -8.25 -5.48
N PRO A 61 -7.25 -8.64 -4.37
CA PRO A 61 -8.71 -8.43 -4.09
C PRO A 61 -9.18 -6.97 -4.19
N ALA A 62 -10.08 -6.72 -5.11
CA ALA A 62 -10.63 -5.35 -5.32
C ALA A 62 -10.92 -4.67 -3.99
N ALA A 63 -10.47 -3.48 -3.89
CA ALA A 63 -10.70 -2.67 -2.65
C ALA A 63 -12.18 -2.33 -2.51
N ASN A 64 -12.50 -1.30 -1.74
CA ASN A 64 -13.93 -0.92 -1.53
C ASN A 64 -14.17 0.57 -1.85
N GLU A 65 -15.39 0.88 -2.22
CA GLU A 65 -15.77 2.28 -2.60
C GLU A 65 -15.70 3.23 -1.40
N ARG A 66 -15.47 2.73 -0.22
CA ARG A 66 -15.39 3.64 0.96
C ARG A 66 -14.02 4.34 0.90
N GLU A 67 -13.04 3.67 0.38
CA GLU A 67 -11.67 4.25 0.29
C GLU A 67 -11.61 5.25 -0.87
N ILE A 68 -12.30 4.96 -1.95
CA ILE A 68 -12.30 5.90 -3.12
C ILE A 68 -12.55 7.33 -2.59
N GLY A 69 -13.50 7.45 -1.70
CA GLY A 69 -13.82 8.79 -1.13
C GLY A 69 -12.68 9.28 -0.23
N MET A 70 -11.96 8.38 0.39
CA MET A 70 -10.81 8.82 1.24
C MET A 70 -9.63 9.08 0.32
N LEU A 71 -9.50 8.27 -0.69
CA LEU A 71 -8.38 8.44 -1.66
C LEU A 71 -8.53 9.81 -2.31
N GLU A 72 -9.73 10.30 -2.42
CA GLU A 72 -9.91 11.65 -3.03
C GLU A 72 -9.50 12.70 -1.98
N CYS A 73 -9.00 12.22 -0.87
CA CYS A 73 -8.59 13.13 0.25
C CYS A 73 -7.07 13.03 0.53
N VAL A 74 -6.30 12.48 -0.37
CA VAL A 74 -4.82 12.35 -0.12
C VAL A 74 -4.10 13.69 -0.25
N THR A 75 -2.88 13.75 0.21
CA THR A 75 -2.09 15.03 0.13
C THR A 75 -1.36 15.12 -1.22
N ALA A 76 -1.00 14.01 -1.84
CA ALA A 76 -0.26 14.10 -3.16
C ALA A 76 -1.23 13.82 -4.31
N GLU A 77 -0.74 13.79 -5.53
CA GLU A 77 -1.62 13.56 -6.72
C GLU A 77 -2.15 12.12 -6.76
N LEU A 78 -3.43 11.93 -6.84
CA LEU A 78 -3.97 10.55 -6.92
C LEU A 78 -3.76 10.01 -8.33
N LYS A 79 -3.82 8.72 -8.43
CA LYS A 79 -3.63 8.03 -9.72
C LYS A 79 -4.89 7.20 -10.00
N PRO A 80 -5.14 6.87 -11.24
CA PRO A 80 -6.31 6.05 -11.59
C PRO A 80 -6.19 4.68 -10.92
N ASN A 81 -4.98 4.21 -10.75
CA ASN A 81 -4.75 2.90 -10.09
C ASN A 81 -4.14 3.11 -8.68
N SER A 82 -4.34 4.27 -8.09
CA SER A 82 -3.81 4.49 -6.72
C SER A 82 -4.59 3.62 -5.74
N ARG A 83 -3.97 3.21 -4.67
CA ARG A 83 -4.69 2.35 -3.70
C ARG A 83 -4.12 2.54 -2.29
N LEU A 84 -4.90 2.16 -1.31
CA LEU A 84 -4.45 2.28 0.10
C LEU A 84 -3.70 1.00 0.47
N CYS A 85 -2.72 1.07 1.33
CA CYS A 85 -1.92 -0.13 1.69
C CYS A 85 -2.54 -0.88 2.89
N CYS A 86 -3.38 -0.26 3.65
CA CYS A 86 -3.97 -0.98 4.83
C CYS A 86 -5.17 -1.83 4.41
N GLN A 87 -5.37 -2.03 3.13
CA GLN A 87 -6.53 -2.87 2.65
C GLN A 87 -6.08 -3.82 1.53
N ILE A 88 -4.80 -4.03 1.38
CA ILE A 88 -4.28 -4.95 0.30
C ILE A 88 -3.72 -6.23 0.91
N ILE A 89 -4.20 -7.38 0.48
CA ILE A 89 -3.74 -8.70 1.02
C ILE A 89 -2.72 -9.38 0.11
N MET A 90 -1.54 -9.65 0.62
CA MET A 90 -0.52 -10.31 -0.23
C MET A 90 -0.79 -11.80 -0.37
N THR A 91 -0.29 -12.38 -1.43
CA THR A 91 -0.45 -13.84 -1.68
C THR A 91 0.78 -14.30 -2.45
N PRO A 92 1.25 -15.50 -2.26
CA PRO A 92 2.45 -16.01 -2.97
C PRO A 92 2.28 -15.89 -4.49
N GLU A 93 1.14 -16.23 -5.00
CA GLU A 93 0.95 -16.12 -6.48
C GLU A 93 1.24 -14.69 -6.95
N LEU A 94 0.90 -13.70 -6.16
CA LEU A 94 1.16 -12.28 -6.61
C LEU A 94 2.56 -11.86 -6.19
N ASP A 95 3.43 -12.80 -5.96
CA ASP A 95 4.81 -12.46 -5.54
C ASP A 95 5.48 -11.55 -6.59
N GLY A 96 6.20 -10.56 -6.15
CA GLY A 96 6.92 -9.63 -7.07
C GLY A 96 6.23 -8.26 -7.08
N ILE A 97 5.17 -8.12 -6.33
CA ILE A 97 4.39 -6.84 -6.36
C ILE A 97 5.27 -5.60 -6.07
N VAL A 98 5.12 -4.57 -6.87
CA VAL A 98 5.96 -3.32 -6.68
C VAL A 98 5.08 -2.19 -6.13
N VAL A 99 5.42 -1.66 -4.98
CA VAL A 99 4.62 -0.55 -4.37
C VAL A 99 5.38 0.77 -4.48
N ASP A 100 4.75 1.77 -5.02
CA ASP A 100 5.41 3.11 -5.16
C ASP A 100 4.85 4.06 -4.10
N VAL A 101 5.74 4.60 -3.28
CA VAL A 101 5.32 5.54 -2.19
C VAL A 101 5.81 6.96 -2.53
N PRO A 102 4.98 7.98 -2.41
CA PRO A 102 5.36 9.40 -2.72
C PRO A 102 6.13 10.10 -1.59
N ASP A 103 6.34 11.37 -1.77
CA ASP A 103 7.04 12.20 -0.76
C ASP A 103 6.01 12.71 0.24
N ARG A 104 4.75 12.67 -0.16
CA ARG A 104 3.65 13.14 0.74
C ARG A 104 2.64 12.00 0.80
N GLN A 105 2.44 11.41 1.93
CA GLN A 105 1.45 10.29 2.05
C GLN A 105 0.34 10.75 3.00
N TRP A 106 0.60 11.80 3.73
CA TRP A 106 -0.40 12.32 4.71
C TRP A 106 -1.78 12.40 4.03
FE1 FES B . -6.02 4.69 7.45
FE2 FES B . -5.31 3.13 5.36
S1 FES B . -7.20 4.23 5.65
S2 FES B . -4.15 3.58 7.17
N SER A 1 5.04 -14.48 -0.11
CA SER A 1 4.95 -13.66 -1.35
C SER A 1 6.03 -12.59 -1.32
N LYS A 2 6.56 -12.22 -2.46
CA LYS A 2 7.61 -11.18 -2.49
C LYS A 2 6.93 -9.82 -2.61
N VAL A 3 7.17 -8.95 -1.68
CA VAL A 3 6.54 -7.60 -1.73
C VAL A 3 7.65 -6.57 -1.81
N VAL A 4 7.63 -5.73 -2.81
CA VAL A 4 8.71 -4.70 -2.94
C VAL A 4 8.11 -3.32 -2.68
N TYR A 5 8.76 -2.56 -1.85
CA TYR A 5 8.33 -1.18 -1.53
C TYR A 5 9.29 -0.21 -2.18
N VAL A 6 8.83 0.58 -3.09
CA VAL A 6 9.73 1.59 -3.74
C VAL A 6 9.49 2.91 -3.05
N SER A 7 10.45 3.37 -2.31
CA SER A 7 10.28 4.63 -1.55
C SER A 7 10.38 5.84 -2.46
N HIS A 8 10.25 7.00 -1.88
CA HIS A 8 10.35 8.25 -2.67
C HIS A 8 11.84 8.50 -2.95
N ASP A 9 12.67 8.30 -1.97
CA ASP A 9 14.13 8.51 -2.16
C ASP A 9 14.68 7.51 -3.18
N GLY A 10 13.90 6.54 -3.60
CA GLY A 10 14.40 5.55 -4.61
C GLY A 10 14.86 4.26 -3.92
N THR A 11 14.97 4.26 -2.62
CA THR A 11 15.44 3.03 -1.91
C THR A 11 14.34 1.97 -1.96
N ARG A 12 14.71 0.78 -2.33
CA ARG A 12 13.71 -0.34 -2.41
C ARG A 12 13.81 -1.21 -1.15
N ARG A 13 12.69 -1.50 -0.54
CA ARG A 13 12.66 -2.36 0.67
C ARG A 13 11.75 -3.54 0.34
N GLU A 14 12.26 -4.74 0.34
CA GLU A 14 11.43 -5.93 -0.01
C GLU A 14 11.17 -6.80 1.23
N LEU A 15 9.93 -7.18 1.47
CA LEU A 15 9.62 -8.06 2.65
C LEU A 15 8.82 -9.27 2.17
N ASP A 16 8.59 -10.16 3.09
CA ASP A 16 7.75 -11.33 2.80
C ASP A 16 6.44 -11.07 3.56
N VAL A 17 5.36 -10.90 2.86
CA VAL A 17 4.03 -10.67 3.52
C VAL A 17 3.17 -11.92 3.34
N ALA A 18 2.73 -12.50 4.42
CA ALA A 18 1.95 -13.77 4.31
C ALA A 18 0.58 -13.53 3.63
N ASP A 19 0.04 -14.58 3.08
CA ASP A 19 -1.27 -14.49 2.40
C ASP A 19 -2.30 -13.91 3.36
N GLY A 20 -3.15 -13.07 2.87
CA GLY A 20 -4.21 -12.47 3.72
C GLY A 20 -3.66 -11.36 4.62
N VAL A 21 -2.40 -11.03 4.54
CA VAL A 21 -1.87 -9.94 5.43
C VAL A 21 -1.97 -8.62 4.68
N SER A 22 -2.12 -7.54 5.39
CA SER A 22 -2.19 -6.21 4.71
C SER A 22 -0.77 -5.67 4.57
N LEU A 23 -0.43 -5.12 3.45
CA LEU A 23 0.95 -4.56 3.27
C LEU A 23 1.27 -3.67 4.46
N MET A 24 0.47 -2.66 4.67
CA MET A 24 0.71 -1.73 5.81
C MET A 24 0.95 -2.54 7.08
N GLN A 25 0.53 -3.77 7.10
CA GLN A 25 0.72 -4.62 8.31
C GLN A 25 2.17 -5.08 8.38
N ALA A 26 2.64 -5.84 7.42
CA ALA A 26 4.06 -6.31 7.45
C ALA A 26 5.02 -5.12 7.38
N ALA A 27 4.59 -4.01 6.86
CA ALA A 27 5.50 -2.83 6.78
C ALA A 27 5.81 -2.31 8.19
N VAL A 28 4.79 -2.02 8.96
CA VAL A 28 5.02 -1.50 10.34
C VAL A 28 5.96 -2.44 11.10
N SER A 29 6.06 -3.67 10.65
CA SER A 29 6.94 -4.66 11.34
C SER A 29 8.34 -4.57 10.76
N ASN A 30 8.46 -4.00 9.59
CA ASN A 30 9.79 -3.84 8.96
C ASN A 30 10.18 -2.37 9.03
N GLY A 31 9.48 -1.58 9.81
CA GLY A 31 9.88 -0.15 9.98
C GLY A 31 9.66 0.62 8.68
N ILE A 32 8.54 0.45 8.02
CA ILE A 32 8.32 1.15 6.71
C ILE A 32 7.20 2.18 6.76
N TYR A 33 5.99 1.77 7.01
CA TYR A 33 4.86 2.75 7.10
C TYR A 33 4.68 3.29 8.51
N ASP A 34 5.56 3.03 9.43
CA ASP A 34 5.35 3.55 10.80
C ASP A 34 5.22 5.06 10.76
N ILE A 35 6.30 5.73 11.08
CA ILE A 35 6.32 7.24 11.10
C ILE A 35 4.92 7.79 11.41
N VAL A 36 4.12 8.03 10.40
CA VAL A 36 2.73 8.54 10.62
C VAL A 36 1.76 7.35 10.63
N GLY A 37 0.70 7.44 11.38
CA GLY A 37 -0.29 6.31 11.43
C GLY A 37 -1.62 6.82 11.98
N ASP A 38 -2.48 7.31 11.12
CA ASP A 38 -3.81 7.82 11.59
C ASP A 38 -4.67 6.66 12.11
N CYS A 39 -5.19 5.83 11.23
CA CYS A 39 -6.05 4.70 11.69
C CYS A 39 -5.19 3.49 12.08
N GLY A 40 -3.90 3.56 11.85
CA GLY A 40 -3.02 2.42 12.21
C GLY A 40 -3.23 1.24 11.26
N GLY A 41 -4.03 1.42 10.23
CA GLY A 41 -4.27 0.30 9.26
C GLY A 41 -5.68 -0.27 9.47
N SER A 42 -6.57 0.49 10.05
CA SER A 42 -7.96 0.00 10.29
C SER A 42 -8.87 0.52 9.17
N ALA A 43 -8.30 0.94 8.08
CA ALA A 43 -9.13 1.46 6.94
C ALA A 43 -9.97 2.65 7.41
N SER A 44 -9.35 3.68 7.93
CA SER A 44 -10.13 4.87 8.38
C SER A 44 -9.30 6.15 8.16
N CYS A 45 -8.38 6.11 7.23
CA CYS A 45 -7.54 7.32 6.96
C CYS A 45 -6.96 7.25 5.55
N ALA A 46 -6.03 8.12 5.24
CA ALA A 46 -5.39 8.13 3.89
C ALA A 46 -3.87 8.12 4.05
N THR A 47 -3.39 7.98 5.25
CA THR A 47 -1.91 7.97 5.48
C THR A 47 -1.28 6.85 4.65
N CYS A 48 -2.05 5.85 4.30
CA CYS A 48 -1.50 4.72 3.51
C CYS A 48 -1.63 5.00 2.01
N HIS A 49 -1.46 6.23 1.62
CA HIS A 49 -1.57 6.60 0.17
C HIS A 49 -0.33 6.09 -0.57
N VAL A 50 -0.48 5.16 -1.48
CA VAL A 50 0.72 4.65 -2.23
C VAL A 50 0.31 4.32 -3.66
N TYR A 51 1.24 3.87 -4.45
CA TYR A 51 0.96 3.54 -5.85
C TYR A 51 1.39 2.09 -6.13
N VAL A 52 0.41 1.26 -6.35
CA VAL A 52 0.69 -0.18 -6.65
C VAL A 52 0.92 -0.33 -8.14
N ASN A 53 1.96 -1.00 -8.55
CA ASN A 53 2.18 -1.16 -10.00
C ASN A 53 0.89 -1.67 -10.63
N GLU A 54 0.35 -0.95 -11.57
CA GLU A 54 -0.95 -1.34 -12.20
C GLU A 54 -0.95 -2.82 -12.63
N ALA A 55 0.12 -3.53 -12.39
CA ALA A 55 0.16 -4.96 -12.81
C ALA A 55 -0.37 -5.87 -11.69
N PHE A 56 -0.52 -5.40 -10.48
CA PHE A 56 -1.04 -6.27 -9.36
C PHE A 56 -2.37 -5.68 -8.87
N THR A 57 -2.71 -4.52 -9.38
CA THR A 57 -3.97 -3.85 -8.96
C THR A 57 -5.19 -4.60 -9.51
N ASP A 58 -5.10 -5.09 -10.71
CA ASP A 58 -6.28 -5.79 -11.32
C ASP A 58 -6.20 -7.28 -11.02
N LYS A 59 -5.32 -7.66 -10.14
CA LYS A 59 -5.16 -9.10 -9.79
C LYS A 59 -5.47 -9.29 -8.31
N VAL A 60 -4.92 -8.44 -7.49
CA VAL A 60 -5.17 -8.54 -6.02
C VAL A 60 -6.64 -8.11 -5.78
N PRO A 61 -7.21 -8.31 -4.60
CA PRO A 61 -8.65 -7.97 -4.37
C PRO A 61 -8.97 -6.48 -4.56
N ALA A 62 -9.71 -6.19 -5.60
CA ALA A 62 -10.09 -4.80 -5.91
C ALA A 62 -10.51 -4.06 -4.66
N ALA A 63 -10.13 -2.84 -4.62
CA ALA A 63 -10.45 -1.96 -3.45
C ALA A 63 -11.95 -1.66 -3.39
N ASN A 64 -12.51 -1.71 -2.20
CA ASN A 64 -13.98 -1.47 -2.06
C ASN A 64 -14.28 0.03 -2.03
N GLU A 65 -15.54 0.37 -2.12
CA GLU A 65 -15.97 1.79 -2.16
C GLU A 65 -15.54 2.59 -0.92
N ARG A 66 -15.11 1.96 0.14
CA ARG A 66 -14.70 2.77 1.32
C ARG A 66 -13.31 3.37 1.09
N GLU A 67 -12.43 2.60 0.51
CA GLU A 67 -11.07 3.11 0.22
C GLU A 67 -11.13 4.25 -0.79
N ILE A 68 -11.96 4.12 -1.79
CA ILE A 68 -12.09 5.18 -2.82
C ILE A 68 -12.35 6.52 -2.13
N GLY A 69 -13.11 6.52 -1.08
CA GLY A 69 -13.40 7.79 -0.36
C GLY A 69 -12.16 8.31 0.37
N MET A 70 -11.30 7.44 0.84
CA MET A 70 -10.07 7.94 1.54
C MET A 70 -9.06 8.34 0.47
N LEU A 71 -9.04 7.62 -0.63
CA LEU A 71 -8.09 7.92 -1.72
C LEU A 71 -8.34 9.35 -2.22
N GLU A 72 -9.57 9.79 -2.19
CA GLU A 72 -9.89 11.17 -2.64
C GLU A 72 -9.50 12.16 -1.54
N CYS A 73 -9.21 11.64 -0.38
CA CYS A 73 -8.84 12.52 0.78
C CYS A 73 -7.31 12.51 0.99
N VAL A 74 -6.54 12.01 0.05
CA VAL A 74 -5.06 11.99 0.22
C VAL A 74 -4.46 13.36 -0.06
N THR A 75 -3.22 13.57 0.30
CA THR A 75 -2.56 14.89 0.06
C THR A 75 -1.80 14.91 -1.26
N ALA A 76 -1.46 13.79 -1.85
CA ALA A 76 -0.69 13.82 -3.14
C ALA A 76 -1.64 13.56 -4.32
N GLU A 77 -1.10 13.51 -5.51
CA GLU A 77 -1.93 13.32 -6.76
C GLU A 77 -2.42 11.88 -6.90
N LEU A 78 -3.69 11.68 -7.13
CA LEU A 78 -4.20 10.28 -7.28
C LEU A 78 -3.99 9.77 -8.69
N LYS A 79 -3.78 8.49 -8.77
CA LYS A 79 -3.51 7.82 -10.06
C LYS A 79 -4.70 6.93 -10.43
N PRO A 80 -4.85 6.59 -11.68
CA PRO A 80 -5.94 5.69 -12.11
C PRO A 80 -5.83 4.36 -11.35
N ASN A 81 -4.62 3.93 -11.10
CA ASN A 81 -4.39 2.65 -10.36
C ASN A 81 -3.81 2.94 -8.96
N SER A 82 -4.11 4.08 -8.39
CA SER A 82 -3.61 4.39 -7.03
C SER A 82 -4.33 3.49 -6.03
N ARG A 83 -3.66 3.09 -4.99
CA ARG A 83 -4.31 2.17 -4.00
C ARG A 83 -3.82 2.47 -2.59
N LEU A 84 -4.49 1.93 -1.63
CA LEU A 84 -4.08 2.11 -0.21
C LEU A 84 -3.23 0.91 0.18
N CYS A 85 -2.49 1.03 1.25
CA CYS A 85 -1.57 -0.08 1.67
C CYS A 85 -2.20 -0.96 2.75
N CYS A 86 -3.15 -0.46 3.51
CA CYS A 86 -3.75 -1.29 4.59
C CYS A 86 -4.92 -2.15 4.09
N GLN A 87 -5.40 -1.92 2.88
CA GLN A 87 -6.55 -2.74 2.36
C GLN A 87 -6.06 -3.68 1.24
N ILE A 88 -4.78 -3.84 1.11
CA ILE A 88 -4.21 -4.73 0.04
C ILE A 88 -3.71 -6.05 0.63
N ILE A 89 -4.23 -7.16 0.15
CA ILE A 89 -3.83 -8.50 0.68
C ILE A 89 -2.82 -9.17 -0.26
N MET A 90 -1.65 -9.41 0.24
CA MET A 90 -0.60 -10.07 -0.60
C MET A 90 -0.96 -11.54 -0.83
N THR A 91 -0.49 -12.10 -1.91
CA THR A 91 -0.76 -13.54 -2.21
C THR A 91 0.48 -14.15 -2.87
N PRO A 92 0.74 -15.42 -2.68
CA PRO A 92 1.90 -16.09 -3.31
C PRO A 92 1.84 -15.96 -4.84
N GLU A 93 0.68 -16.16 -5.40
CA GLU A 93 0.56 -16.06 -6.87
C GLU A 93 0.95 -14.66 -7.32
N LEU A 94 0.63 -13.66 -6.53
CA LEU A 94 0.97 -12.26 -6.91
C LEU A 94 2.35 -11.88 -6.35
N ASP A 95 3.14 -12.83 -5.98
CA ASP A 95 4.50 -12.51 -5.44
C ASP A 95 5.25 -11.62 -6.44
N GLY A 96 5.97 -10.65 -5.96
CA GLY A 96 6.76 -9.75 -6.87
C GLY A 96 6.11 -8.36 -6.95
N ILE A 97 5.01 -8.17 -6.28
CA ILE A 97 4.27 -6.87 -6.39
C ILE A 97 5.18 -5.66 -6.11
N VAL A 98 5.09 -4.64 -6.95
CA VAL A 98 5.93 -3.41 -6.75
C VAL A 98 5.06 -2.28 -6.23
N VAL A 99 5.36 -1.74 -5.08
CA VAL A 99 4.55 -0.63 -4.49
C VAL A 99 5.34 0.67 -4.53
N ASP A 100 4.74 1.69 -5.06
CA ASP A 100 5.43 3.02 -5.15
C ASP A 100 4.87 3.97 -4.09
N VAL A 101 5.73 4.46 -3.23
CA VAL A 101 5.31 5.39 -2.14
C VAL A 101 5.79 6.82 -2.46
N PRO A 102 4.94 7.82 -2.36
CA PRO A 102 5.33 9.23 -2.66
C PRO A 102 6.03 9.96 -1.50
N ASP A 103 6.25 11.23 -1.68
CA ASP A 103 6.89 12.06 -0.61
C ASP A 103 5.80 12.56 0.33
N ARG A 104 4.56 12.50 -0.11
CA ARG A 104 3.42 12.96 0.73
C ARG A 104 2.44 11.80 0.83
N GLN A 105 2.22 11.25 1.99
CA GLN A 105 1.26 10.11 2.11
C GLN A 105 0.03 10.59 2.90
N TRP A 106 0.12 11.78 3.43
CA TRP A 106 -1.02 12.33 4.22
C TRP A 106 -2.24 12.47 3.32
FE1 FES B . -5.44 4.24 7.62
FE2 FES B . -5.02 2.78 5.40
S1 FES B . -6.82 3.90 5.95
S2 FES B . -3.65 3.06 7.10
N SER A 1 4.79 -13.96 0.17
CA SER A 1 4.94 -13.43 -1.21
C SER A 1 6.03 -12.35 -1.21
N LYS A 2 6.55 -12.01 -2.36
CA LYS A 2 7.60 -10.97 -2.41
C LYS A 2 6.93 -9.61 -2.52
N VAL A 3 7.13 -8.74 -1.58
CA VAL A 3 6.50 -7.39 -1.64
C VAL A 3 7.60 -6.36 -1.77
N VAL A 4 7.57 -5.56 -2.81
CA VAL A 4 8.64 -4.52 -3.00
C VAL A 4 8.07 -3.11 -2.75
N TYR A 5 8.74 -2.36 -1.94
CA TYR A 5 8.33 -0.96 -1.67
C TYR A 5 9.33 -0.03 -2.33
N VAL A 6 8.90 0.77 -3.28
CA VAL A 6 9.84 1.74 -3.93
C VAL A 6 9.61 3.08 -3.25
N SER A 7 10.56 3.51 -2.49
CA SER A 7 10.40 4.76 -1.74
C SER A 7 10.49 5.98 -2.66
N HIS A 8 10.36 7.13 -2.08
CA HIS A 8 10.44 8.39 -2.85
C HIS A 8 11.90 8.68 -3.13
N ASP A 9 12.74 8.54 -2.15
CA ASP A 9 14.18 8.79 -2.35
C ASP A 9 14.75 7.77 -3.35
N GLY A 10 13.96 6.82 -3.78
CA GLY A 10 14.46 5.82 -4.78
C GLY A 10 14.93 4.53 -4.07
N THR A 11 15.10 4.56 -2.78
CA THR A 11 15.58 3.33 -2.07
C THR A 11 14.50 2.24 -2.16
N ARG A 12 14.90 1.04 -2.52
CA ARG A 12 13.92 -0.10 -2.65
C ARG A 12 14.11 -1.10 -1.49
N ARG A 13 13.03 -1.61 -0.94
CA ARG A 13 13.14 -2.62 0.16
C ARG A 13 12.09 -3.70 -0.11
N GLU A 14 12.46 -4.94 0.02
CA GLU A 14 11.50 -6.07 -0.28
C GLU A 14 11.19 -6.89 0.98
N LEU A 15 9.92 -7.23 1.19
CA LEU A 15 9.51 -8.03 2.40
C LEU A 15 8.81 -9.31 2.01
N ASP A 16 8.62 -10.14 2.99
CA ASP A 16 7.85 -11.37 2.81
C ASP A 16 6.55 -11.11 3.56
N VAL A 17 5.47 -10.90 2.86
CA VAL A 17 4.14 -10.67 3.52
C VAL A 17 3.31 -11.95 3.30
N ALA A 18 2.90 -12.57 4.37
CA ALA A 18 2.15 -13.86 4.24
C ALA A 18 0.76 -13.62 3.62
N ASP A 19 0.17 -14.68 3.16
CA ASP A 19 -1.18 -14.59 2.54
C ASP A 19 -2.17 -14.02 3.54
N GLY A 20 -3.01 -13.16 3.07
CA GLY A 20 -4.04 -12.56 3.95
C GLY A 20 -3.45 -11.46 4.82
N VAL A 21 -2.17 -11.19 4.73
CA VAL A 21 -1.59 -10.11 5.58
C VAL A 21 -1.65 -8.80 4.81
N SER A 22 -1.79 -7.68 5.49
CA SER A 22 -1.85 -6.39 4.77
C SER A 22 -0.43 -5.81 4.69
N LEU A 23 -0.08 -5.20 3.59
CA LEU A 23 1.27 -4.62 3.47
C LEU A 23 1.53 -3.70 4.66
N MET A 24 0.50 -3.24 5.28
CA MET A 24 0.67 -2.33 6.46
C MET A 24 1.07 -3.18 7.67
N GLN A 25 0.65 -4.41 7.71
CA GLN A 25 1.01 -5.27 8.86
C GLN A 25 2.50 -5.65 8.77
N ALA A 26 2.94 -6.18 7.67
CA ALA A 26 4.39 -6.57 7.57
C ALA A 26 5.31 -5.34 7.58
N ALA A 27 4.87 -4.20 7.11
CA ALA A 27 5.76 -3.02 7.13
C ALA A 27 6.06 -2.58 8.57
N VAL A 28 5.05 -2.44 9.39
CA VAL A 28 5.26 -2.00 10.79
C VAL A 28 6.25 -2.95 11.49
N SER A 29 6.39 -4.15 11.01
CA SER A 29 7.30 -5.13 11.65
C SER A 29 8.70 -5.04 11.04
N ASN A 30 8.79 -4.48 9.87
CA ASN A 30 10.11 -4.34 9.22
C ASN A 30 10.58 -2.90 9.35
N GLY A 31 9.93 -2.12 10.18
CA GLY A 31 10.42 -0.72 10.40
C GLY A 31 10.20 0.15 9.15
N ILE A 32 9.15 -0.06 8.41
CA ILE A 32 8.93 0.75 7.15
C ILE A 32 7.68 1.60 7.26
N TYR A 33 6.67 1.12 7.93
CA TYR A 33 5.40 1.91 8.00
C TYR A 33 5.51 3.13 8.91
N ASP A 34 6.69 3.52 9.36
CA ASP A 34 6.82 4.70 10.30
C ASP A 34 6.04 5.92 9.77
N ILE A 35 4.81 5.70 9.47
CA ILE A 35 3.91 6.77 8.96
C ILE A 35 2.82 7.03 10.00
N VAL A 36 2.26 8.21 10.01
CA VAL A 36 1.21 8.52 11.01
C VAL A 36 -0.03 7.65 10.75
N GLY A 37 0.08 6.37 10.94
CA GLY A 37 -1.07 5.47 10.70
C GLY A 37 -2.24 5.94 11.58
N ASP A 38 -3.13 6.72 11.03
CA ASP A 38 -4.28 7.22 11.83
C ASP A 38 -5.21 6.05 12.19
N CYS A 39 -5.69 5.33 11.20
CA CYS A 39 -6.60 4.18 11.50
C CYS A 39 -5.78 2.96 11.89
N GLY A 40 -4.48 3.06 11.86
CA GLY A 40 -3.62 1.92 12.24
C GLY A 40 -3.67 0.83 11.16
N GLY A 41 -4.29 1.12 10.04
CA GLY A 41 -4.35 0.11 8.94
C GLY A 41 -5.72 -0.57 8.92
N SER A 42 -6.71 0.06 9.49
CA SER A 42 -8.09 -0.54 9.52
C SER A 42 -8.91 0.04 8.38
N ALA A 43 -8.26 0.58 7.38
CA ALA A 43 -8.99 1.18 6.23
C ALA A 43 -9.97 2.26 6.74
N SER A 44 -9.49 3.30 7.33
CA SER A 44 -10.39 4.38 7.82
C SER A 44 -9.69 5.74 7.71
N CYS A 45 -8.55 5.78 7.06
CA CYS A 45 -7.82 7.08 6.89
C CYS A 45 -7.24 7.13 5.47
N ALA A 46 -6.38 8.08 5.22
CA ALA A 46 -5.76 8.22 3.86
C ALA A 46 -4.28 8.51 4.01
N THR A 47 -3.66 8.00 5.05
CA THR A 47 -2.21 8.27 5.27
C THR A 47 -1.39 7.19 4.54
N CYS A 48 -1.99 6.06 4.28
CA CYS A 48 -1.27 4.97 3.57
C CYS A 48 -1.38 5.15 2.06
N HIS A 49 -1.33 6.38 1.60
CA HIS A 49 -1.43 6.67 0.14
C HIS A 49 -0.17 6.15 -0.59
N VAL A 50 -0.33 5.20 -1.49
CA VAL A 50 0.86 4.71 -2.26
C VAL A 50 0.39 4.32 -3.65
N TYR A 51 1.31 3.99 -4.52
CA TYR A 51 0.95 3.61 -5.91
C TYR A 51 1.34 2.14 -6.15
N VAL A 52 0.35 1.31 -6.38
CA VAL A 52 0.58 -0.15 -6.64
C VAL A 52 0.77 -0.35 -8.14
N ASN A 53 1.82 -1.02 -8.56
CA ASN A 53 2.00 -1.24 -10.01
C ASN A 53 0.71 -1.80 -10.60
N GLU A 54 0.16 -1.12 -11.56
CA GLU A 54 -1.13 -1.56 -12.18
C GLU A 54 -1.11 -3.05 -12.57
N ALA A 55 -0.04 -3.76 -12.32
CA ALA A 55 0.01 -5.20 -12.71
C ALA A 55 -0.55 -6.09 -11.59
N PHE A 56 -0.66 -5.60 -10.38
CA PHE A 56 -1.18 -6.43 -9.25
C PHE A 56 -2.49 -5.83 -8.77
N THR A 57 -2.82 -4.66 -9.28
CA THR A 57 -4.07 -3.96 -8.89
C THR A 57 -5.29 -4.72 -9.40
N ASP A 58 -5.20 -5.26 -10.60
CA ASP A 58 -6.36 -6.01 -11.17
C ASP A 58 -6.28 -7.46 -10.72
N LYS A 59 -5.23 -7.78 -10.02
CA LYS A 59 -5.04 -9.17 -9.53
C LYS A 59 -5.50 -9.22 -8.07
N VAL A 60 -5.04 -8.30 -7.28
CA VAL A 60 -5.45 -8.27 -5.84
C VAL A 60 -6.92 -7.81 -5.81
N PRO A 61 -7.66 -8.19 -4.80
CA PRO A 61 -9.12 -7.86 -4.69
C PRO A 61 -9.44 -6.36 -4.82
N ALA A 62 -10.28 -6.02 -5.78
CA ALA A 62 -10.70 -4.62 -6.01
C ALA A 62 -10.96 -3.92 -4.69
N ALA A 63 -10.41 -2.78 -4.57
CA ALA A 63 -10.56 -1.97 -3.32
C ALA A 63 -12.04 -1.71 -3.01
N ASN A 64 -12.34 -1.44 -1.76
CA ASN A 64 -13.75 -1.17 -1.34
C ASN A 64 -14.10 0.30 -1.55
N GLU A 65 -15.35 0.58 -1.80
CA GLU A 65 -15.80 1.98 -2.02
C GLU A 65 -15.44 2.87 -0.84
N ARG A 66 -15.11 2.29 0.28
CA ARG A 66 -14.72 3.13 1.44
C ARG A 66 -13.31 3.66 1.16
N GLU A 67 -12.51 2.88 0.50
CA GLU A 67 -11.13 3.33 0.17
C GLU A 67 -11.21 4.51 -0.79
N ILE A 68 -12.12 4.46 -1.72
CA ILE A 68 -12.26 5.57 -2.72
C ILE A 68 -12.54 6.91 -2.02
N GLY A 69 -13.31 6.91 -0.97
CA GLY A 69 -13.63 8.21 -0.30
C GLY A 69 -12.45 8.75 0.50
N MET A 70 -11.67 7.89 1.10
CA MET A 70 -10.46 8.38 1.85
C MET A 70 -9.33 8.59 0.85
N LEU A 71 -9.32 7.77 -0.17
CA LEU A 71 -8.25 7.88 -1.21
C LEU A 71 -8.48 9.15 -2.02
N GLU A 72 -9.70 9.51 -2.27
CA GLU A 72 -9.95 10.78 -3.02
C GLU A 72 -9.61 11.95 -2.10
N CYS A 73 -9.15 11.62 -0.91
CA CYS A 73 -8.81 12.68 0.10
C CYS A 73 -7.32 12.66 0.46
N VAL A 74 -6.47 12.10 -0.37
CA VAL A 74 -5.02 12.09 -0.01
C VAL A 74 -4.38 13.45 -0.30
N THR A 75 -3.14 13.64 0.10
CA THR A 75 -2.46 14.96 -0.10
C THR A 75 -1.57 14.95 -1.35
N ALA A 76 -1.23 13.81 -1.91
CA ALA A 76 -0.34 13.79 -3.12
C ALA A 76 -1.21 13.68 -4.38
N GLU A 77 -0.59 13.72 -5.54
CA GLU A 77 -1.36 13.62 -6.81
C GLU A 77 -1.96 12.24 -6.95
N LEU A 78 -3.22 12.16 -7.22
CA LEU A 78 -3.85 10.83 -7.39
C LEU A 78 -3.42 10.21 -8.71
N LYS A 79 -3.67 8.95 -8.85
CA LYS A 79 -3.29 8.22 -10.08
C LYS A 79 -4.49 7.37 -10.50
N PRO A 80 -4.62 7.04 -11.74
CA PRO A 80 -5.75 6.19 -12.20
C PRO A 80 -5.79 4.91 -11.38
N ASN A 81 -4.64 4.41 -11.01
CA ASN A 81 -4.55 3.16 -10.21
C ASN A 81 -4.04 3.46 -8.80
N SER A 82 -4.37 4.59 -8.23
CA SER A 82 -3.91 4.90 -6.86
C SER A 82 -4.68 4.01 -5.87
N ARG A 83 -4.01 3.57 -4.83
CA ARG A 83 -4.69 2.69 -3.83
C ARG A 83 -3.99 2.83 -2.49
N LEU A 84 -4.60 2.34 -1.44
CA LEU A 84 -3.96 2.42 -0.10
C LEU A 84 -3.10 1.17 0.10
N CYS A 85 -2.29 1.14 1.15
CA CYS A 85 -1.39 -0.03 1.38
C CYS A 85 -1.88 -0.89 2.55
N CYS A 86 -3.00 -0.56 3.17
CA CYS A 86 -3.48 -1.38 4.32
C CYS A 86 -4.73 -2.21 3.93
N GLN A 87 -5.50 -1.75 2.98
CA GLN A 87 -6.70 -2.54 2.56
C GLN A 87 -6.30 -3.51 1.44
N ILE A 88 -5.01 -3.73 1.32
CA ILE A 88 -4.48 -4.65 0.26
C ILE A 88 -3.91 -5.93 0.90
N ILE A 89 -4.38 -7.09 0.48
CA ILE A 89 -3.92 -8.40 1.07
C ILE A 89 -2.92 -9.08 0.14
N MET A 90 -1.74 -9.36 0.62
CA MET A 90 -0.74 -10.02 -0.24
C MET A 90 -1.04 -11.52 -0.38
N THR A 91 -0.49 -12.12 -1.41
CA THR A 91 -0.70 -13.58 -1.66
C THR A 91 0.53 -14.08 -2.44
N PRO A 92 0.88 -15.33 -2.30
CA PRO A 92 2.07 -15.91 -2.99
C PRO A 92 1.98 -15.77 -4.53
N GLU A 93 0.84 -16.05 -5.10
CA GLU A 93 0.72 -15.93 -6.57
C GLU A 93 1.00 -14.48 -6.99
N LEU A 94 0.66 -13.55 -6.14
CA LEU A 94 0.87 -12.11 -6.45
C LEU A 94 2.27 -11.68 -5.99
N ASP A 95 3.10 -12.64 -5.69
CA ASP A 95 4.50 -12.32 -5.25
C ASP A 95 5.22 -11.51 -6.34
N GLY A 96 5.96 -10.52 -5.94
CA GLY A 96 6.76 -9.68 -6.90
C GLY A 96 6.09 -8.31 -7.03
N ILE A 97 5.00 -8.14 -6.36
CA ILE A 97 4.23 -6.85 -6.43
C ILE A 97 5.13 -5.64 -6.17
N VAL A 98 5.05 -4.65 -7.02
CA VAL A 98 5.88 -3.42 -6.84
C VAL A 98 5.01 -2.27 -6.31
N VAL A 99 5.27 -1.83 -5.11
CA VAL A 99 4.46 -0.72 -4.50
C VAL A 99 5.27 0.57 -4.55
N ASP A 100 4.70 1.61 -5.08
CA ASP A 100 5.43 2.91 -5.17
C ASP A 100 4.90 3.87 -4.09
N VAL A 101 5.79 4.28 -3.21
CA VAL A 101 5.41 5.21 -2.10
C VAL A 101 6.00 6.61 -2.40
N PRO A 102 5.20 7.65 -2.44
CA PRO A 102 5.73 9.03 -2.73
C PRO A 102 6.34 9.73 -1.51
N ASP A 103 6.61 11.00 -1.68
CA ASP A 103 7.18 11.83 -0.57
C ASP A 103 6.01 12.48 0.18
N ARG A 104 4.85 12.47 -0.43
CA ARG A 104 3.64 13.07 0.20
C ARG A 104 2.59 11.97 0.31
N GLN A 105 2.29 11.52 1.51
CA GLN A 105 1.28 10.44 1.68
C GLN A 105 0.17 10.94 2.61
N TRP A 106 0.45 12.01 3.33
CA TRP A 106 -0.56 12.57 4.29
C TRP A 106 -1.95 12.56 3.66
FE1 FES B . -5.55 4.13 7.53
FE2 FES B . -4.76 2.70 5.43
S1 FES B . -6.67 3.75 5.67
S2 FES B . -3.61 3.12 7.26
N SER A 1 5.07 -14.17 -0.11
CA SER A 1 5.21 -13.59 -1.48
C SER A 1 6.31 -12.52 -1.47
N LYS A 2 6.87 -12.20 -2.60
CA LYS A 2 7.93 -11.17 -2.62
C LYS A 2 7.24 -9.82 -2.72
N VAL A 3 7.49 -8.94 -1.80
CA VAL A 3 6.83 -7.61 -1.83
C VAL A 3 7.90 -6.54 -1.92
N VAL A 4 7.81 -5.66 -2.88
CA VAL A 4 8.83 -4.58 -2.99
C VAL A 4 8.18 -3.22 -2.72
N TYR A 5 8.79 -2.46 -1.87
CA TYR A 5 8.32 -1.09 -1.54
C TYR A 5 9.31 -0.11 -2.14
N VAL A 6 8.87 0.75 -3.02
CA VAL A 6 9.80 1.77 -3.62
C VAL A 6 9.54 3.09 -2.91
N SER A 7 10.49 3.54 -2.16
CA SER A 7 10.31 4.78 -1.39
C SER A 7 10.33 6.00 -2.32
N HIS A 8 10.18 7.16 -1.74
CA HIS A 8 10.20 8.40 -2.54
C HIS A 8 11.66 8.72 -2.88
N ASP A 9 12.54 8.57 -1.92
CA ASP A 9 13.97 8.87 -2.18
C ASP A 9 14.57 7.85 -3.17
N GLY A 10 13.81 6.83 -3.55
CA GLY A 10 14.35 5.82 -4.51
C GLY A 10 14.81 4.54 -3.80
N THR A 11 14.94 4.58 -2.49
CA THR A 11 15.40 3.36 -1.77
C THR A 11 14.33 2.27 -1.82
N ARG A 12 14.71 1.09 -2.21
CA ARG A 12 13.74 -0.05 -2.30
C ARG A 12 13.86 -0.95 -1.08
N ARG A 13 12.75 -1.32 -0.47
CA ARG A 13 12.77 -2.22 0.70
C ARG A 13 11.87 -3.40 0.35
N GLU A 14 12.40 -4.59 0.29
CA GLU A 14 11.57 -5.77 -0.09
C GLU A 14 11.27 -6.65 1.15
N LEU A 15 10.01 -7.00 1.37
CA LEU A 15 9.64 -7.87 2.53
C LEU A 15 8.92 -9.12 2.04
N ASP A 16 8.74 -10.03 2.93
CA ASP A 16 7.96 -11.25 2.64
C ASP A 16 6.63 -11.02 3.35
N VAL A 17 5.54 -10.90 2.63
CA VAL A 17 4.20 -10.67 3.29
C VAL A 17 3.39 -11.96 3.13
N ALA A 18 2.99 -12.56 4.22
CA ALA A 18 2.24 -13.85 4.16
C ALA A 18 0.86 -13.64 3.52
N ASP A 19 0.31 -14.72 3.03
CA ASP A 19 -1.02 -14.66 2.39
C ASP A 19 -2.05 -14.12 3.37
N GLY A 20 -2.92 -13.29 2.88
CA GLY A 20 -3.98 -12.71 3.75
C GLY A 20 -3.43 -11.57 4.62
N VAL A 21 -2.18 -11.22 4.51
CA VAL A 21 -1.66 -10.11 5.37
C VAL A 21 -1.82 -8.79 4.62
N SER A 22 -2.00 -7.71 5.30
CA SER A 22 -2.13 -6.41 4.60
C SER A 22 -0.73 -5.82 4.39
N LEU A 23 -0.47 -5.27 3.23
CA LEU A 23 0.88 -4.68 2.98
C LEU A 23 1.27 -3.80 4.17
N MET A 24 0.33 -3.10 4.72
CA MET A 24 0.63 -2.23 5.88
C MET A 24 1.07 -3.10 7.06
N GLN A 25 0.41 -4.21 7.28
CA GLN A 25 0.79 -5.07 8.44
C GLN A 25 2.27 -5.42 8.36
N ALA A 26 2.71 -6.02 7.29
CA ALA A 26 4.16 -6.37 7.19
C ALA A 26 5.03 -5.11 7.14
N ALA A 27 4.52 -4.01 6.68
CA ALA A 27 5.35 -2.78 6.62
C ALA A 27 5.69 -2.30 8.03
N VAL A 28 4.72 -2.25 8.91
CA VAL A 28 4.98 -1.79 10.30
C VAL A 28 5.89 -2.80 11.02
N SER A 29 5.94 -4.00 10.56
CA SER A 29 6.78 -5.05 11.21
C SER A 29 8.20 -4.94 10.67
N ASN A 30 8.37 -4.31 9.54
CA ASN A 30 9.70 -4.12 8.95
C ASN A 30 10.12 -2.68 9.17
N GLY A 31 9.51 -2.01 10.11
CA GLY A 31 9.91 -0.60 10.41
C GLY A 31 9.75 0.27 9.16
N ILE A 32 8.64 0.18 8.48
CA ILE A 32 8.44 1.00 7.23
C ILE A 32 7.21 1.90 7.35
N TYR A 33 6.13 1.41 7.92
CA TYR A 33 4.90 2.26 8.05
C TYR A 33 4.78 2.85 9.48
N ASP A 34 5.71 2.60 10.36
CA ASP A 34 5.57 3.16 11.74
C ASP A 34 5.75 4.68 11.71
N ILE A 35 6.93 5.12 11.34
CA ILE A 35 7.25 6.59 11.29
C ILE A 35 5.99 7.44 11.07
N VAL A 36 5.07 6.98 10.26
CA VAL A 36 3.81 7.74 10.03
C VAL A 36 2.63 6.75 10.02
N GLY A 37 1.68 6.90 10.90
CA GLY A 37 0.51 5.96 10.95
C GLY A 37 -0.70 6.69 11.54
N ASP A 38 -1.62 7.12 10.71
CA ASP A 38 -2.81 7.86 11.22
C ASP A 38 -3.82 6.90 11.87
N CYS A 39 -4.56 6.16 11.09
CA CYS A 39 -5.59 5.25 11.69
C CYS A 39 -4.98 3.89 12.05
N GLY A 40 -3.74 3.68 11.74
CA GLY A 40 -3.10 2.37 12.07
C GLY A 40 -3.66 1.28 11.16
N GLY A 41 -4.34 1.66 10.11
CA GLY A 41 -4.90 0.65 9.16
C GLY A 41 -6.35 0.31 9.52
N SER A 42 -7.03 1.20 10.18
CA SER A 42 -8.45 0.92 10.55
C SER A 42 -9.35 1.42 9.42
N ALA A 43 -8.80 1.60 8.25
CA ALA A 43 -9.61 2.08 7.10
C ALA A 43 -10.33 3.38 7.48
N SER A 44 -9.61 4.39 7.86
CA SER A 44 -10.26 5.67 8.25
C SER A 44 -9.33 6.86 7.94
N CYS A 45 -8.45 6.72 6.99
CA CYS A 45 -7.55 7.85 6.67
C CYS A 45 -6.94 7.66 5.27
N ALA A 46 -5.91 8.43 4.97
CA ALA A 46 -5.25 8.33 3.63
C ALA A 46 -3.75 8.16 3.83
N THR A 47 -3.31 8.03 5.06
CA THR A 47 -1.84 7.88 5.31
C THR A 47 -1.30 6.70 4.47
N CYS A 48 -2.18 5.84 4.04
CA CYS A 48 -1.72 4.67 3.23
C CYS A 48 -1.83 4.99 1.73
N HIS A 49 -1.58 6.22 1.36
CA HIS A 49 -1.63 6.63 -0.07
C HIS A 49 -0.37 6.11 -0.77
N VAL A 50 -0.48 5.11 -1.60
CA VAL A 50 0.73 4.58 -2.32
C VAL A 50 0.34 4.21 -3.73
N TYR A 51 1.29 3.87 -4.58
CA TYR A 51 0.99 3.51 -5.97
C TYR A 51 1.42 2.06 -6.23
N VAL A 52 0.45 1.23 -6.49
CA VAL A 52 0.71 -0.22 -6.75
C VAL A 52 0.88 -0.44 -8.25
N ASN A 53 1.89 -1.15 -8.66
CA ASN A 53 2.07 -1.40 -10.10
C ASN A 53 0.76 -1.94 -10.67
N GLU A 54 0.16 -1.22 -11.57
CA GLU A 54 -1.16 -1.63 -12.14
C GLU A 54 -1.16 -3.11 -12.57
N ALA A 55 -0.07 -3.81 -12.43
CA ALA A 55 -0.04 -5.23 -12.86
C ALA A 55 -0.52 -6.15 -11.72
N PHE A 56 -0.63 -5.65 -10.50
CA PHE A 56 -1.08 -6.51 -9.36
C PHE A 56 -2.39 -5.93 -8.82
N THR A 57 -2.75 -4.77 -9.30
CA THR A 57 -4.01 -4.10 -8.83
C THR A 57 -5.23 -4.86 -9.35
N ASP A 58 -5.18 -5.32 -10.58
CA ASP A 58 -6.34 -6.05 -11.15
C ASP A 58 -6.25 -7.51 -10.74
N LYS A 59 -5.22 -7.84 -10.03
CA LYS A 59 -5.03 -9.24 -9.56
C LYS A 59 -5.48 -9.33 -8.10
N VAL A 60 -5.02 -8.41 -7.30
CA VAL A 60 -5.38 -8.39 -5.85
C VAL A 60 -6.80 -7.78 -5.74
N PRO A 61 -7.53 -8.12 -4.70
CA PRO A 61 -8.93 -7.64 -4.52
C PRO A 61 -9.10 -6.12 -4.73
N ALA A 62 -9.86 -5.76 -5.73
CA ALA A 62 -10.10 -4.34 -6.04
C ALA A 62 -10.51 -3.59 -4.78
N ALA A 63 -10.14 -2.35 -4.77
CA ALA A 63 -10.45 -1.47 -3.60
C ALA A 63 -11.97 -1.25 -3.47
N ASN A 64 -12.49 -1.35 -2.27
CA ASN A 64 -13.96 -1.18 -2.06
C ASN A 64 -14.36 0.30 -2.16
N GLU A 65 -15.63 0.55 -2.26
CA GLU A 65 -16.13 1.94 -2.41
C GLU A 65 -15.77 2.81 -1.20
N ARG A 66 -15.38 2.24 -0.10
CA ARG A 66 -15.01 3.08 1.05
C ARG A 66 -13.63 3.68 0.79
N GLU A 67 -12.78 2.92 0.15
CA GLU A 67 -11.40 3.42 -0.15
C GLU A 67 -11.47 4.52 -1.19
N ILE A 68 -12.31 4.36 -2.18
CA ILE A 68 -12.43 5.40 -3.24
C ILE A 68 -12.75 6.75 -2.58
N GLY A 69 -13.47 6.72 -1.48
CA GLY A 69 -13.82 7.99 -0.79
C GLY A 69 -12.63 8.51 0.02
N MET A 70 -11.82 7.64 0.57
CA MET A 70 -10.63 8.12 1.34
C MET A 70 -9.53 8.46 0.33
N LEU A 71 -9.49 7.73 -0.76
CA LEU A 71 -8.46 8.00 -1.80
C LEU A 71 -8.67 9.41 -2.35
N GLU A 72 -9.88 9.90 -2.36
CA GLU A 72 -10.12 11.27 -2.87
C GLU A 72 -9.68 12.26 -1.78
N CYS A 73 -9.28 11.74 -0.65
CA CYS A 73 -8.84 12.60 0.49
C CYS A 73 -7.32 12.58 0.66
N VAL A 74 -6.57 12.11 -0.31
CA VAL A 74 -5.08 12.06 -0.16
C VAL A 74 -4.43 13.43 -0.39
N THR A 75 -3.20 13.59 0.04
CA THR A 75 -2.49 14.89 -0.13
C THR A 75 -1.76 14.94 -1.49
N ALA A 76 -1.31 13.83 -2.03
CA ALA A 76 -0.56 13.90 -3.32
C ALA A 76 -1.50 13.63 -4.51
N GLU A 77 -0.97 13.61 -5.71
CA GLU A 77 -1.80 13.38 -6.93
C GLU A 77 -2.32 11.93 -6.96
N LEU A 78 -3.60 11.74 -7.04
CA LEU A 78 -4.13 10.35 -7.09
C LEU A 78 -3.92 9.77 -8.48
N LYS A 79 -3.81 8.48 -8.52
CA LYS A 79 -3.59 7.76 -9.79
C LYS A 79 -4.83 6.93 -10.10
N PRO A 80 -5.06 6.57 -11.32
CA PRO A 80 -6.23 5.75 -11.69
C PRO A 80 -6.15 4.40 -10.95
N ASN A 81 -4.95 3.93 -10.72
CA ASN A 81 -4.76 2.63 -10.00
C ASN A 81 -4.23 2.90 -8.57
N SER A 82 -4.44 4.06 -8.02
CA SER A 82 -3.95 4.33 -6.65
C SER A 82 -4.69 3.42 -5.67
N ARG A 83 -4.04 3.02 -4.62
CA ARG A 83 -4.68 2.07 -3.63
C ARG A 83 -4.35 2.49 -2.20
N LEU A 84 -4.88 1.74 -1.25
CA LEU A 84 -4.62 2.01 0.19
C LEU A 84 -3.84 0.81 0.76
N CYS A 85 -2.62 1.05 1.15
CA CYS A 85 -1.73 -0.03 1.68
C CYS A 85 -2.41 -0.87 2.79
N CYS A 86 -3.26 -0.28 3.59
CA CYS A 86 -3.89 -1.08 4.71
C CYS A 86 -5.12 -1.86 4.24
N GLN A 87 -5.31 -2.03 2.94
CA GLN A 87 -6.52 -2.80 2.47
C GLN A 87 -6.13 -3.74 1.30
N ILE A 88 -4.86 -4.01 1.14
CA ILE A 88 -4.40 -4.95 0.05
C ILE A 88 -3.82 -6.23 0.65
N ILE A 89 -4.32 -7.37 0.23
CA ILE A 89 -3.85 -8.69 0.77
C ILE A 89 -2.82 -9.33 -0.19
N MET A 90 -1.63 -9.55 0.28
CA MET A 90 -0.60 -10.17 -0.58
C MET A 90 -0.84 -11.66 -0.69
N THR A 91 -0.29 -12.27 -1.71
CA THR A 91 -0.43 -13.75 -1.89
C THR A 91 0.80 -14.26 -2.63
N PRO A 92 1.21 -15.48 -2.39
CA PRO A 92 2.42 -16.05 -3.04
C PRO A 92 2.31 -15.99 -4.57
N GLU A 93 1.17 -16.34 -5.10
CA GLU A 93 1.00 -16.31 -6.57
C GLU A 93 1.33 -14.91 -7.10
N LEU A 94 0.94 -13.89 -6.36
CA LEU A 94 1.21 -12.50 -6.84
C LEU A 94 2.59 -12.03 -6.36
N ASP A 95 3.46 -12.94 -6.02
CA ASP A 95 4.81 -12.54 -5.55
C ASP A 95 5.51 -11.67 -6.62
N GLY A 96 6.22 -10.67 -6.19
CA GLY A 96 6.97 -9.77 -7.15
C GLY A 96 6.29 -8.40 -7.24
N ILE A 97 5.23 -8.24 -6.52
CA ILE A 97 4.44 -6.96 -6.56
C ILE A 97 5.31 -5.75 -6.29
N VAL A 98 5.20 -4.72 -7.12
CA VAL A 98 6.01 -3.48 -6.90
C VAL A 98 5.11 -2.36 -6.37
N VAL A 99 5.39 -1.86 -5.18
CA VAL A 99 4.55 -0.79 -4.57
C VAL A 99 5.33 0.53 -4.59
N ASP A 100 4.73 1.57 -5.08
CA ASP A 100 5.42 2.90 -5.15
C ASP A 100 4.84 3.81 -4.06
N VAL A 101 5.69 4.25 -3.18
CA VAL A 101 5.25 5.15 -2.06
C VAL A 101 5.47 6.61 -2.48
N PRO A 102 4.69 7.58 -2.00
CA PRO A 102 4.84 8.99 -2.39
C PRO A 102 5.62 9.84 -1.37
N ASP A 103 5.79 11.09 -1.65
CA ASP A 103 6.52 12.00 -0.71
C ASP A 103 5.50 12.53 0.29
N ARG A 104 4.24 12.51 -0.05
CA ARG A 104 3.18 13.03 0.85
C ARG A 104 2.06 11.98 0.90
N GLN A 105 1.75 11.47 2.06
CA GLN A 105 0.67 10.46 2.16
C GLN A 105 -0.29 10.92 3.28
N TRP A 106 0.22 11.65 4.23
CA TRP A 106 -0.63 12.14 5.35
C TRP A 106 -1.89 12.79 4.75
FE1 FES B . -5.59 4.63 7.52
FE2 FES B . -5.23 2.99 5.36
S1 FES B . -7.03 4.13 5.93
S2 FES B . -3.83 3.40 7.01
#